data_7XIJ
# 
_entry.id   7XIJ 
# 
_audit_conform.dict_name       mmcif_pdbx.dic 
_audit_conform.dict_version    5.380 
_audit_conform.dict_location   http://mmcif.pdb.org/dictionaries/ascii/mmcif_pdbx.dic 
# 
loop_
_database_2.database_id 
_database_2.database_code 
_database_2.pdbx_database_accession 
_database_2.pdbx_DOI 
PDB   7XIJ         pdb_00007xij 10.2210/pdb7xij/pdb 
WWPDB D_1300028899 ?            ?                   
# 
_pdbx_database_status.status_code                     REL 
_pdbx_database_status.status_code_sf                  REL 
_pdbx_database_status.status_code_mr                  ? 
_pdbx_database_status.entry_id                        7XIJ 
_pdbx_database_status.recvd_initial_deposition_date   2022-04-13 
_pdbx_database_status.SG_entry                        N 
_pdbx_database_status.deposit_site                    PDBJ 
_pdbx_database_status.process_site                    PDBJ 
_pdbx_database_status.status_code_cs                  ? 
_pdbx_database_status.status_code_nmr_data            ? 
_pdbx_database_status.methods_development_category    ? 
_pdbx_database_status.pdb_format_compatible           Y 
# 
loop_
_audit_author.name 
_audit_author.pdbx_ordinal 
_audit_author.identifier_ORCID 
'Xiang, Q.' 1 ? 
'Wang, C.'  2 ? 
'Wu, T.'    3 ? 
'Zhang, Y.' 4 ? 
'Zhang, C.' 5 ? 
'Luo, G.'   6 ? 
'Wu, X.'    7 ? 
'Shen, H.'  8 ? 
'Xu, Y.'    9 ? 
# 
_citation.abstract                  ? 
_citation.abstract_id_CAS           ? 
_citation.book_id_ISBN              ? 
_citation.book_publisher            ? 
_citation.book_publisher_city       ? 
_citation.book_title                ? 
_citation.coordinate_linkage        ? 
_citation.country                   ? 
_citation.database_id_Medline       ? 
_citation.details                   ? 
_citation.id                        primary 
_citation.journal_abbrev            'To Be Published' 
_citation.journal_id_ASTM           ? 
_citation.journal_id_CSD            0353 
_citation.journal_id_ISSN           ? 
_citation.journal_full              ? 
_citation.journal_issue             ? 
_citation.journal_volume            ? 
_citation.language                  ? 
_citation.page_first                ? 
_citation.page_last                 ? 
_citation.title                     'Crystal structure of CBP bromodomain liganded with Y08175' 
_citation.year                      ? 
_citation.database_id_CSD           ? 
_citation.pdbx_database_id_DOI      ? 
_citation.pdbx_database_id_PubMed   ? 
_citation.pdbx_database_id_patent   ? 
_citation.unpublished_flag          ? 
# 
loop_
_citation_author.citation_id 
_citation_author.name 
_citation_author.ordinal 
_citation_author.identifier_ORCID 
primary 'Xiang, Q.' 1 ? 
primary 'Wang, C.'  2 ? 
primary 'Wu, T.'    3 ? 
primary 'Zhang, Y.' 4 ? 
primary 'Zhang, C.' 5 ? 
primary 'Luo, G.'   6 ? 
primary 'Wu, X.'    7 ? 
primary 'Shen, H.'  8 ? 
primary 'Xu, Y.'    9 ? 
# 
_cell.angle_alpha                  90.000 
_cell.angle_alpha_esd              ? 
_cell.angle_beta                   90.000 
_cell.angle_beta_esd               ? 
_cell.angle_gamma                  120.000 
_cell.angle_gamma_esd              ? 
_cell.entry_id                     7XIJ 
_cell.details                      ? 
_cell.formula_units_Z              ? 
_cell.length_a                     56.890 
_cell.length_a_esd                 ? 
_cell.length_b                     56.890 
_cell.length_b_esd                 ? 
_cell.length_c                     80.620 
_cell.length_c_esd                 ? 
_cell.volume                       ? 
_cell.volume_esd                   ? 
_cell.Z_PDB                        6 
_cell.reciprocal_angle_alpha       ? 
_cell.reciprocal_angle_beta        ? 
_cell.reciprocal_angle_gamma       ? 
_cell.reciprocal_angle_alpha_esd   ? 
_cell.reciprocal_angle_beta_esd    ? 
_cell.reciprocal_angle_gamma_esd   ? 
_cell.reciprocal_length_a          ? 
_cell.reciprocal_length_b          ? 
_cell.reciprocal_length_c          ? 
_cell.reciprocal_length_a_esd      ? 
_cell.reciprocal_length_b_esd      ? 
_cell.reciprocal_length_c_esd      ? 
_cell.pdbx_unique_axis             ? 
# 
_symmetry.entry_id                         7XIJ 
_symmetry.cell_setting                     ? 
_symmetry.Int_Tables_number                152 
_symmetry.space_group_name_Hall            ? 
_symmetry.space_group_name_H-M             'P 31 2 1' 
_symmetry.pdbx_full_space_group_name_H-M   ? 
# 
loop_
_entity.id 
_entity.type 
_entity.src_method 
_entity.pdbx_description 
_entity.formula_weight 
_entity.pdbx_number_of_molecules 
_entity.pdbx_ec 
_entity.pdbx_mutation 
_entity.pdbx_fragment 
_entity.details 
1 polymer     man 'Isoform 2 of CREB-binding protein'                                                                   16276.603 
1  2.3.1.48,2.3.1.- ? ? ? 
2 non-polymer syn '3-[(1-ethanoyl-5-methoxy-indol-3-yl)carbonylamino]-4-fluoranyl-5-(1-methylpyrazol-4-yl)benzoic acid' 450.419   
1  ?                ? ? ? 
3 non-polymer syn 'DIMETHYL SULFOXIDE'                                                                                  78.133    
1  ?                ? ? ? 
4 non-polymer syn GLYCEROL                                                                                              92.094    
2  ?                ? ? ? 
5 water       nat water                                                                                                 18.015    
93 ?                ? ? ? 
# 
_entity_name_com.entity_id   1 
_entity_name_com.name        'Histone lysine acetyltransferase CREBBP,Protein-lysine acetyltransferase CREBBP' 
# 
_entity_poly.entity_id                      1 
_entity_poly.type                           'polypeptide(L)' 
_entity_poly.nstd_linkage                   no 
_entity_poly.nstd_monomer                   no 
_entity_poly.pdbx_seq_one_letter_code       
;MKKGHHHHHHENLYFQGGSRKKIFKPEELRQALMPTLEALYRQDPESLPFRQPVDPQLLGIPDYFDIVKNPMDLSTIKRK
LDTGQYQEPWQYVDDVWLMFNNAWLYNRKTSRVYKFCSKLAEVFEQEIDPVMQSLG
;
_entity_poly.pdbx_seq_one_letter_code_can   
;MKKGHHHHHHENLYFQGGSRKKIFKPEELRQALMPTLEALYRQDPESLPFRQPVDPQLLGIPDYFDIVKNPMDLSTIKRK
LDTGQYQEPWQYVDDVWLMFNNAWLYNRKTSRVYKFCSKLAEVFEQEIDPVMQSLG
;
_entity_poly.pdbx_strand_id                 A 
_entity_poly.pdbx_target_identifier         ? 
# 
loop_
_entity_poly_seq.entity_id 
_entity_poly_seq.num 
_entity_poly_seq.mon_id 
_entity_poly_seq.hetero 
1 1   MET n 
1 2   LYS n 
1 3   LYS n 
1 4   GLY n 
1 5   HIS n 
1 6   HIS n 
1 7   HIS n 
1 8   HIS n 
1 9   HIS n 
1 10  HIS n 
1 11  GLU n 
1 12  ASN n 
1 13  LEU n 
1 14  TYR n 
1 15  PHE n 
1 16  GLN n 
1 17  GLY n 
1 18  GLY n 
1 19  SER n 
1 20  ARG n 
1 21  LYS n 
1 22  LYS n 
1 23  ILE n 
1 24  PHE n 
1 25  LYS n 
1 26  PRO n 
1 27  GLU n 
1 28  GLU n 
1 29  LEU n 
1 30  ARG n 
1 31  GLN n 
1 32  ALA n 
1 33  LEU n 
1 34  MET n 
1 35  PRO n 
1 36  THR n 
1 37  LEU n 
1 38  GLU n 
1 39  ALA n 
1 40  LEU n 
1 41  TYR n 
1 42  ARG n 
1 43  GLN n 
1 44  ASP n 
1 45  PRO n 
1 46  GLU n 
1 47  SER n 
1 48  LEU n 
1 49  PRO n 
1 50  PHE n 
1 51  ARG n 
1 52  GLN n 
1 53  PRO n 
1 54  VAL n 
1 55  ASP n 
1 56  PRO n 
1 57  GLN n 
1 58  LEU n 
1 59  LEU n 
1 60  GLY n 
1 61  ILE n 
1 62  PRO n 
1 63  ASP n 
1 64  TYR n 
1 65  PHE n 
1 66  ASP n 
1 67  ILE n 
1 68  VAL n 
1 69  LYS n 
1 70  ASN n 
1 71  PRO n 
1 72  MET n 
1 73  ASP n 
1 74  LEU n 
1 75  SER n 
1 76  THR n 
1 77  ILE n 
1 78  LYS n 
1 79  ARG n 
1 80  LYS n 
1 81  LEU n 
1 82  ASP n 
1 83  THR n 
1 84  GLY n 
1 85  GLN n 
1 86  TYR n 
1 87  GLN n 
1 88  GLU n 
1 89  PRO n 
1 90  TRP n 
1 91  GLN n 
1 92  TYR n 
1 93  VAL n 
1 94  ASP n 
1 95  ASP n 
1 96  VAL n 
1 97  TRP n 
1 98  LEU n 
1 99  MET n 
1 100 PHE n 
1 101 ASN n 
1 102 ASN n 
1 103 ALA n 
1 104 TRP n 
1 105 LEU n 
1 106 TYR n 
1 107 ASN n 
1 108 ARG n 
1 109 LYS n 
1 110 THR n 
1 111 SER n 
1 112 ARG n 
1 113 VAL n 
1 114 TYR n 
1 115 LYS n 
1 116 PHE n 
1 117 CYS n 
1 118 SER n 
1 119 LYS n 
1 120 LEU n 
1 121 ALA n 
1 122 GLU n 
1 123 VAL n 
1 124 PHE n 
1 125 GLU n 
1 126 GLN n 
1 127 GLU n 
1 128 ILE n 
1 129 ASP n 
1 130 PRO n 
1 131 VAL n 
1 132 MET n 
1 133 GLN n 
1 134 SER n 
1 135 LEU n 
1 136 GLY n 
# 
_entity_src_gen.entity_id                          1 
_entity_src_gen.pdbx_src_id                        1 
_entity_src_gen.pdbx_alt_source_flag               sample 
_entity_src_gen.pdbx_seq_type                      'Biological sequence' 
_entity_src_gen.pdbx_beg_seq_num                   1 
_entity_src_gen.pdbx_end_seq_num                   136 
_entity_src_gen.gene_src_common_name               human 
_entity_src_gen.gene_src_genus                     ? 
_entity_src_gen.pdbx_gene_src_gene                 'CREBBP, CBP' 
_entity_src_gen.gene_src_species                   ? 
_entity_src_gen.gene_src_strain                    ? 
_entity_src_gen.gene_src_tissue                    ? 
_entity_src_gen.gene_src_tissue_fraction           ? 
_entity_src_gen.gene_src_details                   ? 
_entity_src_gen.pdbx_gene_src_fragment             ? 
_entity_src_gen.pdbx_gene_src_scientific_name      'Homo sapiens' 
_entity_src_gen.pdbx_gene_src_ncbi_taxonomy_id     9606 
_entity_src_gen.pdbx_gene_src_variant              ? 
_entity_src_gen.pdbx_gene_src_cell_line            ? 
_entity_src_gen.pdbx_gene_src_atcc                 ? 
_entity_src_gen.pdbx_gene_src_organ                ? 
_entity_src_gen.pdbx_gene_src_organelle            ? 
_entity_src_gen.pdbx_gene_src_cell                 ? 
_entity_src_gen.pdbx_gene_src_cellular_location    ? 
_entity_src_gen.host_org_common_name               ? 
_entity_src_gen.pdbx_host_org_scientific_name      'Escherichia coli' 
_entity_src_gen.pdbx_host_org_ncbi_taxonomy_id     562 
_entity_src_gen.host_org_genus                     ? 
_entity_src_gen.pdbx_host_org_gene                 ? 
_entity_src_gen.pdbx_host_org_organ                ? 
_entity_src_gen.host_org_species                   ? 
_entity_src_gen.pdbx_host_org_tissue               ? 
_entity_src_gen.pdbx_host_org_tissue_fraction      ? 
_entity_src_gen.pdbx_host_org_strain               ? 
_entity_src_gen.pdbx_host_org_variant              ? 
_entity_src_gen.pdbx_host_org_cell_line            ? 
_entity_src_gen.pdbx_host_org_atcc                 ? 
_entity_src_gen.pdbx_host_org_culture_collection   ? 
_entity_src_gen.pdbx_host_org_cell                 ? 
_entity_src_gen.pdbx_host_org_organelle            ? 
_entity_src_gen.pdbx_host_org_cellular_location    ? 
_entity_src_gen.pdbx_host_org_vector_type          ? 
_entity_src_gen.pdbx_host_org_vector               ? 
_entity_src_gen.host_org_details                   ? 
_entity_src_gen.expression_system_id               ? 
_entity_src_gen.plasmid_name                       ? 
_entity_src_gen.plasmid_details                    ? 
_entity_src_gen.pdbx_description                   ? 
# 
_struct_ref.id                         1 
_struct_ref.db_name                    UNP 
_struct_ref.db_code                    CBP_HUMAN 
_struct_ref.pdbx_db_accession          Q92793 
_struct_ref.pdbx_db_isoform            Q92793-2 
_struct_ref.entity_id                  1 
_struct_ref.pdbx_seq_one_letter_code   
;RKKIFKPEELRQALMPTLEALYRQDPESLPFRQPVDPQLLGIPDYFDIVKNPMDLSTIKRKLDTGQYQEPWQYVDDVWLM
FNNAWLYNRKTSRVYKFCSKLAEVFEQEIDPVMQSLG
;
_struct_ref.pdbx_align_begin           1043 
# 
_struct_ref_seq.align_id                      1 
_struct_ref_seq.ref_id                        1 
_struct_ref_seq.pdbx_PDB_id_code              7XIJ 
_struct_ref_seq.pdbx_strand_id                A 
_struct_ref_seq.seq_align_beg                 20 
_struct_ref_seq.pdbx_seq_align_beg_ins_code   ? 
_struct_ref_seq.seq_align_end                 136 
_struct_ref_seq.pdbx_seq_align_end_ins_code   ? 
_struct_ref_seq.pdbx_db_accession             Q92793 
_struct_ref_seq.db_align_beg                  1043 
_struct_ref_seq.pdbx_db_align_beg_ins_code    ? 
_struct_ref_seq.db_align_end                  1159 
_struct_ref_seq.pdbx_db_align_end_ins_code    ? 
_struct_ref_seq.pdbx_auth_seq_align_beg       1081 
_struct_ref_seq.pdbx_auth_seq_align_end       1197 
# 
loop_
_struct_ref_seq_dif.align_id 
_struct_ref_seq_dif.pdbx_pdb_id_code 
_struct_ref_seq_dif.mon_id 
_struct_ref_seq_dif.pdbx_pdb_strand_id 
_struct_ref_seq_dif.seq_num 
_struct_ref_seq_dif.pdbx_pdb_ins_code 
_struct_ref_seq_dif.pdbx_seq_db_name 
_struct_ref_seq_dif.pdbx_seq_db_accession_code 
_struct_ref_seq_dif.db_mon_id 
_struct_ref_seq_dif.pdbx_seq_db_seq_num 
_struct_ref_seq_dif.details 
_struct_ref_seq_dif.pdbx_auth_seq_num 
_struct_ref_seq_dif.pdbx_ordinal 
1 7XIJ MET A 1  ? UNP Q92793 ? ? 'initiating methionine' 1062 1  
1 7XIJ LYS A 2  ? UNP Q92793 ? ? 'expression tag'        1063 2  
1 7XIJ LYS A 3  ? UNP Q92793 ? ? 'expression tag'        1064 3  
1 7XIJ GLY A 4  ? UNP Q92793 ? ? 'expression tag'        1065 4  
1 7XIJ HIS A 5  ? UNP Q92793 ? ? 'expression tag'        1066 5  
1 7XIJ HIS A 6  ? UNP Q92793 ? ? 'expression tag'        1067 6  
1 7XIJ HIS A 7  ? UNP Q92793 ? ? 'expression tag'        1068 7  
1 7XIJ HIS A 8  ? UNP Q92793 ? ? 'expression tag'        1069 8  
1 7XIJ HIS A 9  ? UNP Q92793 ? ? 'expression tag'        1070 9  
1 7XIJ HIS A 10 ? UNP Q92793 ? ? 'expression tag'        1071 10 
1 7XIJ GLU A 11 ? UNP Q92793 ? ? 'expression tag'        1072 11 
1 7XIJ ASN A 12 ? UNP Q92793 ? ? 'expression tag'        1073 12 
1 7XIJ LEU A 13 ? UNP Q92793 ? ? 'expression tag'        1074 13 
1 7XIJ TYR A 14 ? UNP Q92793 ? ? 'expression tag'        1075 14 
1 7XIJ PHE A 15 ? UNP Q92793 ? ? 'expression tag'        1076 15 
1 7XIJ GLN A 16 ? UNP Q92793 ? ? 'expression tag'        1077 16 
1 7XIJ GLY A 17 ? UNP Q92793 ? ? 'expression tag'        1078 17 
1 7XIJ GLY A 18 ? UNP Q92793 ? ? 'expression tag'        1079 18 
1 7XIJ SER A 19 ? UNP Q92793 ? ? 'expression tag'        1080 19 
# 
loop_
_chem_comp.id 
_chem_comp.type 
_chem_comp.mon_nstd_flag 
_chem_comp.name 
_chem_comp.pdbx_synonyms 
_chem_comp.formula 
_chem_comp.formula_weight 
ALA 'L-peptide linking' y ALANINE                                                                                               ? 
'C3 H7 N O2'      89.093  
ARG 'L-peptide linking' y ARGININE                                                                                              ? 
'C6 H15 N4 O2 1'  175.209 
ASN 'L-peptide linking' y ASPARAGINE                                                                                            ? 
'C4 H8 N2 O3'     132.118 
ASP 'L-peptide linking' y 'ASPARTIC ACID'                                                                                       ? 
'C4 H7 N O4'      133.103 
CYS 'L-peptide linking' y CYSTEINE                                                                                              ? 
'C3 H7 N O2 S'    121.158 
DMS non-polymer         . 'DIMETHYL SULFOXIDE'                                                                                  ? 
'C2 H6 O S'       78.133  
EJ3 non-polymer         . '3-[(1-ethanoyl-5-methoxy-indol-3-yl)carbonylamino]-4-fluoranyl-5-(1-methylpyrazol-4-yl)benzoic acid' ? 
'C23 H19 F N4 O5' 450.419 
GLN 'L-peptide linking' y GLUTAMINE                                                                                             ? 
'C5 H10 N2 O3'    146.144 
GLU 'L-peptide linking' y 'GLUTAMIC ACID'                                                                                       ? 
'C5 H9 N O4'      147.129 
GLY 'peptide linking'   y GLYCINE                                                                                               ? 
'C2 H5 N O2'      75.067  
GOL non-polymer         . GLYCEROL                                                                                              
'GLYCERIN; PROPANE-1,2,3-TRIOL' 'C3 H8 O3'        92.094  
HIS 'L-peptide linking' y HISTIDINE                                                                                             ? 
'C6 H10 N3 O2 1'  156.162 
HOH non-polymer         . WATER                                                                                                 ? 
'H2 O'            18.015  
ILE 'L-peptide linking' y ISOLEUCINE                                                                                            ? 
'C6 H13 N O2'     131.173 
LEU 'L-peptide linking' y LEUCINE                                                                                               ? 
'C6 H13 N O2'     131.173 
LYS 'L-peptide linking' y LYSINE                                                                                                ? 
'C6 H15 N2 O2 1'  147.195 
MET 'L-peptide linking' y METHIONINE                                                                                            ? 
'C5 H11 N O2 S'   149.211 
PHE 'L-peptide linking' y PHENYLALANINE                                                                                         ? 
'C9 H11 N O2'     165.189 
PRO 'L-peptide linking' y PROLINE                                                                                               ? 
'C5 H9 N O2'      115.130 
SER 'L-peptide linking' y SERINE                                                                                                ? 
'C3 H7 N O3'      105.093 
THR 'L-peptide linking' y THREONINE                                                                                             ? 
'C4 H9 N O3'      119.119 
TRP 'L-peptide linking' y TRYPTOPHAN                                                                                            ? 
'C11 H12 N2 O2'   204.225 
TYR 'L-peptide linking' y TYROSINE                                                                                              ? 
'C9 H11 N O3'     181.189 
VAL 'L-peptide linking' y VALINE                                                                                                ? 
'C5 H11 N O2'     117.146 
# 
_exptl.absorpt_coefficient_mu     ? 
_exptl.absorpt_correction_T_max   ? 
_exptl.absorpt_correction_T_min   ? 
_exptl.absorpt_correction_type    ? 
_exptl.absorpt_process_details    ? 
_exptl.entry_id                   7XIJ 
_exptl.crystals_number            1 
_exptl.details                    ? 
_exptl.method                     'X-RAY DIFFRACTION' 
_exptl.method_details             ? 
# 
_exptl_crystal.colour                      ? 
_exptl_crystal.density_diffrn              ? 
_exptl_crystal.density_Matthews            2.31 
_exptl_crystal.density_method              ? 
_exptl_crystal.density_percent_sol         46.84 
_exptl_crystal.description                 ? 
_exptl_crystal.F_000                       ? 
_exptl_crystal.id                          1 
_exptl_crystal.preparation                 ? 
_exptl_crystal.size_max                    ? 
_exptl_crystal.size_mid                    ? 
_exptl_crystal.size_min                    ? 
_exptl_crystal.size_rad                    ? 
_exptl_crystal.colour_lustre               ? 
_exptl_crystal.colour_modifier             ? 
_exptl_crystal.colour_primary              ? 
_exptl_crystal.density_meas                ? 
_exptl_crystal.density_meas_esd            ? 
_exptl_crystal.density_meas_gt             ? 
_exptl_crystal.density_meas_lt             ? 
_exptl_crystal.density_meas_temp           ? 
_exptl_crystal.density_meas_temp_esd       ? 
_exptl_crystal.density_meas_temp_gt        ? 
_exptl_crystal.density_meas_temp_lt        ? 
_exptl_crystal.pdbx_crystal_image_url      ? 
_exptl_crystal.pdbx_crystal_image_format   ? 
_exptl_crystal.pdbx_mosaicity              ? 
_exptl_crystal.pdbx_mosaicity_esd          ? 
# 
_exptl_crystal_grow.apparatus       ? 
_exptl_crystal_grow.atmosphere      ? 
_exptl_crystal_grow.crystal_id      1 
_exptl_crystal_grow.details         ? 
_exptl_crystal_grow.method          'VAPOR DIFFUSION, SITTING DROP' 
_exptl_crystal_grow.method_ref      ? 
_exptl_crystal_grow.pH              ? 
_exptl_crystal_grow.pressure        ? 
_exptl_crystal_grow.pressure_esd    ? 
_exptl_crystal_grow.seeding         ? 
_exptl_crystal_grow.seeding_ref     ? 
_exptl_crystal_grow.temp            277 
_exptl_crystal_grow.temp_details    ? 
_exptl_crystal_grow.temp_esd        ? 
_exptl_crystal_grow.time            ? 
_exptl_crystal_grow.pdbx_details    '0.2M MgCl2   0.1M  TrsHCl    30% PEG4000 PH7.5' 
_exptl_crystal_grow.pdbx_pH_range   ? 
# 
_diffrn.ambient_environment              ? 
_diffrn.ambient_temp                     197 
_diffrn.ambient_temp_details             ? 
_diffrn.ambient_temp_esd                 ? 
_diffrn.crystal_id                       1 
_diffrn.crystal_support                  ? 
_diffrn.crystal_treatment                ? 
_diffrn.details                          ? 
_diffrn.id                               1 
_diffrn.ambient_pressure                 ? 
_diffrn.ambient_pressure_esd             ? 
_diffrn.ambient_pressure_gt              ? 
_diffrn.ambient_pressure_lt              ? 
_diffrn.ambient_temp_gt                  ? 
_diffrn.ambient_temp_lt                  ? 
_diffrn.pdbx_serial_crystal_experiment   N 
# 
_diffrn_detector.details                      ? 
_diffrn_detector.detector                     PIXEL 
_diffrn_detector.diffrn_id                    1 
_diffrn_detector.type                         'DECTRIS PILATUS3 6M' 
_diffrn_detector.area_resol_mean              ? 
_diffrn_detector.dtime                        ? 
_diffrn_detector.pdbx_frames_total            ? 
_diffrn_detector.pdbx_collection_time_total   ? 
_diffrn_detector.pdbx_collection_date         2018-11-15 
_diffrn_detector.pdbx_frequency               ? 
# 
_diffrn_radiation.collimation                      ? 
_diffrn_radiation.diffrn_id                        1 
_diffrn_radiation.filter_edge                      ? 
_diffrn_radiation.inhomogeneity                    ? 
_diffrn_radiation.monochromator                    ? 
_diffrn_radiation.polarisn_norm                    ? 
_diffrn_radiation.polarisn_ratio                   ? 
_diffrn_radiation.probe                            ? 
_diffrn_radiation.type                             ? 
_diffrn_radiation.xray_symbol                      ? 
_diffrn_radiation.wavelength_id                    1 
_diffrn_radiation.pdbx_monochromatic_or_laue_m_l   M 
_diffrn_radiation.pdbx_wavelength_list             ? 
_diffrn_radiation.pdbx_wavelength                  ? 
_diffrn_radiation.pdbx_diffrn_protocol             'SINGLE WAVELENGTH' 
_diffrn_radiation.pdbx_analyzer                    ? 
_diffrn_radiation.pdbx_scattering_type             x-ray 
# 
_diffrn_radiation_wavelength.id           1 
_diffrn_radiation_wavelength.wavelength   0.97736 
_diffrn_radiation_wavelength.wt           1.0 
# 
_diffrn_source.current                     ? 
_diffrn_source.details                     ? 
_diffrn_source.diffrn_id                   1 
_diffrn_source.power                       ? 
_diffrn_source.size                        ? 
_diffrn_source.source                      SYNCHROTRON 
_diffrn_source.target                      ? 
_diffrn_source.type                        'SSRF BEAMLINE BL18U1' 
_diffrn_source.voltage                     ? 
_diffrn_source.take-off_angle              ? 
_diffrn_source.pdbx_wavelength_list        0.97736 
_diffrn_source.pdbx_wavelength             ? 
_diffrn_source.pdbx_synchrotron_beamline   BL18U1 
_diffrn_source.pdbx_synchrotron_site       SSRF 
# 
_reflns.B_iso_Wilson_estimate                          ? 
_reflns.entry_id                                       7XIJ 
_reflns.data_reduction_details                         ? 
_reflns.data_reduction_method                          ? 
_reflns.d_resolution_high                              1.820 
_reflns.d_resolution_low                               80.620 
_reflns.details                                        ? 
_reflns.limit_h_max                                    ? 
_reflns.limit_h_min                                    ? 
_reflns.limit_k_max                                    ? 
_reflns.limit_k_min                                    ? 
_reflns.limit_l_max                                    ? 
_reflns.limit_l_min                                    ? 
_reflns.number_all                                     ? 
_reflns.number_obs                                     14087 
_reflns.observed_criterion                             ? 
_reflns.observed_criterion_F_max                       ? 
_reflns.observed_criterion_F_min                       ? 
_reflns.observed_criterion_I_max                       ? 
_reflns.observed_criterion_I_min                       ? 
_reflns.observed_criterion_sigma_F                     ? 
_reflns.observed_criterion_sigma_I                     ? 
_reflns.percent_possible_obs                           100.000 
_reflns.R_free_details                                 ? 
_reflns.Rmerge_F_all                                   ? 
_reflns.Rmerge_F_obs                                   ? 
_reflns.Friedel_coverage                               ? 
_reflns.number_gt                                      ? 
_reflns.threshold_expression                           ? 
_reflns.pdbx_redundancy                                7.200 
_reflns.pdbx_Rmerge_I_obs                              0.067 
_reflns.pdbx_Rmerge_I_all                              ? 
_reflns.pdbx_Rsym_value                                ? 
_reflns.pdbx_netI_over_av_sigmaI                       ? 
_reflns.pdbx_netI_over_sigmaI                          17.900 
_reflns.pdbx_res_netI_over_av_sigmaI_2                 ? 
_reflns.pdbx_res_netI_over_sigmaI_2                    ? 
_reflns.pdbx_chi_squared                               ? 
_reflns.pdbx_scaling_rejects                           104 
_reflns.pdbx_d_res_high_opt                            ? 
_reflns.pdbx_d_res_low_opt                             ? 
_reflns.pdbx_d_res_opt_method                          ? 
_reflns.phase_calculation_details                      ? 
_reflns.pdbx_Rrim_I_all                                0.073 
_reflns.pdbx_Rpim_I_all                                0.027 
_reflns.pdbx_d_opt                                     ? 
_reflns.pdbx_number_measured_all                       101099 
_reflns.pdbx_diffrn_id                                 1 
_reflns.pdbx_ordinal                                   1 
_reflns.pdbx_CC_half                                   0.997 
_reflns.pdbx_CC_star                                   ? 
_reflns.pdbx_R_split                                   ? 
_reflns.pdbx_aniso_diffraction_limit_axis_1_ortho[1]   ? 
_reflns.pdbx_aniso_diffraction_limit_axis_1_ortho[2]   ? 
_reflns.pdbx_aniso_diffraction_limit_axis_1_ortho[3]   ? 
_reflns.pdbx_aniso_diffraction_limit_axis_2_ortho[1]   ? 
_reflns.pdbx_aniso_diffraction_limit_axis_2_ortho[2]   ? 
_reflns.pdbx_aniso_diffraction_limit_axis_2_ortho[3]   ? 
_reflns.pdbx_aniso_diffraction_limit_axis_3_ortho[1]   ? 
_reflns.pdbx_aniso_diffraction_limit_axis_3_ortho[2]   ? 
_reflns.pdbx_aniso_diffraction_limit_axis_3_ortho[3]   ? 
_reflns.pdbx_aniso_diffraction_limit_1                 ? 
_reflns.pdbx_aniso_diffraction_limit_2                 ? 
_reflns.pdbx_aniso_diffraction_limit_3                 ? 
_reflns.pdbx_aniso_B_tensor_eigenvector_1_ortho[1]     ? 
_reflns.pdbx_aniso_B_tensor_eigenvector_1_ortho[2]     ? 
_reflns.pdbx_aniso_B_tensor_eigenvector_1_ortho[3]     ? 
_reflns.pdbx_aniso_B_tensor_eigenvector_2_ortho[1]     ? 
_reflns.pdbx_aniso_B_tensor_eigenvector_2_ortho[2]     ? 
_reflns.pdbx_aniso_B_tensor_eigenvector_2_ortho[3]     ? 
_reflns.pdbx_aniso_B_tensor_eigenvector_3_ortho[1]     ? 
_reflns.pdbx_aniso_B_tensor_eigenvector_3_ortho[2]     ? 
_reflns.pdbx_aniso_B_tensor_eigenvector_3_ortho[3]     ? 
_reflns.pdbx_aniso_B_tensor_eigenvalue_1               ? 
_reflns.pdbx_aniso_B_tensor_eigenvalue_2               ? 
_reflns.pdbx_aniso_B_tensor_eigenvalue_3               ? 
_reflns.pdbx_orthogonalization_convention              ? 
_reflns.pdbx_percent_possible_ellipsoidal              ? 
_reflns.pdbx_percent_possible_spherical                ? 
_reflns.pdbx_percent_possible_ellipsoidal_anomalous    ? 
_reflns.pdbx_percent_possible_spherical_anomalous      ? 
_reflns.pdbx_redundancy_anomalous                      ? 
_reflns.pdbx_CC_half_anomalous                         ? 
_reflns.pdbx_absDiff_over_sigma_anomalous              ? 
_reflns.pdbx_percent_possible_anomalous                ? 
_reflns.pdbx_observed_signal_threshold                 ? 
_reflns.pdbx_signal_type                               ? 
_reflns.pdbx_signal_details                            ? 
_reflns.pdbx_signal_software_id                        ? 
# 
loop_
_reflns_shell.d_res_high 
_reflns_shell.d_res_low 
_reflns_shell.meanI_over_sigI_all 
_reflns_shell.meanI_over_sigI_obs 
_reflns_shell.number_measured_all 
_reflns_shell.number_measured_obs 
_reflns_shell.number_possible 
_reflns_shell.number_unique_all 
_reflns_shell.number_unique_obs 
_reflns_shell.percent_possible_all 
_reflns_shell.percent_possible_obs 
_reflns_shell.Rmerge_F_all 
_reflns_shell.Rmerge_F_obs 
_reflns_shell.Rmerge_I_all 
_reflns_shell.Rmerge_I_obs 
_reflns_shell.meanI_over_sigI_gt 
_reflns_shell.meanI_over_uI_all 
_reflns_shell.meanI_over_uI_gt 
_reflns_shell.number_measured_gt 
_reflns_shell.number_unique_gt 
_reflns_shell.percent_possible_gt 
_reflns_shell.Rmerge_F_gt 
_reflns_shell.Rmerge_I_gt 
_reflns_shell.pdbx_redundancy 
_reflns_shell.pdbx_Rsym_value 
_reflns_shell.pdbx_chi_squared 
_reflns_shell.pdbx_netI_over_sigmaI_all 
_reflns_shell.pdbx_netI_over_sigmaI_obs 
_reflns_shell.pdbx_Rrim_I_all 
_reflns_shell.pdbx_Rpim_I_all 
_reflns_shell.pdbx_rejects 
_reflns_shell.pdbx_ordinal 
_reflns_shell.pdbx_diffrn_id 
_reflns_shell.pdbx_CC_half 
_reflns_shell.pdbx_CC_star 
_reflns_shell.pdbx_R_split 
_reflns_shell.pdbx_percent_possible_ellipsoidal 
_reflns_shell.pdbx_percent_possible_spherical 
_reflns_shell.pdbx_percent_possible_ellipsoidal_anomalous 
_reflns_shell.pdbx_percent_possible_spherical_anomalous 
_reflns_shell.pdbx_redundancy_anomalous 
_reflns_shell.pdbx_CC_half_anomalous 
_reflns_shell.pdbx_absDiff_over_sigma_anomalous 
_reflns_shell.pdbx_percent_possible_anomalous 
1.820 1.860  ? ? 6154 ? ? ? 820 100.000 ? ? ? ? 0.244 ? ? ? ? ? ? ? ? 7.500 ? ? ? 6.500  0.262 0.094 ? 1 1 0.983 ? ? ? ? ? ? ? ? ? 
? 
9.090 80.620 ? ? 936  ? ? ? 145 99.800  ? ? ? ? 0.039 ? ? ? ? ? ? ? ? 6.500 ? ? ? 28.000 0.042 0.016 ? 2 1 0.998 ? ? ? ? ? ? ? ? ? 
? 
# 
_refine.aniso_B[1][1]                            0.6400 
_refine.aniso_B[1][2]                            0.3200 
_refine.aniso_B[1][3]                            0.0000 
_refine.aniso_B[2][2]                            0.6400 
_refine.aniso_B[2][3]                            -0.0000 
_refine.aniso_B[3][3]                            -2.0700 
_refine.B_iso_max                                72.710 
_refine.B_iso_mean                               27.7160 
_refine.B_iso_min                                16.700 
_refine.correlation_coeff_Fo_to_Fc               0.9570 
_refine.correlation_coeff_Fo_to_Fc_free          0.9370 
_refine.details                                  
'HYDROGENS HAVE BEEN ADDED IN THE RIDING POSITIONS U VALUES      : REFINED INDIVIDUALLY' 
_refine.diff_density_max                         ? 
_refine.diff_density_max_esd                     ? 
_refine.diff_density_min                         ? 
_refine.diff_density_min_esd                     ? 
_refine.diff_density_rms                         ? 
_refine.diff_density_rms_esd                     ? 
_refine.entry_id                                 7XIJ 
_refine.pdbx_refine_id                           'X-RAY DIFFRACTION' 
_refine.ls_abs_structure_details                 ? 
_refine.ls_abs_structure_Flack                   ? 
_refine.ls_abs_structure_Flack_esd               ? 
_refine.ls_abs_structure_Rogers                  ? 
_refine.ls_abs_structure_Rogers_esd              ? 
_refine.ls_d_res_high                            1.8200 
_refine.ls_d_res_low                             49.2700 
_refine.ls_extinction_coef                       ? 
_refine.ls_extinction_coef_esd                   ? 
_refine.ls_extinction_expression                 ? 
_refine.ls_extinction_method                     ? 
_refine.ls_goodness_of_fit_all                   ? 
_refine.ls_goodness_of_fit_all_esd               ? 
_refine.ls_goodness_of_fit_obs                   ? 
_refine.ls_goodness_of_fit_obs_esd               ? 
_refine.ls_hydrogen_treatment                    ? 
_refine.ls_matrix_type                           ? 
_refine.ls_number_constraints                    ? 
_refine.ls_number_parameters                     ? 
_refine.ls_number_reflns_all                     ? 
_refine.ls_number_reflns_obs                     13263 
_refine.ls_number_reflns_R_free                  793 
_refine.ls_number_reflns_R_work                  ? 
_refine.ls_number_restraints                     ? 
_refine.ls_percent_reflns_obs                    99.9600 
_refine.ls_percent_reflns_R_free                 5.6000 
_refine.ls_R_factor_all                          ? 
_refine.ls_R_factor_obs                          0.1946 
_refine.ls_R_factor_R_free                       0.2209 
_refine.ls_R_factor_R_free_error                 ? 
_refine.ls_R_factor_R_free_error_details         ? 
_refine.ls_R_factor_R_work                       0.1930 
_refine.ls_R_Fsqd_factor_obs                     ? 
_refine.ls_R_I_factor_obs                        ? 
_refine.ls_redundancy_reflns_all                 ? 
_refine.ls_redundancy_reflns_obs                 ? 
_refine.ls_restrained_S_all                      ? 
_refine.ls_restrained_S_obs                      ? 
_refine.ls_shift_over_esd_max                    ? 
_refine.ls_shift_over_esd_mean                   ? 
_refine.ls_structure_factor_coef                 ? 
_refine.ls_weighting_details                     ? 
_refine.ls_weighting_scheme                      ? 
_refine.ls_wR_factor_all                         ? 
_refine.ls_wR_factor_obs                         ? 
_refine.ls_wR_factor_R_free                      ? 
_refine.ls_wR_factor_R_work                      ? 
_refine.occupancy_max                            ? 
_refine.occupancy_min                            ? 
_refine.solvent_model_details                    MASK 
_refine.solvent_model_param_bsol                 ? 
_refine.solvent_model_param_ksol                 ? 
_refine.pdbx_R_complete                          ? 
_refine.ls_R_factor_gt                           ? 
_refine.ls_goodness_of_fit_gt                    ? 
_refine.ls_goodness_of_fit_ref                   ? 
_refine.ls_shift_over_su_max                     ? 
_refine.ls_shift_over_su_max_lt                  ? 
_refine.ls_shift_over_su_mean                    ? 
_refine.ls_shift_over_su_mean_lt                 ? 
_refine.pdbx_ls_sigma_I                          ? 
_refine.pdbx_ls_sigma_F                          0.000 
_refine.pdbx_ls_sigma_Fsqd                       ? 
_refine.pdbx_data_cutoff_high_absF               ? 
_refine.pdbx_data_cutoff_high_rms_absF           ? 
_refine.pdbx_data_cutoff_low_absF                ? 
_refine.pdbx_isotropic_thermal_model             ? 
_refine.pdbx_ls_cross_valid_method               THROUGHOUT 
_refine.pdbx_method_to_determine_struct          'MOLECULAR REPLACEMENT' 
_refine.pdbx_starting_model                      4NYX 
_refine.pdbx_stereochemistry_target_values       'MAXIMUM LIKELIHOOD' 
_refine.pdbx_R_Free_selection_details            RANDOM 
_refine.pdbx_stereochem_target_val_spec_case     ? 
_refine.pdbx_overall_ESU_R                       0.1390 
_refine.pdbx_overall_ESU_R_Free                  0.1250 
_refine.pdbx_solvent_vdw_probe_radii             1.2000 
_refine.pdbx_solvent_ion_probe_radii             0.8000 
_refine.pdbx_solvent_shrinkage_radii             0.8000 
_refine.pdbx_real_space_R                        ? 
_refine.pdbx_density_correlation                 ? 
_refine.pdbx_pd_number_of_powder_patterns        ? 
_refine.pdbx_pd_number_of_points                 ? 
_refine.pdbx_pd_meas_number_of_points            ? 
_refine.pdbx_pd_proc_ls_prof_R_factor            ? 
_refine.pdbx_pd_proc_ls_prof_wR_factor           ? 
_refine.pdbx_pd_Marquardt_correlation_coeff      ? 
_refine.pdbx_pd_Fsqrd_R_factor                   ? 
_refine.pdbx_pd_ls_matrix_band_width             ? 
_refine.pdbx_overall_phase_error                 ? 
_refine.pdbx_overall_SU_R_free_Cruickshank_DPI   ? 
_refine.pdbx_overall_SU_R_free_Blow_DPI          ? 
_refine.pdbx_overall_SU_R_Blow_DPI               ? 
_refine.pdbx_TLS_residual_ADP_flag               ? 
_refine.pdbx_diffrn_id                           1 
_refine.overall_SU_B                             2.6900 
_refine.overall_SU_ML                            0.0830 
_refine.overall_SU_R_Cruickshank_DPI             ? 
_refine.overall_SU_R_free                        ? 
_refine.overall_FOM_free_R_set                   ? 
_refine.overall_FOM_work_R_set                   ? 
_refine.pdbx_average_fsc_overall                 ? 
_refine.pdbx_average_fsc_work                    ? 
_refine.pdbx_average_fsc_free                    ? 
# 
_refine_hist.pdbx_refine_id                   'X-RAY DIFFRACTION' 
_refine_hist.cycle_id                         final 
_refine_hist.details                          ? 
_refine_hist.d_res_high                       1.8200 
_refine_hist.d_res_low                        49.2700 
_refine_hist.number_atoms_solvent             93 
_refine_hist.number_atoms_total               1245 
_refine_hist.number_reflns_all                ? 
_refine_hist.number_reflns_obs                ? 
_refine_hist.number_reflns_R_free             ? 
_refine_hist.number_reflns_R_work             ? 
_refine_hist.R_factor_all                     ? 
_refine_hist.R_factor_obs                     ? 
_refine_hist.R_factor_R_free                  ? 
_refine_hist.R_factor_R_work                  ? 
_refine_hist.pdbx_number_residues_total       131 
_refine_hist.pdbx_B_iso_mean_ligand           33.18 
_refine_hist.pdbx_B_iso_mean_solvent          33.51 
_refine_hist.pdbx_number_atoms_protein        1103 
_refine_hist.pdbx_number_atoms_nucleic_acid   0 
_refine_hist.pdbx_number_atoms_ligand         49 
_refine_hist.pdbx_number_atoms_lipid          ? 
_refine_hist.pdbx_number_atoms_carb           ? 
_refine_hist.pdbx_pseudo_atom_details         ? 
# 
loop_
_refine_ls_restr.pdbx_refine_id 
_refine_ls_restr.criterion 
_refine_ls_restr.dev_ideal 
_refine_ls_restr.dev_ideal_target 
_refine_ls_restr.number 
_refine_ls_restr.rejects 
_refine_ls_restr.type 
_refine_ls_restr.weight 
_refine_ls_restr.pdbx_restraint_function 
'X-RAY DIFFRACTION' ? 0.010  0.019  1186 ? r_bond_refined_d       ? ? 
'X-RAY DIFFRACTION' ? 0.002  0.020  1059 ? r_bond_other_d         ? ? 
'X-RAY DIFFRACTION' ? 1.479  1.996  1605 ? r_angle_refined_deg    ? ? 
'X-RAY DIFFRACTION' ? 0.977  3.006  2462 ? r_angle_other_deg      ? ? 
'X-RAY DIFFRACTION' ? 4.996  5.000  130  ? r_dihedral_angle_1_deg ? ? 
'X-RAY DIFFRACTION' ? 35.757 24.098 61   ? r_dihedral_angle_2_deg ? ? 
'X-RAY DIFFRACTION' ? 12.365 15.000 198  ? r_dihedral_angle_3_deg ? ? 
'X-RAY DIFFRACTION' ? 12.465 15.000 7    ? r_dihedral_angle_4_deg ? ? 
'X-RAY DIFFRACTION' ? 0.079  0.200  159  ? r_chiral_restr         ? ? 
'X-RAY DIFFRACTION' ? 0.006  0.021  1282 ? r_gen_planes_refined   ? ? 
'X-RAY DIFFRACTION' ? 0.001  0.020  248  ? r_gen_planes_other     ? ? 
# 
_refine_ls_shell.pdbx_refine_id                   'X-RAY DIFFRACTION' 
_refine_ls_shell.d_res_high                       1.82 
_refine_ls_shell.d_res_low                        1.8650 
_refine_ls_shell.number_reflns_all                ? 
_refine_ls_shell.number_reflns_obs                ? 
_refine_ls_shell.number_reflns_R_free             72 
_refine_ls_shell.number_reflns_R_work             928 
_refine_ls_shell.percent_reflns_obs               100.0000 
_refine_ls_shell.percent_reflns_R_free            ? 
_refine_ls_shell.R_factor_all                     ? 
_refine_ls_shell.R_factor_obs                     ? 
_refine_ls_shell.R_factor_R_free                  0.3520 
_refine_ls_shell.R_factor_R_free_error            0.0000 
_refine_ls_shell.R_factor_R_work                  0.2080 
_refine_ls_shell.redundancy_reflns_all            ? 
_refine_ls_shell.redundancy_reflns_obs            ? 
_refine_ls_shell.wR_factor_all                    ? 
_refine_ls_shell.wR_factor_obs                    ? 
_refine_ls_shell.wR_factor_R_free                 ? 
_refine_ls_shell.wR_factor_R_work                 ? 
_refine_ls_shell.pdbx_R_complete                  ? 
_refine_ls_shell.pdbx_total_number_of_bins_used   ? 
_refine_ls_shell.pdbx_phase_error                 ? 
_refine_ls_shell.pdbx_fsc_work                    ? 
_refine_ls_shell.pdbx_fsc_free                    ? 
# 
_struct.entry_id                     7XIJ 
_struct.title                        'Crystal structure of CBP bromodomain liganded with Y08175' 
_struct.pdbx_model_details           ? 
_struct.pdbx_formula_weight          ? 
_struct.pdbx_formula_weight_method   ? 
_struct.pdbx_model_type_details      ? 
_struct.pdbx_CASP_flag               N 
# 
_struct_keywords.entry_id        7XIJ 
_struct_keywords.text            'Histone acetyltransferase, CBP, Bromodomain, PROTEIN BINDING' 
_struct_keywords.pdbx_keywords   'PROTEIN BINDING' 
# 
loop_
_struct_asym.id 
_struct_asym.pdbx_blank_PDB_chainid_flag 
_struct_asym.pdbx_modified 
_struct_asym.entity_id 
_struct_asym.details 
A N N 1 ? 
B N N 2 ? 
C N N 3 ? 
D N N 4 ? 
E N N 4 ? 
F N N 5 ? 
# 
loop_
_struct_conf.conf_type_id 
_struct_conf.id 
_struct_conf.pdbx_PDB_helix_id 
_struct_conf.beg_label_comp_id 
_struct_conf.beg_label_asym_id 
_struct_conf.beg_label_seq_id 
_struct_conf.pdbx_beg_PDB_ins_code 
_struct_conf.end_label_comp_id 
_struct_conf.end_label_asym_id 
_struct_conf.end_label_seq_id 
_struct_conf.pdbx_end_PDB_ins_code 
_struct_conf.beg_auth_comp_id 
_struct_conf.beg_auth_asym_id 
_struct_conf.beg_auth_seq_id 
_struct_conf.end_auth_comp_id 
_struct_conf.end_auth_asym_id 
_struct_conf.end_auth_seq_id 
_struct_conf.pdbx_PDB_helix_class 
_struct_conf.details 
_struct_conf.pdbx_PDB_helix_length 
HELX_P HELX_P1 AA1 HIS A 6   ? GLU A 11  ? HIS A 1067 GLU A 1072 5 ? 6  
HELX_P HELX_P2 AA2 ASN A 12  ? GLN A 16  ? ASN A 1073 GLN A 1077 5 ? 5  
HELX_P HELX_P3 AA3 LYS A 25  ? ARG A 42  ? LYS A 1086 ARG A 1103 1 ? 18 
HELX_P HELX_P4 AA4 SER A 47  ? ARG A 51  ? SER A 1108 ARG A 1112 5 ? 5  
HELX_P HELX_P5 AA5 ASP A 55  ? GLY A 60  ? ASP A 1116 GLY A 1121 1 ? 6  
HELX_P HELX_P6 AA6 ASP A 63  ? VAL A 68  ? ASP A 1124 VAL A 1129 1 ? 6  
HELX_P HELX_P7 AA7 ASP A 73  ? THR A 83  ? ASP A 1134 THR A 1144 1 ? 11 
HELX_P HELX_P8 AA8 GLU A 88  ? ASN A 107 ? GLU A 1149 ASN A 1168 1 ? 20 
HELX_P HELX_P9 AA9 SER A 111 ? GLY A 136 ? SER A 1172 GLY A 1197 1 ? 26 
# 
_struct_conf_type.id          HELX_P 
_struct_conf_type.criteria    ? 
_struct_conf_type.reference   ? 
# 
_struct_mon_prot_cis.pdbx_id                1 
_struct_mon_prot_cis.label_comp_id          ASP 
_struct_mon_prot_cis.label_seq_id           44 
_struct_mon_prot_cis.label_asym_id          A 
_struct_mon_prot_cis.label_alt_id           . 
_struct_mon_prot_cis.pdbx_PDB_ins_code      ? 
_struct_mon_prot_cis.auth_comp_id           ASP 
_struct_mon_prot_cis.auth_seq_id            1105 
_struct_mon_prot_cis.auth_asym_id           A 
_struct_mon_prot_cis.pdbx_label_comp_id_2   PRO 
_struct_mon_prot_cis.pdbx_label_seq_id_2    45 
_struct_mon_prot_cis.pdbx_label_asym_id_2   A 
_struct_mon_prot_cis.pdbx_PDB_ins_code_2    ? 
_struct_mon_prot_cis.pdbx_auth_comp_id_2    PRO 
_struct_mon_prot_cis.pdbx_auth_seq_id_2     1106 
_struct_mon_prot_cis.pdbx_auth_asym_id_2    A 
_struct_mon_prot_cis.pdbx_PDB_model_num     1 
_struct_mon_prot_cis.pdbx_omega_angle       12.32 
# 
_atom_sites.entry_id                    7XIJ 
_atom_sites.Cartn_transf_matrix[1][1]   ? 
_atom_sites.Cartn_transf_matrix[1][2]   ? 
_atom_sites.Cartn_transf_matrix[1][3]   ? 
_atom_sites.Cartn_transf_matrix[2][1]   ? 
_atom_sites.Cartn_transf_matrix[2][2]   ? 
_atom_sites.Cartn_transf_matrix[2][3]   ? 
_atom_sites.Cartn_transf_matrix[3][1]   ? 
_atom_sites.Cartn_transf_matrix[3][2]   ? 
_atom_sites.Cartn_transf_matrix[3][3]   ? 
_atom_sites.Cartn_transf_vector[1]      ? 
_atom_sites.Cartn_transf_vector[2]      ? 
_atom_sites.Cartn_transf_vector[3]      ? 
_atom_sites.fract_transf_matrix[1][1]   0.01974182 
_atom_sites.fract_transf_matrix[1][2]   -0.00362397 
_atom_sites.fract_transf_matrix[1][3]   0.00301922 
_atom_sites.fract_transf_matrix[2][1]   0.01392989 
_atom_sites.fract_transf_matrix[2][2]   0.00997706 
_atom_sites.fract_transf_matrix[2][3]   -0.01088047 
_atom_sites.fract_transf_matrix[3][1]   0.00032359 
_atom_sites.fract_transf_matrix[3][2]   0.00893003 
_atom_sites.fract_transf_matrix[3][3]   0.00860285 
_atom_sites.fract_transf_vector[1]      0.159836 
_atom_sites.fract_transf_vector[2]      -0.282123 
_atom_sites.fract_transf_vector[3]      -0.070002 
_atom_sites.solution_primary            ? 
_atom_sites.solution_secondary          ? 
_atom_sites.solution_hydrogens          ? 
_atom_sites.special_details             ? 
# 
loop_
_atom_type.symbol 
C 
F 
N 
O 
S 
# 
loop_
_atom_site.group_PDB 
_atom_site.id 
_atom_site.type_symbol 
_atom_site.label_atom_id 
_atom_site.label_alt_id 
_atom_site.label_comp_id 
_atom_site.label_asym_id 
_atom_site.label_entity_id 
_atom_site.label_seq_id 
_atom_site.pdbx_PDB_ins_code 
_atom_site.Cartn_x 
_atom_site.Cartn_y 
_atom_site.Cartn_z 
_atom_site.occupancy 
_atom_site.B_iso_or_equiv 
_atom_site.pdbx_formal_charge 
_atom_site.auth_seq_id 
_atom_site.auth_comp_id 
_atom_site.auth_asym_id 
_atom_site.auth_atom_id 
_atom_site.pdbx_PDB_model_num 
ATOM   1    N N   . HIS A 1 6   ? -5.377  8.491   7.833   1.00 50.23 ? 1067 HIS A N   1 
ATOM   2    C CA  . HIS A 1 6   ? -6.571  7.983   7.075   1.00 50.27 ? 1067 HIS A CA  1 
ATOM   3    C C   . HIS A 1 6   ? -7.330  9.104   6.336   1.00 50.10 ? 1067 HIS A C   1 
ATOM   4    O O   . HIS A 1 6   ? -8.531  8.974   6.078   1.00 50.93 ? 1067 HIS A O   1 
ATOM   5    C CB  . HIS A 1 6   ? -7.515  7.210   8.024   1.00 48.15 ? 1067 HIS A CB  1 
ATOM   6    C CG  . HIS A 1 6   ? -6.886  5.998   8.645   1.00 47.95 ? 1067 HIS A CG  1 
ATOM   7    N ND1 . HIS A 1 6   ? -6.531  4.883   7.913   1.00 48.28 ? 1067 HIS A ND1 1 
ATOM   8    C CD2 . HIS A 1 6   ? -6.525  5.737   9.925   1.00 47.45 ? 1067 HIS A CD2 1 
ATOM   9    C CE1 . HIS A 1 6   ? -5.993  3.983   8.718   1.00 45.87 ? 1067 HIS A CE1 1 
ATOM   10   N NE2 . HIS A 1 6   ? -5.979  4.476   9.943   1.00 47.93 ? 1067 HIS A NE2 1 
ATOM   11   N N   . HIS A 1 7   ? -6.626  10.182  5.967   1.00 50.93 ? 1068 HIS A N   1 
ATOM   12   C CA  . HIS A 1 7   ? -7.242  11.369  5.345   1.00 52.26 ? 1068 HIS A CA  1 
ATOM   13   C C   . HIS A 1 7   ? -7.877  11.054  3.983   1.00 47.76 ? 1068 HIS A C   1 
ATOM   14   O O   . HIS A 1 7   ? -8.837  11.708  3.586   1.00 49.82 ? 1068 HIS A O   1 
ATOM   15   C CB  . HIS A 1 7   ? -6.207  12.506  5.192   1.00 56.55 ? 1068 HIS A CB  1 
ATOM   16   C CG  . HIS A 1 7   ? -6.787  13.810  4.715   1.00 61.58 ? 1068 HIS A CG  1 
ATOM   17   N ND1 . HIS A 1 7   ? -7.152  14.033  3.401   1.00 64.28 ? 1068 HIS A ND1 1 
ATOM   18   C CD2 . HIS A 1 7   ? -7.044  14.967  5.374   1.00 64.36 ? 1068 HIS A CD2 1 
ATOM   19   C CE1 . HIS A 1 7   ? -7.619  15.263  3.275   1.00 65.28 ? 1068 HIS A CE1 1 
ATOM   20   N NE2 . HIS A 1 7   ? -7.562  15.851  4.457   1.00 65.51 ? 1068 HIS A NE2 1 
ATOM   21   N N   . HIS A 1 8   ? -7.312  10.081  3.267   1.00 45.03 ? 1069 HIS A N   1 
ATOM   22   C CA  . HIS A 1 8   ? -7.848  9.625   1.967   1.00 42.63 ? 1069 HIS A CA  1 
ATOM   23   C C   . HIS A 1 8   ? -9.297  9.079   1.967   1.00 43.52 ? 1069 HIS A C   1 
ATOM   24   O O   . HIS A 1 8   ? -9.949  9.063   0.909   1.00 42.63 ? 1069 HIS A O   1 
ATOM   25   C CB  . HIS A 1 8   ? -6.893  8.623   1.294   1.00 41.30 ? 1069 HIS A CB  1 
ATOM   26   C CG  . HIS A 1 8   ? -6.700  7.343   2.050   1.00 38.70 ? 1069 HIS A CG  1 
ATOM   27   N ND1 . HIS A 1 8   ? -7.183  6.136   1.596   1.00 38.82 ? 1069 HIS A ND1 1 
ATOM   28   C CD2 . HIS A 1 8   ? -6.052  7.078   3.209   1.00 38.78 ? 1069 HIS A CD2 1 
ATOM   29   C CE1 . HIS A 1 8   ? -6.851  5.186   2.455   1.00 37.12 ? 1069 HIS A CE1 1 
ATOM   30   N NE2 . HIS A 1 8   ? -6.168  5.730   3.442   1.00 39.52 ? 1069 HIS A NE2 1 
ATOM   31   N N   . HIS A 1 9   ? -9.811  8.658   3.128   1.00 42.57 ? 1070 HIS A N   1 
ATOM   32   C CA  . HIS A 1 9   ? -11.235 8.280   3.248   1.00 42.59 ? 1070 HIS A CA  1 
ATOM   33   C C   . HIS A 1 9   ? -12.165 9.479   2.962   1.00 46.75 ? 1070 HIS A C   1 
ATOM   34   O O   . HIS A 1 9   ? -13.287 9.293   2.483   1.00 53.49 ? 1070 HIS A O   1 
ATOM   35   C CB  . HIS A 1 9   ? -11.573 7.709   4.639   1.00 40.34 ? 1070 HIS A CB  1 
ATOM   36   C CG  . HIS A 1 9   ? -10.734 6.536   5.064   1.00 37.56 ? 1070 HIS A CG  1 
ATOM   37   N ND1 . HIS A 1 9   ? -9.800  5.936   4.245   1.00 38.80 ? 1070 HIS A ND1 1 
ATOM   38   C CD2 . HIS A 1 9   ? -10.705 5.845   6.231   1.00 36.02 ? 1070 HIS A CD2 1 
ATOM   39   C CE1 . HIS A 1 9   ? -9.228  4.934   4.893   1.00 38.02 ? 1070 HIS A CE1 1 
ATOM   40   N NE2 . HIS A 1 9   ? -9.762  4.855   6.099   1.00 37.18 ? 1070 HIS A NE2 1 
ATOM   41   N N   . HIS A 1 10  ? -11.693 10.696  3.264   1.00 48.08 ? 1071 HIS A N   1 
ATOM   42   C CA  . HIS A 1 10  ? -12.449 11.942  3.036   1.00 50.74 ? 1071 HIS A CA  1 
ATOM   43   C C   . HIS A 1 10  ? -12.665 12.279  1.550   1.00 50.77 ? 1071 HIS A C   1 
ATOM   44   O O   . HIS A 1 10  ? -13.645 12.940  1.203   1.00 53.27 ? 1071 HIS A O   1 
ATOM   45   C CB  . HIS A 1 10  ? -11.741 13.152  3.683   1.00 53.02 ? 1071 HIS A CB  1 
ATOM   46   C CG  . HIS A 1 10  ? -11.532 13.039  5.165   1.00 54.68 ? 1071 HIS A CG  1 
ATOM   47   N ND1 . HIS A 1 10  ? -12.569 12.843  6.055   1.00 53.39 ? 1071 HIS A ND1 1 
ATOM   48   C CD2 . HIS A 1 10  ? -10.409 13.145  5.916   1.00 53.12 ? 1071 HIS A CD2 1 
ATOM   49   C CE1 . HIS A 1 10  ? -12.089 12.808  7.285   1.00 53.28 ? 1071 HIS A CE1 1 
ATOM   50   N NE2 . HIS A 1 10  ? -10.781 12.984  7.228   1.00 54.78 ? 1071 HIS A NE2 1 
ATOM   51   N N   . GLU A 1 11  ? -11.728 11.875  0.693   1.00 49.25 ? 1072 GLU A N   1 
ATOM   52   C CA  . GLU A 1 11  ? -11.801 12.161  -0.739  1.00 48.24 ? 1072 GLU A CA  1 
ATOM   53   C C   . GLU A 1 11  ? -12.304 10.928  -1.485  1.00 42.50 ? 1072 GLU A C   1 
ATOM   54   O O   . GLU A 1 11  ? -12.297 9.815   -0.934  1.00 42.78 ? 1072 GLU A O   1 
ATOM   55   C CB  . GLU A 1 11  ? -10.430 12.588  -1.264  1.00 51.41 ? 1072 GLU A CB  1 
ATOM   56   C CG  . GLU A 1 11  ? -9.737  13.624  -0.382  1.00 55.60 ? 1072 GLU A CG  1 
ATOM   57   C CD  . GLU A 1 11  ? -8.607  14.382  -1.070  1.00 58.78 ? 1072 GLU A CD  1 
ATOM   58   O OE1 . GLU A 1 11  ? -8.219  14.029  -2.208  1.00 60.82 ? 1072 GLU A OE1 1 
ATOM   59   O OE2 . GLU A 1 11  ? -8.100  15.353  -0.462  1.00 64.60 ? 1072 GLU A OE2 1 
ATOM   60   N N   . ASN A 1 12  ? -12.753 11.133  -2.723  1.00 37.59 ? 1073 ASN A N   1 
ATOM   61   C CA  . ASN A 1 12  ? -13.286 10.050  -3.560  1.00 35.62 ? 1073 ASN A CA  1 
ATOM   62   C C   . ASN A 1 12  ? -14.353 9.265   -2.796  1.00 32.63 ? 1073 ASN A C   1 
ATOM   63   O O   . ASN A 1 12  ? -14.201 8.073   -2.526  1.00 30.93 ? 1073 ASN A O   1 
ATOM   64   C CB  . ASN A 1 12  ? -12.163 9.116   -4.006  1.00 36.12 ? 1073 ASN A CB  1 
ATOM   65   C CG  . ASN A 1 12  ? -10.998 9.864   -4.610  1.00 39.60 ? 1073 ASN A CG  1 
ATOM   66   O OD1 . ASN A 1 12  ? -11.157 10.589  -5.587  1.00 41.54 ? 1073 ASN A OD1 1 
ATOM   67   N ND2 . ASN A 1 12  ? -9.827  9.700   -4.027  1.00 40.39 ? 1073 ASN A ND2 1 
ATOM   68   N N   . LEU A 1 13  ? -15.426 9.959   -2.440  1.00 30.67 ? 1074 LEU A N   1 
ATOM   69   C CA  . LEU A 1 13  ? -16.466 9.383   -1.582  1.00 30.70 ? 1074 LEU A CA  1 
ATOM   70   C C   . LEU A 1 13  ? -17.197 8.170   -2.175  1.00 27.88 ? 1074 LEU A C   1 
ATOM   71   O O   . LEU A 1 13  ? -17.736 7.352   -1.406  1.00 28.60 ? 1074 LEU A O   1 
ATOM   72   C CB  . LEU A 1 13  ? -17.464 10.458  -1.148  1.00 32.27 ? 1074 LEU A CB  1 
ATOM   73   C CG  . LEU A 1 13  ? -16.915 11.476  -0.150  1.00 34.20 ? 1074 LEU A CG  1 
ATOM   74   C CD1 . LEU A 1 13  ? -17.970 12.517  0.176   1.00 36.02 ? 1074 LEU A CD1 1 
ATOM   75   C CD2 . LEU A 1 13  ? -16.436 10.804  1.130   1.00 35.40 ? 1074 LEU A CD2 1 
ATOM   76   N N   . TYR A 1 14  ? -17.167 8.000   -3.499  1.00 26.57 ? 1075 TYR A N   1 
ATOM   77   C CA  . TYR A 1 14  ? -17.721 6.785   -4.108  1.00 26.31 ? 1075 TYR A CA  1 
ATOM   78   C C   . TYR A 1 14  ? -17.114 5.513   -3.507  1.00 24.91 ? 1075 TYR A C   1 
ATOM   79   O O   . TYR A 1 14  ? -17.792 4.521   -3.327  1.00 24.08 ? 1075 TYR A O   1 
ATOM   80   C CB  . TYR A 1 14  ? -17.558 6.750   -5.628  1.00 25.74 ? 1075 TYR A CB  1 
ATOM   81   C CG  . TYR A 1 14  ? -18.037 5.423   -6.213  1.00 26.93 ? 1075 TYR A CG  1 
ATOM   82   C CD1 . TYR A 1 14  ? -19.402 5.070   -6.189  1.00 27.09 ? 1075 TYR A CD1 1 
ATOM   83   C CD2 . TYR A 1 14  ? -17.138 4.507   -6.745  1.00 26.30 ? 1075 TYR A CD2 1 
ATOM   84   C CE1 . TYR A 1 14  ? -19.828 3.844   -6.692  1.00 27.07 ? 1075 TYR A CE1 1 
ATOM   85   C CE2 . TYR A 1 14  ? -17.559 3.285   -7.243  1.00 27.51 ? 1075 TYR A CE2 1 
ATOM   86   C CZ  . TYR A 1 14  ? -18.909 2.960   -7.221  1.00 27.50 ? 1075 TYR A CZ  1 
ATOM   87   O OH  . TYR A 1 14  ? -19.284 1.736   -7.744  1.00 27.35 ? 1075 TYR A OH  1 
ATOM   88   N N   . PHE A 1 15  ? -15.829 5.553   -3.174  1.00 24.14 ? 1076 PHE A N   1 
ATOM   89   C CA  . PHE A 1 15  ? -15.177 4.366   -2.643  1.00 23.46 ? 1076 PHE A CA  1 
ATOM   90   C C   . PHE A 1 15  ? -15.523 4.098   -1.182  1.00 22.44 ? 1076 PHE A C   1 
ATOM   91   O O   . PHE A 1 15  ? -15.348 2.984   -0.682  1.00 22.77 ? 1076 PHE A O   1 
ATOM   92   C CB  . PHE A 1 15  ? -13.677 4.485   -2.842  1.00 23.60 ? 1076 PHE A CB  1 
ATOM   93   C CG  . PHE A 1 15  ? -13.263 4.571   -4.295  1.00 24.05 ? 1076 PHE A CG  1 
ATOM   94   C CD1 . PHE A 1 15  ? -13.729 3.655   -5.226  1.00 24.57 ? 1076 PHE A CD1 1 
ATOM   95   C CD2 . PHE A 1 15  ? -12.367 5.551   -4.723  1.00 25.56 ? 1076 PHE A CD2 1 
ATOM   96   C CE1 . PHE A 1 15  ? -13.343 3.725   -6.561  1.00 25.70 ? 1076 PHE A CE1 1 
ATOM   97   C CE2 . PHE A 1 15  ? -11.968 5.621   -6.049  1.00 25.91 ? 1076 PHE A CE2 1 
ATOM   98   C CZ  . PHE A 1 15  ? -12.459 4.714   -6.970  1.00 26.66 ? 1076 PHE A CZ  1 
ATOM   99   N N   . GLN A 1 16  ? -15.989 5.134   -0.503  1.00 21.80 ? 1077 GLN A N   1 
ATOM   100  C CA  . GLN A 1 16  ? -16.348 5.051   0.894   1.00 22.89 ? 1077 GLN A CA  1 
ATOM   101  C C   . GLN A 1 16  ? -17.663 4.263   1.079   1.00 21.36 ? 1077 GLN A C   1 
ATOM   102  O O   . GLN A 1 16  ? -17.786 3.467   1.976   1.00 21.27 ? 1077 GLN A O   1 
ATOM   103  C CB  . GLN A 1 16  ? -16.422 6.486   1.463   1.00 24.08 ? 1077 GLN A CB  1 
ATOM   104  C CG  . GLN A 1 16  ? -16.591 6.652   2.958   1.00 25.12 ? 1077 GLN A CG  1 
ATOM   105  C CD  . GLN A 1 16  ? -15.390 6.242   3.808   1.00 25.44 ? 1077 GLN A CD  1 
ATOM   106  O OE1 . GLN A 1 16  ? -14.419 5.662   3.329   1.00 26.84 ? 1077 GLN A OE1 1 
ATOM   107  N NE2 . GLN A 1 16  ? -15.493 6.502   5.101   1.00 24.41 ? 1077 GLN A NE2 1 
ATOM   108  N N   . GLY A 1 17  ? -18.639 4.467   0.209   1.00 23.31 ? 1078 GLY A N   1 
ATOM   109  C CA  . GLY A 1 17  ? -19.929 3.803   0.409   1.00 23.06 ? 1078 GLY A CA  1 
ATOM   110  C C   . GLY A 1 17  ? -20.871 3.973   -0.751  1.00 24.15 ? 1078 GLY A C   1 
ATOM   111  O O   . GLY A 1 17  ? -20.481 4.461   -1.821  1.00 24.15 ? 1078 GLY A O   1 
ATOM   112  N N   . GLY A 1 18  ? -22.119 3.578   -0.518  1.00 24.36 ? 1079 GLY A N   1 
ATOM   113  C CA  . GLY A 1 18  ? -23.176 3.683   -1.519  1.00 25.31 ? 1079 GLY A CA  1 
ATOM   114  C C   . GLY A 1 18  ? -23.234 2.491   -2.452  1.00 25.30 ? 1079 GLY A C   1 
ATOM   115  O O   . GLY A 1 18  ? -22.448 1.550   -2.336  1.00 23.03 ? 1079 GLY A O   1 
ATOM   116  N N   . SER A 1 19  ? -24.194 2.523   -3.373  1.00 27.86 ? 1080 SER A N   1 
ATOM   117  C CA  . SER A 1 19  ? -24.426 1.408   -4.298  1.00 28.11 ? 1080 SER A CA  1 
ATOM   118  C C   . SER A 1 19  ? -23.383 1.340   -5.395  1.00 27.39 ? 1080 SER A C   1 
ATOM   119  O O   . SER A 1 19  ? -22.727 2.339   -5.694  1.00 27.63 ? 1080 SER A O   1 
ATOM   120  C CB  . SER A 1 19  ? -25.815 1.523   -4.936  1.00 29.94 ? 1080 SER A CB  1 
ATOM   121  O OG  . SER A 1 19  ? -26.053 2.850   -5.366  1.00 31.68 ? 1080 SER A OG  1 
ATOM   122  N N   . ARG A 1 20  ? -23.249 0.157   -5.989  1.00 27.40 ? 1081 ARG A N   1 
ATOM   123  C CA  . ARG A 1 20  ? -22.273 -0.102  -7.057  1.00 27.82 ? 1081 ARG A CA  1 
ATOM   124  C C   . ARG A 1 20  ? -22.717 0.589   -8.325  1.00 30.03 ? 1081 ARG A C   1 
ATOM   125  O O   . ARG A 1 20  ? -23.871 0.448   -8.737  1.00 29.53 ? 1081 ARG A O   1 
ATOM   126  C CB  . ARG A 1 20  ? -22.093 -1.606  -7.302  1.00 27.18 ? 1081 ARG A CB  1 
ATOM   127  C CG  . ARG A 1 20  ? -20.954 -1.980  -8.255  1.00 27.66 ? 1081 ARG A CG  1 
ATOM   128  C CD  . ARG A 1 20  ? -20.504 -3.442  -8.100  1.00 28.37 ? 1081 ARG A CD  1 
ATOM   129  N NE  . ARG A 1 20  ? -21.559 -4.378  -8.532  1.00 27.95 ? 1081 ARG A NE  1 
ATOM   130  C CZ  . ARG A 1 20  ? -21.590 -5.698  -8.285  1.00 31.02 ? 1081 ARG A CZ  1 
ATOM   131  N NH1 . ARG A 1 20  ? -20.623 -6.314  -7.605  1.00 29.97 ? 1081 ARG A NH1 1 
ATOM   132  N NH2 . ARG A 1 20  ? -22.625 -6.415  -8.720  1.00 31.46 ? 1081 ARG A NH2 1 
ATOM   133  N N   . LYS A 1 21  ? -21.814 1.361   -8.929  1.00 32.69 ? 1082 LYS A N   1 
ATOM   134  C CA  . LYS A 1 21  ? -22.066 2.001   -10.231 1.00 33.99 ? 1082 LYS A CA  1 
ATOM   135  C C   . LYS A 1 21  ? -21.231 1.468   -11.392 1.00 34.53 ? 1082 LYS A C   1 
ATOM   136  O O   . LYS A 1 21  ? -21.502 1.815   -12.551 1.00 33.71 ? 1082 LYS A O   1 
ATOM   137  C CB  . LYS A 1 21  ? -21.863 3.516   -10.120 1.00 36.20 ? 1082 LYS A CB  1 
ATOM   138  C CG  . LYS A 1 21  ? -22.769 4.197   -9.113  1.00 40.32 ? 1082 LYS A CG  1 
ATOM   139  C CD  . LYS A 1 21  ? -24.238 4.213   -9.541  1.00 43.41 ? 1082 LYS A CD  1 
ATOM   140  C CE  . LYS A 1 21  ? -25.169 4.147   -8.338  1.00 44.65 ? 1082 LYS A CE  1 
ATOM   141  N NZ  . LYS A 1 21  ? -26.600 4.108   -8.749  1.00 46.92 ? 1082 LYS A NZ  1 
ATOM   142  N N   . LYS A 1 22  ? -20.216 0.657   -11.102 1.00 33.39 ? 1083 LYS A N   1 
ATOM   143  C CA  . LYS A 1 22  ? -19.400 0.032   -12.138 1.00 34.67 ? 1083 LYS A CA  1 
ATOM   144  C C   . LYS A 1 22  ? -18.674 -1.183  -11.583 1.00 32.25 ? 1083 LYS A C   1 
ATOM   145  O O   . LYS A 1 22  ? -18.578 -1.355  -10.368 1.00 30.62 ? 1083 LYS A O   1 
ATOM   146  C CB  . LYS A 1 22  ? -18.396 1.027   -12.714 1.00 38.93 ? 1083 LYS A CB  1 
ATOM   147  C CG  . LYS A 1 22  ? -17.252 1.390   -11.774 1.00 41.67 ? 1083 LYS A CG  1 
ATOM   148  C CD  . LYS A 1 22  ? -16.725 2.799   -12.021 1.00 45.19 ? 1083 LYS A CD  1 
ATOM   149  C CE  . LYS A 1 22  ? -17.677 3.874   -11.494 1.00 46.95 ? 1083 LYS A CE  1 
ATOM   150  N NZ  . LYS A 1 22  ? -16.965 5.124   -11.101 1.00 49.41 ? 1083 LYS A NZ  1 
ATOM   151  N N   . ILE A 1 23  ? -18.200 -2.034  -12.484 1.00 33.44 ? 1084 ILE A N   1 
ATOM   152  C CA  . ILE A 1 23  ? -17.357 -3.162  -12.141 1.00 34.69 ? 1084 ILE A CA  1 
ATOM   153  C C   . ILE A 1 23  ? -15.981 -2.826  -12.694 1.00 33.92 ? 1084 ILE A C   1 
ATOM   154  O O   . ILE A 1 23  ? -15.833 -2.615  -13.897 1.00 34.41 ? 1084 ILE A O   1 
ATOM   155  C CB  . ILE A 1 23  ? -17.846 -4.474  -12.793 1.00 37.59 ? 1084 ILE A CB  1 
ATOM   156  C CG1 . ILE A 1 23  ? -19.231 -4.851  -12.264 1.00 39.88 ? 1084 ILE A CG1 1 
ATOM   157  C CG2 . ILE A 1 23  ? -16.862 -5.619  -12.538 1.00 38.34 ? 1084 ILE A CG2 1 
ATOM   158  C CD1 . ILE A 1 23  ? -19.943 -5.849  -13.147 1.00 41.61 ? 1084 ILE A CD1 1 
ATOM   159  N N   . PHE A 1 24  ? -14.979 -2.773  -11.828 1.00 32.10 ? 1085 PHE A N   1 
ATOM   160  C CA  . PHE A 1 24  ? -13.613 -2.556  -12.286 1.00 30.96 ? 1085 PHE A CA  1 
ATOM   161  C C   . PHE A 1 24  ? -13.076 -3.908  -12.730 1.00 30.91 ? 1085 PHE A C   1 
ATOM   162  O O   . PHE A 1 24  ? -13.123 -4.878  -11.962 1.00 31.98 ? 1085 PHE A O   1 
ATOM   163  C CB  . PHE A 1 24  ? -12.748 -1.966  -11.161 1.00 30.41 ? 1085 PHE A CB  1 
ATOM   164  C CG  . PHE A 1 24  ? -13.150 -0.578  -10.749 1.00 28.77 ? 1085 PHE A CG  1 
ATOM   165  C CD1 . PHE A 1 24  ? -12.594 0.533   -11.368 1.00 29.11 ? 1085 PHE A CD1 1 
ATOM   166  C CD2 . PHE A 1 24  ? -14.070 -0.375  -9.724  1.00 27.84 ? 1085 PHE A CD2 1 
ATOM   167  C CE1 . PHE A 1 24  ? -12.958 1.819   -10.998 1.00 28.18 ? 1085 PHE A CE1 1 
ATOM   168  C CE2 . PHE A 1 24  ? -14.441 0.909   -9.348  1.00 29.07 ? 1085 PHE A CE2 1 
ATOM   169  C CZ  . PHE A 1 24  ? -13.881 2.012   -9.980  1.00 28.45 ? 1085 PHE A CZ  1 
ATOM   170  N N   . LYS A 1 25  ? -12.591 -3.994  -13.968 1.00 30.94 ? 1086 LYS A N   1 
ATOM   171  C CA  . LYS A 1 25  ? -11.970 -5.230  -14.455 1.00 32.72 ? 1086 LYS A CA  1 
ATOM   172  C C   . LYS A 1 25  ? -10.532 -5.270  -13.930 1.00 30.34 ? 1086 LYS A C   1 
ATOM   173  O O   . LYS A 1 25  ? -9.921  -4.223  -13.781 1.00 29.71 ? 1086 LYS A O   1 
ATOM   174  C CB  . LYS A 1 25  ? -11.992 -5.276  -15.985 1.00 36.13 ? 1086 LYS A CB  1 
ATOM   175  C CG  . LYS A 1 25  ? -13.405 -5.249  -16.576 1.00 39.93 ? 1086 LYS A CG  1 
ATOM   176  C CD  . LYS A 1 25  ? -13.409 -4.925  -18.067 1.00 43.29 ? 1086 LYS A CD  1 
ATOM   177  C CE  . LYS A 1 25  ? -12.546 -5.888  -18.877 1.00 46.17 ? 1086 LYS A CE  1 
ATOM   178  N NZ  . LYS A 1 25  ? -12.973 -5.992  -20.306 1.00 47.73 ? 1086 LYS A NZ  1 
ATOM   179  N N   . PRO A 1 26  ? -9.998  -6.469  -13.632 1.00 30.63 ? 1087 PRO A N   1 
ATOM   180  C CA  . PRO A 1 26  ? -8.598  -6.542  -13.204 1.00 31.08 ? 1087 PRO A CA  1 
ATOM   181  C C   . PRO A 1 26  ? -7.599  -5.821  -14.131 1.00 31.20 ? 1087 PRO A C   1 
ATOM   182  O O   . PRO A 1 26  ? -6.649  -5.226  -13.641 1.00 28.35 ? 1087 PRO A O   1 
ATOM   183  C CB  . PRO A 1 26  ? -8.323  -8.042  -13.163 1.00 30.64 ? 1087 PRO A CB  1 
ATOM   184  C CG  . PRO A 1 26  ? -9.641  -8.659  -12.860 1.00 32.01 ? 1087 PRO A CG  1 
ATOM   185  C CD  . PRO A 1 26  ? -10.676 -7.776  -13.513 1.00 30.83 ? 1087 PRO A CD  1 
ATOM   186  N N   . GLU A 1 27  ? -7.819  -5.860  -15.447 1.00 32.81 ? 1088 GLU A N   1 
ATOM   187  C CA  . GLU A 1 27  ? -6.901  -5.189  -16.376 1.00 33.85 ? 1088 GLU A CA  1 
ATOM   188  C C   . GLU A 1 27  ? -6.926  -3.669  -16.234 1.00 31.98 ? 1088 GLU A C   1 
ATOM   189  O O   . GLU A 1 27  ? -5.887  -3.025  -16.254 1.00 31.32 ? 1088 GLU A O   1 
ATOM   190  C CB  . GLU A 1 27  ? -7.189  -5.587  -17.837 1.00 34.83 ? 1088 GLU A CB  1 
ATOM   191  C CG  . GLU A 1 27  ? -6.198  -5.000  -18.851 1.00 37.39 ? 1088 GLU A CG  1 
ATOM   192  C CD  . GLU A 1 27  ? -4.735  -5.373  -18.588 1.00 39.45 ? 1088 GLU A CD  1 
ATOM   193  O OE1 . GLU A 1 27  ? -4.448  -6.406  -17.920 1.00 42.44 ? 1088 GLU A OE1 1 
ATOM   194  O OE2 . GLU A 1 27  ? -3.854  -4.631  -19.073 1.00 39.88 ? 1088 GLU A OE2 1 
ATOM   195  N N   . GLU A 1 28  ? -8.120  -3.118  -16.107 1.00 31.35 ? 1089 GLU A N   1 
ATOM   196  C CA  . GLU A 1 28  ? -8.337  -1.695  -15.846 1.00 33.22 ? 1089 GLU A CA  1 
ATOM   197  C C   . GLU A 1 28  ? -7.590  -1.225  -14.579 1.00 31.11 ? 1089 GLU A C   1 
ATOM   198  O O   . GLU A 1 28  ? -6.954  -0.172  -14.578 1.00 27.56 ? 1089 GLU A O   1 
ATOM   199  C CB  . GLU A 1 28  ? -9.851  -1.464  -15.719 1.00 35.06 ? 1089 GLU A CB  1 
ATOM   200  C CG  . GLU A 1 28  ? -10.323 -0.089  -15.288 1.00 37.90 ? 1089 GLU A CG  1 
ATOM   201  C CD  . GLU A 1 28  ? -11.844 0.001   -15.173 1.00 39.68 ? 1089 GLU A CD  1 
ATOM   202  O OE1 . GLU A 1 28  ? -12.557 -1.028  -15.356 1.00 42.34 ? 1089 GLU A OE1 1 
ATOM   203  O OE2 . GLU A 1 28  ? -12.329 1.120   -14.897 1.00 43.45 ? 1089 GLU A OE2 1 
ATOM   204  N N   . LEU A 1 29  ? -7.658  -2.038  -13.527 1.00 29.81 ? 1090 LEU A N   1 
ATOM   205  C CA  . LEU A 1 29  ? -7.006  -1.722  -12.259 1.00 29.21 ? 1090 LEU A CA  1 
ATOM   206  C C   . LEU A 1 29  ? -5.485  -1.791  -12.389 1.00 29.18 ? 1090 LEU A C   1 
ATOM   207  O O   . LEU A 1 29  ? -4.807  -0.914  -11.896 1.00 26.98 ? 1090 LEU A O   1 
ATOM   208  C CB  . LEU A 1 29  ? -7.505  -2.635  -11.132 1.00 28.89 ? 1090 LEU A CB  1 
ATOM   209  C CG  . LEU A 1 29  ? -8.980  -2.443  -10.750 1.00 29.15 ? 1090 LEU A CG  1 
ATOM   210  C CD1 . LEU A 1 29  ? -9.479  -3.548  -9.848  1.00 29.57 ? 1090 LEU A CD1 1 
ATOM   211  C CD2 . LEU A 1 29  ? -9.208  -1.094  -10.094 1.00 29.83 ? 1090 LEU A CD2 1 
ATOM   212  N N   . ARG A 1 30  ? -4.959  -2.818  -13.056 1.00 30.39 ? 1091 ARG A N   1 
ATOM   213  C CA  . ARG A 1 30  ? -3.529  -2.900  -13.335 1.00 32.22 ? 1091 ARG A CA  1 
ATOM   214  C C   . ARG A 1 30  ? -3.041  -1.674  -14.078 1.00 32.41 ? 1091 ARG A C   1 
ATOM   215  O O   . ARG A 1 30  ? -2.078  -1.042  -13.656 1.00 29.48 ? 1091 ARG A O   1 
ATOM   216  C CB  . ARG A 1 30  ? -3.188  -4.123  -14.176 1.00 35.20 ? 1091 ARG A CB  1 
ATOM   217  C CG  . ARG A 1 30  ? -3.192  -5.414  -13.407 1.00 38.35 ? 1091 ARG A CG  1 
ATOM   218  C CD  . ARG A 1 30  ? -2.832  -6.587  -14.307 1.00 41.38 ? 1091 ARG A CD  1 
ATOM   219  N NE  . ARG A 1 30  ? -3.439  -7.806  -13.778 1.00 46.43 ? 1091 ARG A NE  1 
ATOM   220  C CZ  . ARG A 1 30  ? -4.475  -8.471  -14.292 1.00 44.81 ? 1091 ARG A CZ  1 
ATOM   221  N NH1 . ARG A 1 30  ? -4.900  -9.557  -13.654 1.00 47.90 ? 1091 ARG A NH1 1 
ATOM   222  N NH2 . ARG A 1 30  ? -5.086  -8.092  -15.424 1.00 44.15 ? 1091 ARG A NH2 1 
ATOM   223  N N   . GLN A 1 31  ? -3.710  -1.343  -15.181 1.00 33.39 ? 1092 GLN A N   1 
ATOM   224  C CA  . GLN A 1 31  ? -3.283  -0.218  -16.020 1.00 36.15 ? 1092 GLN A CA  1 
ATOM   225  C C   . GLN A 1 31  ? -3.245  1.096   -15.233 1.00 33.70 ? 1092 GLN A C   1 
ATOM   226  O O   . GLN A 1 31  ? -2.271  1.845   -15.317 1.00 31.77 ? 1092 GLN A O   1 
ATOM   227  C CB  . GLN A 1 31  ? -4.180  -0.090  -17.268 1.00 39.76 ? 1092 GLN A CB  1 
ATOM   228  C CG  . GLN A 1 31  ? -3.998  -1.210  -18.287 1.00 43.43 ? 1092 GLN A CG  1 
ATOM   229  C CD  . GLN A 1 31  ? -2.561  -1.340  -18.763 1.00 47.21 ? 1092 GLN A CD  1 
ATOM   230  O OE1 . GLN A 1 31  ? -1.914  -0.348  -19.094 1.00 51.23 ? 1092 GLN A OE1 1 
ATOM   231  N NE2 . GLN A 1 31  ? -2.048  -2.566  -18.779 1.00 52.09 ? 1092 GLN A NE2 1 
ATOM   232  N N   . ALA A 1 32  ? -4.279  1.347   -14.428 1.00 29.80 ? 1093 ALA A N   1 
ATOM   233  C CA  . ALA A 1 32  ? -4.328  2.567   -13.626 1.00 27.91 ? 1093 ALA A CA  1 
ATOM   234  C C   . ALA A 1 32  ? -3.359  2.533   -12.443 1.00 26.85 ? 1093 ALA A C   1 
ATOM   235  O O   . ALA A 1 32  ? -2.683  3.529   -12.168 1.00 26.44 ? 1093 ALA A O   1 
ATOM   236  C CB  . ALA A 1 32  ? -5.743  2.823   -13.134 1.00 29.20 ? 1093 ALA A CB  1 
ATOM   237  N N   . LEU A 1 33  ? -3.288  1.401   -11.741 1.00 24.17 ? 1094 LEU A N   1 
ATOM   238  C CA  . LEU A 1 33  ? -2.640  1.383   -10.422 1.00 24.30 ? 1094 LEU A CA  1 
ATOM   239  C C   . LEU A 1 33  ? -1.204  0.868   -10.408 1.00 23.80 ? 1094 LEU A C   1 
ATOM   240  O O   . LEU A 1 33  ? -0.428  1.275   -9.541  1.00 23.47 ? 1094 LEU A O   1 
ATOM   241  C CB  . LEU A 1 33  ? -3.486  0.570   -9.420  1.00 22.96 ? 1094 LEU A CB  1 
ATOM   242  C CG  . LEU A 1 33  ? -4.934  1.058   -9.211  1.00 22.49 ? 1094 LEU A CG  1 
ATOM   243  C CD1 . LEU A 1 33  ? -5.690  0.068   -8.334  1.00 22.14 ? 1094 LEU A CD1 1 
ATOM   244  C CD2 . LEU A 1 33  ? -5.005  2.466   -8.632  1.00 22.69 ? 1094 LEU A CD2 1 
ATOM   245  N N   . MET A 1 34  ? -0.846  -0.025  -11.335 1.00 24.14 ? 1095 MET A N   1 
ATOM   246  C CA  . MET A 1 34  ? 0.488   -0.626  -11.306 1.00 25.73 ? 1095 MET A CA  1 
ATOM   247  C C   . MET A 1 34  ? 1.585   0.420   -11.418 1.00 23.75 ? 1095 MET A C   1 
ATOM   248  O O   . MET A 1 34  ? 2.593   0.271   -10.755 1.00 24.19 ? 1095 MET A O   1 
ATOM   249  C CB  . MET A 1 34  ? 0.677   -1.713  -12.374 1.00 27.93 ? 1095 MET A CB  1 
ATOM   250  C CG  . MET A 1 34  ? 1.956   -2.527  -12.212 1.00 30.78 ? 1095 MET A CG  1 
ATOM   251  S SD  . MET A 1 34  ? 2.104   -3.455  -10.664 1.00 34.31 ? 1095 MET A SD  1 
ATOM   252  C CE  . MET A 1 34  ? 1.050   -4.853  -11.021 1.00 36.86 ? 1095 MET A CE  1 
ATOM   253  N N   . PRO A 1 35  ? 1.370   1.506   -12.204 1.00 23.52 ? 1096 PRO A N   1 
ATOM   254  C CA  . PRO A 1 35  ? 2.398   2.552   -12.217 1.00 23.44 ? 1096 PRO A CA  1 
ATOM   255  C C   . PRO A 1 35  ? 2.712   3.159   -10.845 1.00 24.06 ? 1096 PRO A C   1 
ATOM   256  O O   . PRO A 1 35  ? 3.884   3.433   -10.549 1.00 23.69 ? 1096 PRO A O   1 
ATOM   257  C CB  . PRO A 1 35  ? 1.814   3.605   -13.158 1.00 24.61 ? 1096 PRO A CB  1 
ATOM   258  C CG  . PRO A 1 35  ? 0.983   2.818   -14.111 1.00 24.81 ? 1096 PRO A CG  1 
ATOM   259  C CD  . PRO A 1 35  ? 0.359   1.746   -13.251 1.00 24.42 ? 1096 PRO A CD  1 
ATOM   260  N N   . THR A 1 36  ? 1.694   3.330   -10.000 1.00 23.19 ? 1097 THR A N   1 
ATOM   261  C CA  . THR A 1 36  ? 1.927   3.860   -8.654  1.00 22.74 ? 1097 THR A CA  1 
ATOM   262  C C   . THR A 1 36  ? 2.710   2.878   -7.794  1.00 21.98 ? 1097 THR A C   1 
ATOM   263  O O   . THR A 1 36  ? 3.571   3.301   -7.032  1.00 21.72 ? 1097 THR A O   1 
ATOM   264  C CB  . THR A 1 36  ? 0.633   4.304   -7.931  1.00 23.37 ? 1097 THR A CB  1 
ATOM   265  O OG1 . THR A 1 36  ? -0.193  3.174   -7.644  1.00 23.34 ? 1097 THR A OG1 1 
ATOM   266  C CG2 . THR A 1 36  ? -0.147  5.293   -8.785  1.00 24.24 ? 1097 THR A CG2 1 
ATOM   267  N N   . LEU A 1 37  ? 2.434   1.575   -7.916  1.00 21.69 ? 1098 LEU A N   1 
ATOM   268  C CA  . LEU A 1 37  ? 3.206   0.546   -7.218  1.00 22.21 ? 1098 LEU A CA  1 
ATOM   269  C C   . LEU A 1 37  ? 4.650   0.486   -7.720  1.00 21.76 ? 1098 LEU A C   1 
ATOM   270  O O   . LEU A 1 37  ? 5.592   0.355   -6.918  1.00 21.82 ? 1098 LEU A O   1 
ATOM   271  C CB  . LEU A 1 37  ? 2.564   -0.852  -7.354  1.00 22.87 ? 1098 LEU A CB  1 
ATOM   272  C CG  . LEU A 1 37  ? 3.113   -1.961  -6.408  1.00 23.46 ? 1098 LEU A CG  1 
ATOM   273  C CD1 . LEU A 1 37  ? 2.915   -1.678  -4.929  1.00 24.60 ? 1098 LEU A CD1 1 
ATOM   274  C CD2 . LEU A 1 37  ? 2.470   -3.301  -6.733  1.00 24.32 ? 1098 LEU A CD2 1 
ATOM   275  N N   . GLU A 1 38  ? 4.813   0.575   -9.044  1.00 21.98 ? 1099 GLU A N   1 
ATOM   276  C CA  . GLU A 1 38  ? 6.150   0.603   -9.672  1.00 23.00 ? 1099 GLU A CA  1 
ATOM   277  C C   . GLU A 1 38  ? 6.990   1.768   -9.121  1.00 20.89 ? 1099 GLU A C   1 
ATOM   278  O O   . GLU A 1 38  ? 8.194   1.607   -8.836  1.00 21.15 ? 1099 GLU A O   1 
ATOM   279  C CB  . GLU A 1 38  ? 6.023   0.666   -11.202 1.00 23.74 ? 1099 GLU A CB  1 
ATOM   280  C CG  . GLU A 1 38  ? 5.524   -0.629  -11.843 1.00 26.08 ? 1099 GLU A CG  1 
ATOM   281  C CD  . GLU A 1 38  ? 5.059   -0.502  -13.295 1.00 27.63 ? 1099 GLU A CD  1 
ATOM   282  O OE1 . GLU A 1 38  ? 4.957   0.619   -13.852 1.00 28.90 ? 1099 GLU A OE1 1 
ATOM   283  O OE2 . GLU A 1 38  ? 4.778   -1.557  -13.899 1.00 29.33 ? 1099 GLU A OE2 1 
ATOM   284  N N   . ALA A 1 39  ? 6.348   2.922   -8.940  1.00 21.25 ? 1100 ALA A N   1 
ATOM   285  C CA  . ALA A 1 39  ? 6.980   4.107   -8.354  1.00 21.00 ? 1100 ALA A CA  1 
ATOM   286  C C   . ALA A 1 39  ? 7.571   3.836   -6.987  1.00 21.60 ? 1100 ALA A C   1 
ATOM   287  O O   . ALA A 1 39  ? 8.637   4.327   -6.674  1.00 20.83 ? 1100 ALA A O   1 
ATOM   288  C CB  . ALA A 1 39  ? 6.015   5.284   -8.297  1.00 21.34 ? 1100 ALA A CB  1 
ATOM   289  N N   . LEU A 1 40  ? 6.894   3.021   -6.175  1.00 22.11 ? 1101 LEU A N   1 
ATOM   290  C CA  . LEU A 1 40  ? 7.457   2.623   -4.885  1.00 21.44 ? 1101 LEU A CA  1 
ATOM   291  C C   . LEU A 1 40  ? 8.635   1.656   -5.016  1.00 20.91 ? 1101 LEU A C   1 
ATOM   292  O O   . LEU A 1 40  ? 9.667   1.844   -4.381  1.00 21.45 ? 1101 LEU A O   1 
ATOM   293  C CB  . LEU A 1 40  ? 6.375   2.039   -3.975  1.00 20.73 ? 1101 LEU A CB  1 
ATOM   294  C CG  . LEU A 1 40  ? 5.131   2.896   -3.766  1.00 19.99 ? 1101 LEU A CG  1 
ATOM   295  C CD1 . LEU A 1 40  ? 4.174   2.156   -2.825  1.00 19.74 ? 1101 LEU A CD1 1 
ATOM   296  C CD2 . LEU A 1 40  ? 5.447   4.289   -3.241  1.00 19.29 ? 1101 LEU A CD2 1 
ATOM   297  N N   . TYR A 1 41  ? 8.498   0.629   -5.844  1.00 20.55 ? 1102 TYR A N   1 
ATOM   298  C CA  . TYR A 1 41  ? 9.607   -0.290  -6.107  1.00 21.42 ? 1102 TYR A CA  1 
ATOM   299  C C   . TYR A 1 41  ? 10.885  0.425   -6.595  1.00 22.02 ? 1102 TYR A C   1 
ATOM   300  O O   . TYR A 1 41  ? 11.990  -0.012  -6.266  1.00 21.96 ? 1102 TYR A O   1 
ATOM   301  C CB  . TYR A 1 41  ? 9.202   -1.328  -7.148  1.00 21.96 ? 1102 TYR A CB  1 
ATOM   302  C CG  . TYR A 1 41  ? 8.519   -2.554  -6.594  1.00 20.91 ? 1102 TYR A CG  1 
ATOM   303  C CD1 . TYR A 1 41  ? 9.268   -3.604  -6.104  1.00 20.98 ? 1102 TYR A CD1 1 
ATOM   304  C CD2 . TYR A 1 41  ? 7.140   -2.675  -6.598  1.00 21.50 ? 1102 TYR A CD2 1 
ATOM   305  C CE1 . TYR A 1 41  ? 8.672   -4.751  -5.612  1.00 21.75 ? 1102 TYR A CE1 1 
ATOM   306  C CE2 . TYR A 1 41  ? 6.517   -3.825  -6.125  1.00 21.61 ? 1102 TYR A CE2 1 
ATOM   307  C CZ  . TYR A 1 41  ? 7.282   -4.854  -5.624  1.00 21.24 ? 1102 TYR A CZ  1 
ATOM   308  O OH  . TYR A 1 41  ? 6.718   -6.008  -5.149  1.00 21.66 ? 1102 TYR A OH  1 
ATOM   309  N N   . ARG A 1 42  ? 10.721  1.505   -7.355  1.00 23.68 ? 1103 ARG A N   1 
ATOM   310  C CA  . ARG A 1 42  ? 11.860  2.260   -7.903  1.00 26.37 ? 1103 ARG A CA  1 
ATOM   311  C C   . ARG A 1 42  ? 12.673  2.982   -6.836  1.00 28.61 ? 1103 ARG A C   1 
ATOM   312  O O   . ARG A 1 42  ? 13.801  3.391   -7.101  1.00 29.38 ? 1103 ARG A O   1 
ATOM   313  C CB  . ARG A 1 42  ? 11.393  3.291   -8.926  1.00 26.80 ? 1103 ARG A CB  1 
ATOM   314  C CG  . ARG A 1 42  ? 11.042  2.712   -10.272 1.00 28.00 ? 1103 ARG A CG  1 
ATOM   315  C CD  . ARG A 1 42  ? 11.012  3.816   -11.311 1.00 27.97 ? 1103 ARG A CD  1 
ATOM   316  N NE  . ARG A 1 42  ? 9.950   4.804   -11.103 1.00 26.87 ? 1103 ARG A NE  1 
ATOM   317  C CZ  . ARG A 1 42  ? 8.686   4.668   -11.501 1.00 26.64 ? 1103 ARG A CZ  1 
ATOM   318  N NH1 . ARG A 1 42  ? 7.826   5.661   -11.309 1.00 27.46 ? 1103 ARG A NH1 1 
ATOM   319  N NH2 . ARG A 1 42  ? 8.266   3.549   -12.076 1.00 27.53 ? 1103 ARG A NH2 1 
ATOM   320  N N   . GLN A 1 43  ? 12.104  3.168   -5.642  1.00 26.17 ? 1104 GLN A N   1 
ATOM   321  C CA  . GLN A 1 43  ? 12.817  3.828   -4.555  1.00 26.52 ? 1104 GLN A CA  1 
ATOM   322  C C   . GLN A 1 43  ? 13.830  2.859   -3.968  1.00 27.75 ? 1104 GLN A C   1 
ATOM   323  O O   . GLN A 1 43  ? 13.483  1.809   -3.405  1.00 25.86 ? 1104 GLN A O   1 
ATOM   324  C CB  . GLN A 1 43  ? 11.850  4.373   -3.482  1.00 27.09 ? 1104 GLN A CB  1 
ATOM   325  C CG  . GLN A 1 43  ? 10.688  5.210   -4.015  1.00 27.30 ? 1104 GLN A CG  1 
ATOM   326  C CD  . GLN A 1 43  ? 11.101  6.375   -4.919  1.00 29.14 ? 1104 GLN A CD  1 
ATOM   327  O OE1 . GLN A 1 43  ? 11.920  7.208   -4.537  1.00 29.51 ? 1104 GLN A OE1 1 
ATOM   328  N NE2 . GLN A 1 43  ? 10.505  6.448   -6.118  1.00 28.74 ? 1104 GLN A NE2 1 
ATOM   329  N N   . ASP A 1 44  ? 15.104  3.208   -4.153  1.00 27.64 ? 1105 ASP A N   1 
ATOM   330  C CA  . ASP A 1 44  ? 16.224  2.418   -3.696  1.00 29.59 ? 1105 ASP A CA  1 
ATOM   331  C C   . ASP A 1 44  ? 17.086  3.411   -2.919  1.00 28.92 ? 1105 ASP A C   1 
ATOM   332  O O   . ASP A 1 44  ? 17.495  4.417   -3.491  1.00 28.93 ? 1105 ASP A O   1 
ATOM   333  C CB  . ASP A 1 44  ? 16.976  1.847   -4.912  1.00 32.56 ? 1105 ASP A CB  1 
ATOM   334  C CG  . ASP A 1 44  ? 17.955  0.737   -4.544  1.00 33.24 ? 1105 ASP A CG  1 
ATOM   335  O OD1 . ASP A 1 44  ? 18.570  0.786   -3.477  1.00 34.29 ? 1105 ASP A OD1 1 
ATOM   336  O OD2 . ASP A 1 44  ? 18.126  -0.197  -5.347  1.00 39.81 ? 1105 ASP A OD2 1 
ATOM   337  N N   . PRO A 1 45  ? 17.357  3.181   -1.632  1.00 27.33 ? 1106 PRO A N   1 
ATOM   338  C CA  . PRO A 1 45  ? 17.126  1.930   -0.904  1.00 25.55 ? 1106 PRO A CA  1 
ATOM   339  C C   . PRO A 1 45  ? 15.765  1.814   -0.181  1.00 24.13 ? 1106 PRO A C   1 
ATOM   340  O O   . PRO A 1 45  ? 15.525  0.801   0.464   1.00 22.65 ? 1106 PRO A O   1 
ATOM   341  C CB  . PRO A 1 45  ? 18.223  1.978   0.159   1.00 25.67 ? 1106 PRO A CB  1 
ATOM   342  C CG  . PRO A 1 45  ? 18.317  3.430   0.472   1.00 26.67 ? 1106 PRO A CG  1 
ATOM   343  C CD  . PRO A 1 45  ? 18.201  4.111   -0.863  1.00 26.49 ? 1106 PRO A CD  1 
ATOM   344  N N   . GLU A 1 46  ? 14.906  2.819   -0.293  1.00 23.54 ? 1107 GLU A N   1 
ATOM   345  C CA  . GLU A 1 46  ? 13.761  2.942   0.626   1.00 23.45 ? 1107 GLU A CA  1 
ATOM   346  C C   . GLU A 1 46  ? 12.736  1.817   0.484   1.00 22.63 ? 1107 GLU A C   1 
ATOM   347  O O   . GLU A 1 46  ? 12.065  1.471   1.473   1.00 22.44 ? 1107 GLU A O   1 
ATOM   348  C CB  . GLU A 1 46  ? 13.073  4.311   0.501   1.00 23.92 ? 1107 GLU A CB  1 
ATOM   349  C CG  . GLU A 1 46  ? 13.940  5.471   0.986   1.00 24.99 ? 1107 GLU A CG  1 
ATOM   350  C CD  . GLU A 1 46  ? 14.842  6.077   -0.082  1.00 26.93 ? 1107 GLU A CD  1 
ATOM   351  O OE1 . GLU A 1 46  ? 15.086  5.429   -1.124  1.00 27.25 ? 1107 GLU A OE1 1 
ATOM   352  O OE2 . GLU A 1 46  ? 15.311  7.213   0.144   1.00 28.44 ? 1107 GLU A OE2 1 
ATOM   353  N N   . SER A 1 47  ? 12.589  1.257   -0.712  1.00 20.91 ? 1108 SER A N   1 
ATOM   354  C CA  . SER A 1 47  ? 11.676  0.114   -0.880  1.00 20.89 ? 1108 SER A CA  1 
ATOM   355  C C   . SER A 1 47  ? 12.193  -1.235  -0.353  1.00 21.34 ? 1108 SER A C   1 
ATOM   356  O O   . SER A 1 47  ? 11.399  -2.166  -0.184  1.00 20.70 ? 1108 SER A O   1 
ATOM   357  C CB  . SER A 1 47  ? 11.213  -0.004  -2.328  1.00 21.04 ? 1108 SER A CB  1 
ATOM   358  O OG  . SER A 1 47  ? 12.201  -0.562  -3.170  1.00 23.07 ? 1108 SER A OG  1 
ATOM   359  N N   . LEU A 1 48  ? 13.499  -1.357  -0.081  1.00 22.15 ? 1109 LEU A N   1 
ATOM   360  C CA  . LEU A 1 48  ? 14.092  -2.675  0.237   1.00 22.06 ? 1109 LEU A CA  1 
ATOM   361  C C   . LEU A 1 48  ? 13.465  -3.388  1.433   1.00 21.45 ? 1109 LEU A C   1 
ATOM   362  O O   . LEU A 1 48  ? 13.263  -4.602  1.365   1.00 21.29 ? 1109 LEU A O   1 
ATOM   363  C CB  . LEU A 1 48  ? 15.620  -2.594  0.444   1.00 25.01 ? 1109 LEU A CB  1 
ATOM   364  C CG  . LEU A 1 48  ? 16.579  -2.795  -0.754  1.00 27.29 ? 1109 LEU A CG  1 
ATOM   365  C CD1 . LEU A 1 48  ? 15.926  -2.790  -2.116  1.00 29.26 ? 1109 LEU A CD1 1 
ATOM   366  C CD2 . LEU A 1 48  ? 17.710  -1.778  -0.683  1.00 27.73 ? 1109 LEU A CD2 1 
ATOM   367  N N   . PRO A 1 49  ? 13.143  -2.651  2.516   1.00 21.26 ? 1110 PRO A N   1 
ATOM   368  C CA  . PRO A 1 49  ? 12.439  -3.336  3.629   1.00 21.05 ? 1110 PRO A CA  1 
ATOM   369  C C   . PRO A 1 49  ? 10.982  -3.718  3.348   1.00 19.68 ? 1110 PRO A C   1 
ATOM   370  O O   . PRO A 1 49  ? 10.390  -4.374  4.191   1.00 20.52 ? 1110 PRO A O   1 
ATOM   371  C CB  . PRO A 1 49  ? 12.483  -2.316  4.773   1.00 22.20 ? 1110 PRO A CB  1 
ATOM   372  C CG  . PRO A 1 49  ? 13.514  -1.310  4.372   1.00 23.18 ? 1110 PRO A CG  1 
ATOM   373  C CD  . PRO A 1 49  ? 13.507  -1.273  2.877   1.00 22.38 ? 1110 PRO A CD  1 
ATOM   374  N N   . PHE A 1 50  ? 10.420  -3.281  2.221   1.00 20.07 ? 1111 PHE A N   1 
ATOM   375  C CA  . PHE A 1 50  ? 9.009   -3.481  1.871   1.00 20.09 ? 1111 PHE A CA  1 
ATOM   376  C C   . PHE A 1 50  ? 8.738   -4.403  0.673   1.00 21.81 ? 1111 PHE A C   1 
ATOM   377  O O   . PHE A 1 50  ? 7.580   -4.581  0.292   1.00 20.31 ? 1111 PHE A O   1 
ATOM   378  C CB  . PHE A 1 50  ? 8.381   -2.118  1.614   1.00 21.26 ? 1111 PHE A CB  1 
ATOM   379  C CG  . PHE A 1 50  ? 8.515   -1.194  2.774   1.00 20.95 ? 1111 PHE A CG  1 
ATOM   380  C CD1 . PHE A 1 50  ? 7.566   -1.198  3.789   1.00 22.64 ? 1111 PHE A CD1 1 
ATOM   381  C CD2 . PHE A 1 50  ? 9.615   -0.349  2.885   1.00 21.84 ? 1111 PHE A CD2 1 
ATOM   382  C CE1 . PHE A 1 50  ? 7.701   -0.351  4.878   1.00 22.66 ? 1111 PHE A CE1 1 
ATOM   383  C CE2 . PHE A 1 50  ? 9.753   0.502   3.970   1.00 22.52 ? 1111 PHE A CE2 1 
ATOM   384  C CZ  . PHE A 1 50  ? 8.798   0.504   4.961   1.00 22.32 ? 1111 PHE A CZ  1 
ATOM   385  N N   . ARG A 1 51  ? 9.788   -4.986  0.090   1.00 22.04 ? 1112 ARG A N   1 
ATOM   386  C CA  . ARG A 1 51  ? 9.640   -5.817  -1.114  1.00 23.58 ? 1112 ARG A CA  1 
ATOM   387  C C   . ARG A 1 51  ? 9.264   -7.259  -0.819  1.00 23.08 ? 1112 ARG A C   1 
ATOM   388  O O   . ARG A 1 51  ? 9.061   -8.033  -1.737  1.00 24.07 ? 1112 ARG A O   1 
ATOM   389  C CB  . ARG A 1 51  ? 10.953  -5.806  -1.911  1.00 24.66 ? 1112 ARG A CB  1 
ATOM   390  C CG  . ARG A 1 51  ? 11.157  -4.512  -2.637  1.00 24.95 ? 1112 ARG A CG  1 
ATOM   391  C CD  . ARG A 1 51  ? 12.464  -4.586  -3.401  1.00 27.18 ? 1112 ARG A CD  1 
ATOM   392  N NE  . ARG A 1 51  ? 12.705  -3.351  -4.124  1.00 29.00 ? 1112 ARG A NE  1 
ATOM   393  C CZ  . ARG A 1 51  ? 13.762  -3.132  -4.896  1.00 31.07 ? 1112 ARG A CZ  1 
ATOM   394  N NH1 . ARG A 1 51  ? 14.702  -4.064  -5.032  1.00 32.80 ? 1112 ARG A NH1 1 
ATOM   395  N NH2 . ARG A 1 51  ? 13.892  -1.969  -5.509  1.00 32.19 ? 1112 ARG A NH2 1 
ATOM   396  N N   . GLN A 1 52  ? 9.196   -7.629  0.454   1.00 23.01 ? 1113 GLN A N   1 
ATOM   397  C CA  . GLN A 1 52  ? 8.837   -8.972  0.855   1.00 23.23 ? 1113 GLN A CA  1 
ATOM   398  C C   . GLN A 1 52  ? 8.093   -8.848  2.183   1.00 23.06 ? 1113 GLN A C   1 
ATOM   399  O O   . GLN A 1 52  ? 8.232   -7.820  2.861   1.00 22.25 ? 1113 GLN A O   1 
ATOM   400  C CB  . GLN A 1 52  ? 10.096  -9.833  1.016   1.00 23.95 ? 1113 GLN A CB  1 
ATOM   401  C CG  . GLN A 1 52  ? 11.119  -9.327  2.038   1.00 24.28 ? 1113 GLN A CG  1 
ATOM   402  C CD  . GLN A 1 52  ? 11.865  -8.082  1.595   1.00 26.68 ? 1113 GLN A CD  1 
ATOM   403  O OE1 . GLN A 1 52  ? 12.424  -8.034  0.494   1.00 25.40 ? 1113 GLN A OE1 1 
ATOM   404  N NE2 . GLN A 1 52  ? 11.841  -7.045  2.434   1.00 24.80 ? 1113 GLN A NE2 1 
ATOM   405  N N   . PRO A 1 53  ? 7.303   -9.867  2.554   1.00 23.89 ? 1114 PRO A N   1 
ATOM   406  C CA  . PRO A 1 53  ? 6.675   -9.822  3.872   1.00 23.06 ? 1114 PRO A CA  1 
ATOM   407  C C   . PRO A 1 53  ? 7.711   -9.825  4.980   1.00 23.71 ? 1114 PRO A C   1 
ATOM   408  O O   . PRO A 1 53  ? 8.782   -10.420 4.833   1.00 22.48 ? 1114 PRO A O   1 
ATOM   409  C CB  . PRO A 1 53  ? 5.833   -11.112 3.915   1.00 23.64 ? 1114 PRO A CB  1 
ATOM   410  C CG  . PRO A 1 53  ? 5.557   -11.424 2.489   1.00 24.37 ? 1114 PRO A CG  1 
ATOM   411  C CD  . PRO A 1 53  ? 6.772   -10.971 1.735   1.00 24.22 ? 1114 PRO A CD  1 
ATOM   412  N N   . VAL A 1 54  ? 7.386   -9.158  6.080   1.00 22.74 ? 1115 VAL A N   1 
ATOM   413  C CA  . VAL A 1 54  ? 8.241   -9.166  7.247   1.00 23.70 ? 1115 VAL A CA  1 
ATOM   414  C C   . VAL A 1 54  ? 8.351   -10.603 7.737   1.00 25.53 ? 1115 VAL A C   1 
ATOM   415  O O   . VAL A 1 54  ? 7.336   -11.279 7.907   1.00 25.13 ? 1115 VAL A O   1 
ATOM   416  C CB  . VAL A 1 54  ? 7.662   -8.272  8.357   1.00 23.22 ? 1115 VAL A CB  1 
ATOM   417  C CG1 . VAL A 1 54  ? 8.268   -8.599  9.712   1.00 23.40 ? 1115 VAL A CG1 1 
ATOM   418  C CG2 . VAL A 1 54  ? 7.847   -6.804  7.981   1.00 24.13 ? 1115 VAL A CG2 1 
ATOM   419  N N   . ASP A 1 55  ? 9.586   -11.051 7.951   1.00 26.44 ? 1116 ASP A N   1 
ATOM   420  C CA  . ASP A 1 55  ? 9.864   -12.382 8.464   1.00 27.32 ? 1116 ASP A CA  1 
ATOM   421  C C   . ASP A 1 55  ? 10.476  -12.213 9.852   1.00 26.63 ? 1116 ASP A C   1 
ATOM   422  O O   . ASP A 1 55  ? 11.669  -11.962 9.967   1.00 26.36 ? 1116 ASP A O   1 
ATOM   423  C CB  . ASP A 1 55  ? 10.814  -13.119 7.514   1.00 28.40 ? 1116 ASP A CB  1 
ATOM   424  C CG  . ASP A 1 55  ? 11.181  -14.525 8.004   1.00 28.99 ? 1116 ASP A CG  1 
ATOM   425  O OD1 . ASP A 1 55  ? 10.963  -14.840 9.191   1.00 29.25 ? 1116 ASP A OD1 1 
ATOM   426  O OD2 . ASP A 1 55  ? 11.718  -15.308 7.190   1.00 30.00 ? 1116 ASP A OD2 1 
ATOM   427  N N   . PRO A 1 56  ? 9.659   -12.352 10.915  1.00 27.12 ? 1117 PRO A N   1 
ATOM   428  C CA  . PRO A 1 56  ? 10.121  -12.116 12.295  1.00 28.67 ? 1117 PRO A CA  1 
ATOM   429  C C   . PRO A 1 56  ? 11.341  -12.910 12.759  1.00 29.85 ? 1117 PRO A C   1 
ATOM   430  O O   . PRO A 1 56  ? 12.149  -12.390 13.532  1.00 31.10 ? 1117 PRO A O   1 
ATOM   431  C CB  . PRO A 1 56  ? 8.902   -12.513 13.139  1.00 28.33 ? 1117 PRO A CB  1 
ATOM   432  C CG  . PRO A 1 56  ? 7.744   -12.247 12.263  1.00 27.54 ? 1117 PRO A CG  1 
ATOM   433  C CD  . PRO A 1 56  ? 8.202   -12.601 10.874  1.00 27.90 ? 1117 PRO A CD  1 
ATOM   434  N N   . GLN A 1 57  ? 11.473  -14.141 12.277  1.00 32.96 ? 1118 GLN A N   1 
ATOM   435  C CA  . GLN A 1 57  ? 12.558  -15.030 12.711  1.00 36.40 ? 1118 GLN A CA  1 
ATOM   436  C C   . GLN A 1 57  ? 13.868  -14.583 12.061  1.00 34.68 ? 1118 GLN A C   1 
ATOM   437  O O   . GLN A 1 57  ? 14.874  -14.462 12.739  1.00 36.35 ? 1118 GLN A O   1 
ATOM   438  C CB  . GLN A 1 57  ? 12.280  -16.550 12.485  1.00 40.06 ? 1118 GLN A CB  1 
ATOM   439  C CG  . GLN A 1 57  ? 11.021  -17.012 11.727  1.00 42.95 ? 1118 GLN A CG  1 
ATOM   440  C CD  . GLN A 1 57  ? 9.687   -16.637 12.380  1.00 44.62 ? 1118 GLN A CD  1 
ATOM   441  O OE1 . GLN A 1 57  ? 8.742   -16.236 11.695  1.00 46.77 ? 1118 GLN A OE1 1 
ATOM   442  N NE2 . GLN A 1 57  ? 9.608   -16.753 13.697  1.00 47.91 ? 1118 GLN A NE2 1 
ATOM   443  N N   . LEU A 1 58  ? 13.835  -14.312 10.760  1.00 34.12 ? 1119 LEU A N   1 
ATOM   444  C CA  . LEU A 1 58  ? 14.990  -13.759 10.046  1.00 32.79 ? 1119 LEU A CA  1 
ATOM   445  C C   . LEU A 1 58  ? 15.465  -12.425 10.630  1.00 31.34 ? 1119 LEU A C   1 
ATOM   446  O O   . LEU A 1 58  ? 16.664  -12.189 10.764  1.00 29.65 ? 1119 LEU A O   1 
ATOM   447  C CB  . LEU A 1 58  ? 14.643  -13.566 8.560   1.00 35.56 ? 1119 LEU A CB  1 
ATOM   448  C CG  . LEU A 1 58  ? 15.707  -12.956 7.647   1.00 37.19 ? 1119 LEU A CG  1 
ATOM   449  C CD1 . LEU A 1 58  ? 16.940  -13.854 7.592   1.00 38.88 ? 1119 LEU A CD1 1 
ATOM   450  C CD2 . LEU A 1 58  ? 15.132  -12.727 6.255   1.00 37.81 ? 1119 LEU A CD2 1 
ATOM   451  N N   . LEU A 1 59  ? 14.518  -11.558 10.970  1.00 27.94 ? 1120 LEU A N   1 
ATOM   452  C CA  . LEU A 1 59  ? 14.816  -10.203 11.410  1.00 27.41 ? 1120 LEU A CA  1 
ATOM   453  C C   . LEU A 1 59  ? 15.012  -10.035 12.925  1.00 27.27 ? 1120 LEU A C   1 
ATOM   454  O O   . LEU A 1 59  ? 15.274  -8.926  13.386  1.00 27.60 ? 1120 LEU A O   1 
ATOM   455  C CB  . LEU A 1 59  ? 13.711  -9.276  10.899  1.00 27.65 ? 1120 LEU A CB  1 
ATOM   456  C CG  . LEU A 1 59  ? 13.584  -9.180  9.375   1.00 25.82 ? 1120 LEU A CG  1 
ATOM   457  C CD1 . LEU A 1 59  ? 12.339  -8.396  9.009   1.00 26.21 ? 1120 LEU A CD1 1 
ATOM   458  C CD2 . LEU A 1 59  ? 14.827  -8.533  8.760   1.00 25.79 ? 1120 LEU A CD2 1 
ATOM   459  N N   . GLY A 1 60  ? 14.889  -11.128 13.685  1.00 26.82 ? 1121 GLY A N   1 
ATOM   460  C CA  . GLY A 1 60  ? 15.039  -11.119 15.134  1.00 27.27 ? 1121 GLY A CA  1 
ATOM   461  C C   . GLY A 1 60  ? 14.006  -10.299 15.884  1.00 27.26 ? 1121 GLY A C   1 
ATOM   462  O O   . GLY A 1 60  ? 14.319  -9.717  16.929  1.00 28.56 ? 1121 GLY A O   1 
ATOM   463  N N   . ILE A 1 61  ? 12.776  -10.256 15.370  1.00 28.05 ? 1122 ILE A N   1 
ATOM   464  C CA  . ILE A 1 61  ? 11.693  -9.460  15.972  1.00 26.72 ? 1122 ILE A CA  1 
ATOM   465  C C   . ILE A 1 61  ? 10.460  -10.354 16.235  1.00 28.68 ? 1122 ILE A C   1 
ATOM   466  O O   . ILE A 1 61  ? 9.394   -10.159 15.636  1.00 26.53 ? 1122 ILE A O   1 
ATOM   467  C CB  . ILE A 1 61  ? 11.362  -8.206  15.119  1.00 27.02 ? 1122 ILE A CB  1 
ATOM   468  C CG1 . ILE A 1 61  ? 11.116  -8.560  13.647  1.00 25.75 ? 1122 ILE A CG1 1 
ATOM   469  C CG2 . ILE A 1 61  ? 12.500  -7.184  15.233  1.00 26.83 ? 1122 ILE A CG2 1 
ATOM   470  C CD1 . ILE A 1 61  ? 10.516  -7.439  12.823  1.00 25.15 ? 1122 ILE A CD1 1 
ATOM   471  N N   . PRO A 1 62  ? 10.610  -11.342 17.144  1.00 29.62 ? 1123 PRO A N   1 
ATOM   472  C CA  . PRO A 1 62  ? 9.547   -12.327 17.411  1.00 31.50 ? 1123 PRO A CA  1 
ATOM   473  C C   . PRO A 1 62  ? 8.243   -11.744 17.939  1.00 31.49 ? 1123 PRO A C   1 
ATOM   474  O O   . PRO A 1 62  ? 7.200   -12.392 17.816  1.00 30.90 ? 1123 PRO A O   1 
ATOM   475  C CB  . PRO A 1 62  ? 10.177  -13.258 18.461  1.00 32.46 ? 1123 PRO A CB  1 
ATOM   476  C CG  . PRO A 1 62  ? 11.296  -12.489 19.056  1.00 32.19 ? 1123 PRO A CG  1 
ATOM   477  C CD  . PRO A 1 62  ? 11.819  -11.647 17.933  1.00 31.02 ? 1123 PRO A CD  1 
ATOM   478  N N   . ASP A 1 63  ? 8.290   -10.540 18.511  1.00 30.62 ? 1124 ASP A N   1 
ATOM   479  C CA  . ASP A 1 63  ? 7.059   -9.873  18.926  1.00 29.14 ? 1124 ASP A CA  1 
ATOM   480  C C   . ASP A 1 63  ? 6.282   -9.206  17.782  1.00 27.90 ? 1124 ASP A C   1 
ATOM   481  O O   . ASP A 1 63  ? 5.238   -8.638  18.046  1.00 25.57 ? 1124 ASP A O   1 
ATOM   482  C CB  . ASP A 1 63  ? 7.319   -8.899  20.094  1.00 30.26 ? 1124 ASP A CB  1 
ATOM   483  C CG  . ASP A 1 63  ? 8.081   -7.649  19.689  1.00 32.68 ? 1124 ASP A CG  1 
ATOM   484  O OD1 . ASP A 1 63  ? 8.526   -7.515  18.521  1.00 30.85 ? 1124 ASP A OD1 1 
ATOM   485  O OD2 . ASP A 1 63  ? 8.247   -6.790  20.573  1.00 32.94 ? 1124 ASP A OD2 1 
ATOM   486  N N   . TYR A 1 64  ? 6.764   -9.293  16.530  1.00 25.78 ? 1125 TYR A N   1 
ATOM   487  C CA  . TYR A 1 64  ? 6.177   -8.546  15.417  1.00 25.64 ? 1125 TYR A CA  1 
ATOM   488  C C   . TYR A 1 64  ? 4.670   -8.732  15.276  1.00 25.68 ? 1125 TYR A C   1 
ATOM   489  O O   . TYR A 1 64  ? 3.927   -7.744  15.168  1.00 24.78 ? 1125 TYR A O   1 
ATOM   490  C CB  . TYR A 1 64  ? 6.867   -8.864  14.076  1.00 23.93 ? 1125 TYR A CB  1 
ATOM   491  C CG  . TYR A 1 64  ? 6.372   -7.995  12.928  1.00 22.72 ? 1125 TYR A CG  1 
ATOM   492  C CD1 . TYR A 1 64  ? 6.804   -6.665  12.788  1.00 20.64 ? 1125 TYR A CD1 1 
ATOM   493  C CD2 . TYR A 1 64  ? 5.437   -8.484  12.009  1.00 21.67 ? 1125 TYR A CD2 1 
ATOM   494  C CE1 . TYR A 1 64  ? 6.325   -5.868  11.750  1.00 20.24 ? 1125 TYR A CE1 1 
ATOM   495  C CE2 . TYR A 1 64  ? 4.962   -7.703  10.962  1.00 21.14 ? 1125 TYR A CE2 1 
ATOM   496  C CZ  . TYR A 1 64  ? 5.409   -6.398  10.833  1.00 19.81 ? 1125 TYR A CZ  1 
ATOM   497  O OH  . TYR A 1 64  ? 4.933   -5.628  9.806   1.00 20.00 ? 1125 TYR A OH  1 
ATOM   498  N N   . PHE A 1 65  ? 4.218   -9.983  15.290  1.00 26.02 ? 1126 PHE A N   1 
ATOM   499  C CA  . PHE A 1 65  ? 2.788   -10.257 15.121  1.00 26.95 ? 1126 PHE A CA  1 
ATOM   500  C C   . PHE A 1 65  ? 1.939   -10.027 16.389  1.00 27.29 ? 1126 PHE A C   1 
ATOM   501  O O   . PHE A 1 65  ? 0.719   -10.026 16.298  1.00 27.41 ? 1126 PHE A O   1 
ATOM   502  C CB  . PHE A 1 65  ? 2.544   -11.650 14.525  1.00 26.64 ? 1126 PHE A CB  1 
ATOM   503  C CG  . PHE A 1 65  ? 3.069   -11.815 13.110  1.00 27.18 ? 1126 PHE A CG  1 
ATOM   504  C CD1 . PHE A 1 65  ? 2.746   -10.904 12.108  1.00 27.02 ? 1126 PHE A CD1 1 
ATOM   505  C CD2 . PHE A 1 65  ? 3.841   -12.928 12.765  1.00 28.42 ? 1126 PHE A CD2 1 
ATOM   506  C CE1 . PHE A 1 65  ? 3.230   -11.054 10.811  1.00 27.11 ? 1126 PHE A CE1 1 
ATOM   507  C CE2 . PHE A 1 65  ? 4.314   -13.091 11.465  1.00 28.38 ? 1126 PHE A CE2 1 
ATOM   508  C CZ  . PHE A 1 65  ? 4.010   -12.150 10.487  1.00 28.02 ? 1126 PHE A CZ  1 
ATOM   509  N N   . ASP A 1 66  ? 2.561   -9.805  17.546  1.00 29.48 ? 1127 ASP A N   1 
ATOM   510  C CA  . ASP A 1 66  ? 1.818   -9.262  18.703  1.00 30.05 ? 1127 ASP A CA  1 
ATOM   511  C C   . ASP A 1 66  ? 1.359   -7.813  18.438  1.00 29.87 ? 1127 ASP A C   1 
ATOM   512  O O   . ASP A 1 66  ? 0.366   -7.356  19.013  1.00 32.55 ? 1127 ASP A O   1 
ATOM   513  C CB  . ASP A 1 66  ? 2.665   -9.265  19.977  1.00 32.31 ? 1127 ASP A CB  1 
ATOM   514  C CG  . ASP A 1 66  ? 3.146   -10.648 20.368  1.00 36.77 ? 1127 ASP A CG  1 
ATOM   515  O OD1 . ASP A 1 66  ? 2.653   -11.630 19.796  1.00 42.11 ? 1127 ASP A OD1 1 
ATOM   516  O OD2 . ASP A 1 66  ? 4.023   -10.743 21.256  1.00 40.95 ? 1127 ASP A OD2 1 
ATOM   517  N N   . ILE A 1 67  ? 2.093   -7.091  17.592  1.00 27.31 ? 1128 ILE A N   1 
ATOM   518  C CA  . ILE A 1 67  ? 1.825   -5.677  17.302  1.00 26.07 ? 1128 ILE A CA  1 
ATOM   519  C C   . ILE A 1 67  ? 1.078   -5.458  15.984  1.00 25.36 ? 1128 ILE A C   1 
ATOM   520  O O   . ILE A 1 67  ? 0.141   -4.651  15.917  1.00 23.92 ? 1128 ILE A O   1 
ATOM   521  C CB  . ILE A 1 67  ? 3.160   -4.873  17.287  1.00 26.92 ? 1128 ILE A CB  1 
ATOM   522  C CG1 . ILE A 1 67  ? 3.887   -4.986  18.635  1.00 28.96 ? 1128 ILE A CG1 1 
ATOM   523  C CG2 . ILE A 1 67  ? 2.930   -3.408  16.920  1.00 26.49 ? 1128 ILE A CG2 1 
ATOM   524  C CD1 . ILE A 1 67  ? 3.074   -4.581  19.848  1.00 29.69 ? 1128 ILE A CD1 1 
ATOM   525  N N   . VAL A 1 68  ? 1.545   -6.126  14.930  1.00 24.24 ? 1129 VAL A N   1 
ATOM   526  C CA  . VAL A 1 68  ? 1.011   -5.988  13.596  1.00 25.53 ? 1129 VAL A CA  1 
ATOM   527  C C   . VAL A 1 68  ? 0.133   -7.195  13.314  1.00 26.83 ? 1129 VAL A C   1 
ATOM   528  O O   . VAL A 1 68  ? 0.628   -8.310  13.142  1.00 27.45 ? 1129 VAL A O   1 
ATOM   529  C CB  . VAL A 1 68  ? 2.147   -5.873  12.549  1.00 24.82 ? 1129 VAL A CB  1 
ATOM   530  C CG1 . VAL A 1 68  ? 1.596   -5.884  11.126  1.00 22.65 ? 1129 VAL A CG1 1 
ATOM   531  C CG2 . VAL A 1 68  ? 2.974   -4.622  12.832  1.00 24.36 ? 1129 VAL A CG2 1 
ATOM   532  N N   . LYS A 1 69  ? -1.175  -6.968  13.300  1.00 27.64 ? 1130 LYS A N   1 
ATOM   533  C CA  . LYS A 1 69  ? -2.159  -8.042  13.087  1.00 29.05 ? 1130 LYS A CA  1 
ATOM   534  C C   . LYS A 1 69  ? -2.470  -8.322  11.633  1.00 27.79 ? 1130 LYS A C   1 
ATOM   535  O O   . LYS A 1 69  ? -2.958  -9.399  11.299  1.00 29.19 ? 1130 LYS A O   1 
ATOM   536  C CB  . LYS A 1 69  ? -3.470  -7.694  13.812  1.00 31.52 ? 1130 LYS A CB  1 
ATOM   537  C CG  . LYS A 1 69  ? -3.314  -7.456  15.311  1.00 34.82 ? 1130 LYS A CG  1 
ATOM   538  C CD  . LYS A 1 69  ? -2.662  -8.645  16.004  1.00 37.34 ? 1130 LYS A CD  1 
ATOM   539  C CE  . LYS A 1 69  ? -2.740  -8.541  17.517  1.00 38.56 ? 1130 LYS A CE  1 
ATOM   540  N NZ  . LYS A 1 69  ? -1.933  -9.634  18.123  1.00 39.78 ? 1130 LYS A NZ  1 
ATOM   541  N N   . ASN A 1 70  ? -2.249  -7.347  10.764  1.00 25.05 ? 1131 ASN A N   1 
ATOM   542  C CA  . ASN A 1 70  ? -2.601  -7.496  9.363   1.00 25.06 ? 1131 ASN A CA  1 
ATOM   543  C C   . ASN A 1 70  ? -1.406  -7.060  8.523   1.00 23.20 ? 1131 ASN A C   1 
ATOM   544  O O   . ASN A 1 70  ? -1.382  -5.946  8.018   1.00 20.79 ? 1131 ASN A O   1 
ATOM   545  C CB  . ASN A 1 70  ? -3.842  -6.688  9.029   1.00 25.87 ? 1131 ASN A CB  1 
ATOM   546  C CG  . ASN A 1 70  ? -5.086  -7.240  9.714   1.00 28.54 ? 1131 ASN A CG  1 
ATOM   547  O OD1 . ASN A 1 70  ? -5.413  -8.418  9.563   1.00 28.92 ? 1131 ASN A OD1 1 
ATOM   548  N ND2 . ASN A 1 70  ? -5.770  -6.399  10.471  1.00 30.55 ? 1131 ASN A ND2 1 
ATOM   549  N N   . PRO A 1 71  ? -0.413  -7.949  8.389   1.00 23.74 ? 1132 PRO A N   1 
ATOM   550  C CA  . PRO A 1 71  ? 0.779   -7.607  7.594   1.00 23.28 ? 1132 PRO A CA  1 
ATOM   551  C C   . PRO A 1 71  ? 0.474   -7.333  6.133   1.00 22.74 ? 1132 PRO A C   1 
ATOM   552  O O   . PRO A 1 71  ? -0.521  -7.823  5.570   1.00 21.64 ? 1132 PRO A O   1 
ATOM   553  C CB  . PRO A 1 71  ? 1.666   -8.850  7.746   1.00 23.65 ? 1132 PRO A CB  1 
ATOM   554  C CG  . PRO A 1 71  ? 0.704   -9.942  7.993   1.00 24.92 ? 1132 PRO A CG  1 
ATOM   555  C CD  . PRO A 1 71  ? -0.317  -9.326  8.903   1.00 23.99 ? 1132 PRO A CD  1 
ATOM   556  N N   . MET A 1 72  ? 1.296   -6.490  5.531   1.00 21.48 ? 1133 MET A N   1 
ATOM   557  C CA  . MET A 1 72  ? 1.178   -6.208  4.119   1.00 20.30 ? 1133 MET A CA  1 
ATOM   558  C C   . MET A 1 72  ? 2.515   -5.682  3.636   1.00 19.98 ? 1133 MET A C   1 
ATOM   559  O O   . MET A 1 72  ? 3.261   -5.122  4.419   1.00 20.12 ? 1133 MET A O   1 
ATOM   560  C CB  . MET A 1 72  ? 0.095   -5.148  3.886   1.00 20.58 ? 1133 MET A CB  1 
ATOM   561  C CG  . MET A 1 72  ? -0.249  -4.845  2.434   1.00 21.25 ? 1133 MET A CG  1 
ATOM   562  S SD  . MET A 1 72  ? -0.685  -6.323  1.485   1.00 22.10 ? 1133 MET A SD  1 
ATOM   563  C CE  . MET A 1 72  ? -2.036  -6.952  2.491   1.00 22.41 ? 1133 MET A CE  1 
ATOM   564  N N   . ASP A 1 73  ? 2.768   -5.853  2.343   1.00 20.55 ? 1134 ASP A N   1 
ATOM   565  C CA  . ASP A 1 73  ? 4.041   -5.488  1.724   1.00 20.41 ? 1134 ASP A CA  1 
ATOM   566  C C   . ASP A 1 73  ? 3.870   -5.361  0.225   1.00 20.63 ? 1134 ASP A C   1 
ATOM   567  O O   . ASP A 1 73  ? 2.836   -5.726  -0.343  1.00 18.05 ? 1134 ASP A O   1 
ATOM   568  C CB  . ASP A 1 73  ? 5.115   -6.539  2.042   1.00 21.11 ? 1134 ASP A CB  1 
ATOM   569  C CG  . ASP A 1 73  ? 4.957   -7.805  1.216   1.00 22.14 ? 1134 ASP A CG  1 
ATOM   570  O OD1 . ASP A 1 73  ? 3.993   -8.560  1.462   1.00 21.59 ? 1134 ASP A OD1 1 
ATOM   571  O OD2 . ASP A 1 73  ? 5.804   -8.041  0.310   1.00 22.20 ? 1134 ASP A OD2 1 
ATOM   572  N N   . LEU A 1 74  ? 4.901   -4.853  -0.445  1.00 19.36 ? 1135 LEU A N   1 
ATOM   573  C CA  . LEU A 1 74  ? 4.779   -4.551  -1.868  1.00 20.01 ? 1135 LEU A CA  1 
ATOM   574  C C   . LEU A 1 74  ? 4.477   -5.787  -2.736  1.00 20.91 ? 1135 LEU A C   1 
ATOM   575  O O   . LEU A 1 74  ? 3.709   -5.689  -3.713  1.00 20.26 ? 1135 LEU A O   1 
ATOM   576  C CB  . LEU A 1 74  ? 6.044   -3.845  -2.378  1.00 20.05 ? 1135 LEU A CB  1 
ATOM   577  C CG  . LEU A 1 74  ? 6.309   -2.457  -1.797  1.00 18.75 ? 1135 LEU A CG  1 
ATOM   578  C CD1 . LEU A 1 74  ? 7.717   -2.027  -2.184  1.00 20.14 ? 1135 LEU A CD1 1 
ATOM   579  C CD2 . LEU A 1 74  ? 5.282   -1.469  -2.315  1.00 19.22 ? 1135 LEU A CD2 1 
ATOM   580  N N   . SER A 1 75  ? 5.082   -6.923  -2.395  1.00 20.35 ? 1136 SER A N   1 
ATOM   581  C CA  . SER A 1 75  ? 4.968   -8.122  -3.227  1.00 21.04 ? 1136 SER A CA  1 
ATOM   582  C C   . SER A 1 75  ? 3.574   -8.702  -3.172  1.00 21.15 ? 1136 SER A C   1 
ATOM   583  O O   . SER A 1 75  ? 3.098   -9.251  -4.164  1.00 19.93 ? 1136 SER A O   1 
ATOM   584  C CB  . SER A 1 75  ? 5.981   -9.198  -2.837  1.00 21.94 ? 1136 SER A CB  1 
ATOM   585  O OG  . SER A 1 75  ? 5.748   -9.753  -1.560  1.00 22.24 ? 1136 SER A OG  1 
ATOM   586  N N   . THR A 1 76  ? 2.941   -8.592  -2.005  1.00 21.99 ? 1137 THR A N   1 
ATOM   587  C CA  . THR A 1 76  ? 1.556   -9.032  -1.819  1.00 21.87 ? 1137 THR A CA  1 
ATOM   588  C C   . THR A 1 76  ? 0.619   -8.144  -2.599  1.00 21.64 ? 1137 THR A C   1 
ATOM   589  O O   . THR A 1 76  ? -0.279  -8.631  -3.300  1.00 21.43 ? 1137 THR A O   1 
ATOM   590  C CB  . THR A 1 76  ? 1.188   -9.045  -0.339  1.00 22.56 ? 1137 THR A CB  1 
ATOM   591  O OG1 . THR A 1 76  ? 2.074   -9.926  0.345   1.00 22.34 ? 1137 THR A OG1 1 
ATOM   592  C CG2 . THR A 1 76  ? -0.233  -9.536  -0.120  1.00 23.10 ? 1137 THR A CG2 1 
ATOM   593  N N   . ILE A 1 77  ? 0.845   -6.833  -2.509  1.00 21.13 ? 1138 ILE A N   1 
ATOM   594  C CA  . ILE A 1 77  ? 0.031   -5.885  -3.250  1.00 21.35 ? 1138 ILE A CA  1 
ATOM   595  C C   . ILE A 1 77  ? 0.190   -6.148  -4.752  1.00 21.49 ? 1138 ILE A C   1 
ATOM   596  O O   . ILE A 1 77  ? -0.801  -6.170  -5.497  1.00 20.57 ? 1138 ILE A O   1 
ATOM   597  C CB  . ILE A 1 77  ? 0.433   -4.434  -2.902  1.00 21.04 ? 1138 ILE A CB  1 
ATOM   598  C CG1 . ILE A 1 77  ? 0.177   -4.145  -1.412  1.00 20.69 ? 1138 ILE A CG1 1 
ATOM   599  C CG2 . ILE A 1 77  ? -0.335  -3.454  -3.768  1.00 20.14 ? 1138 ILE A CG2 1 
ATOM   600  C CD1 . ILE A 1 77  ? 0.803   -2.853  -0.912  1.00 21.47 ? 1138 ILE A CD1 1 
ATOM   601  N N   . LYS A 1 78  ? 1.440   -6.345  -5.194  1.00 21.40 ? 1139 LYS A N   1 
ATOM   602  C CA  . LYS A 1 78  ? 1.711   -6.700  -6.599  1.00 22.45 ? 1139 LYS A CA  1 
ATOM   603  C C   . LYS A 1 78  ? 0.925   -7.943  -7.037  1.00 21.97 ? 1139 LYS A C   1 
ATOM   604  O O   . LYS A 1 78  ? 0.261   -7.942  -8.086  1.00 19.83 ? 1139 LYS A O   1 
ATOM   605  C CB  . LYS A 1 78  ? 3.209   -6.937  -6.808  1.00 23.96 ? 1139 LYS A CB  1 
ATOM   606  C CG  . LYS A 1 78  ? 3.622   -7.317  -8.219  1.00 26.22 ? 1139 LYS A CG  1 
ATOM   607  C CD  . LYS A 1 78  ? 5.136   -7.448  -8.321  1.00 27.30 ? 1139 LYS A CD  1 
ATOM   608  C CE  . LYS A 1 78  ? 5.550   -8.301  -9.512  1.00 28.99 ? 1139 LYS A CE  1 
ATOM   609  N NZ  . LYS A 1 78  ? 4.857   -7.887  -10.758 1.00 29.85 ? 1139 LYS A NZ  1 
ATOM   610  N N   . ARG A 1 79  ? 1.026   -8.996  -6.230  1.00 22.19 ? 1140 ARG A N   1 
ATOM   611  C CA  . ARG A 1 79  ? 0.352   -10.251 -6.524  1.00 24.44 ? 1140 ARG A CA  1 
ATOM   612  C C   . ARG A 1 79  ? -1.163  -10.087 -6.677  1.00 23.67 ? 1140 ARG A C   1 
ATOM   613  O O   . ARG A 1 79  ? -1.763  -10.693 -7.566  1.00 23.61 ? 1140 ARG A O   1 
ATOM   614  C CB  . ARG A 1 79  ? 0.644   -11.245 -5.417  1.00 26.80 ? 1140 ARG A CB  1 
ATOM   615  C CG  . ARG A 1 79  ? 0.213   -12.668 -5.676  1.00 29.83 ? 1140 ARG A CG  1 
ATOM   616  C CD  . ARG A 1 79  ? 0.478   -13.460 -4.423  1.00 32.32 ? 1140 ARG A CD  1 
ATOM   617  N NE  . ARG A 1 79  ? 0.344   -14.900 -4.639  1.00 33.96 ? 1140 ARG A NE  1 
ATOM   618  C CZ  . ARG A 1 79  ? 1.291   -15.703 -5.123  1.00 33.43 ? 1140 ARG A CZ  1 
ATOM   619  N NH1 . ARG A 1 79  ? 2.485   -15.232 -5.498  1.00 36.39 ? 1140 ARG A NH1 1 
ATOM   620  N NH2 . ARG A 1 79  ? 1.022   -16.996 -5.251  1.00 34.92 ? 1140 ARG A NH2 1 
ATOM   621  N N   . LYS A 1 80  ? -1.770  -9.272  -5.813  1.00 23.53 ? 1141 LYS A N   1 
ATOM   622  C CA  . LYS A 1 80  ? -3.199  -9.027  -5.841  1.00 24.30 ? 1141 LYS A CA  1 
ATOM   623  C C   . LYS A 1 80  ? -3.608  -8.301  -7.110  1.00 25.80 ? 1141 LYS A C   1 
ATOM   624  O O   . LYS A 1 80  ? -4.606  -8.673  -7.752  1.00 23.48 ? 1141 LYS A O   1 
ATOM   625  C CB  . LYS A 1 80  ? -3.652  -8.280  -4.564  1.00 24.31 ? 1141 LYS A CB  1 
ATOM   626  C CG  . LYS A 1 80  ? -3.524  -9.170  -3.331  1.00 24.22 ? 1141 LYS A CG  1 
ATOM   627  C CD  . LYS A 1 80  ? -3.784  -8.458  -2.006  1.00 25.27 ? 1141 LYS A CD  1 
ATOM   628  C CE  . LYS A 1 80  ? -5.259  -8.300  -1.722  1.00 26.33 ? 1141 LYS A CE  1 
ATOM   629  N NZ  . LYS A 1 80  ? -5.537  -7.692  -0.386  1.00 27.06 ? 1141 LYS A NZ  1 
ATOM   630  N N   . LEU A 1 81  ? -2.821  -7.296  -7.503  1.00 24.78 ? 1142 LEU A N   1 
ATOM   631  C CA  . LEU A 1 81  ? -3.013  -6.665  -8.802  1.00 25.98 ? 1142 LEU A CA  1 
ATOM   632  C C   . LEU A 1 81  ? -2.797  -7.654  -9.950  1.00 24.72 ? 1142 LEU A C   1 
ATOM   633  O O   . LEU A 1 81  ? -3.586  -7.675  -10.893 1.00 25.63 ? 1142 LEU A O   1 
ATOM   634  C CB  . LEU A 1 81  ? -2.078  -5.460  -9.003  1.00 26.02 ? 1142 LEU A CB  1 
ATOM   635  C CG  . LEU A 1 81  ? -2.517  -4.133  -8.413  1.00 27.98 ? 1142 LEU A CG  1 
ATOM   636  C CD1 . LEU A 1 81  ? -1.423  -3.112  -8.697  1.00 28.68 ? 1142 LEU A CD1 1 
ATOM   637  C CD2 . LEU A 1 81  ? -3.864  -3.660  -8.944  1.00 26.16 ? 1142 LEU A CD2 1 
ATOM   638  N N   . ASP A 1 82  ? -1.735  -8.458  -9.859  1.00 25.74 ? 1143 ASP A N   1 
ATOM   639  C CA  . ASP A 1 82  ? -1.406  -9.431  -10.921 1.00 26.54 ? 1143 ASP A CA  1 
ATOM   640  C C   . ASP A 1 82  ? -2.462  -10.539 -11.085 1.00 26.74 ? 1143 ASP A C   1 
ATOM   641  O O   . ASP A 1 82  ? -2.643  -11.076 -12.182 1.00 28.12 ? 1143 ASP A O   1 
ATOM   642  C CB  . ASP A 1 82  ? -0.016  -10.056 -10.682 1.00 27.34 ? 1143 ASP A CB  1 
ATOM   643  C CG  . ASP A 1 82  ? 1.131   -9.095  -11.006 1.00 29.08 ? 1143 ASP A CG  1 
ATOM   644  O OD1 . ASP A 1 82  ? 0.892   -8.075  -11.684 1.00 31.92 ? 1143 ASP A OD1 1 
ATOM   645  O OD2 . ASP A 1 82  ? 2.282   -9.367  -10.594 1.00 30.05 ? 1143 ASP A OD2 1 
ATOM   646  N N   . THR A 1 83  ? -3.156  -10.890 -10.014 1.00 26.30 ? 1144 THR A N   1 
ATOM   647  C CA  . THR A 1 83  ? -4.113  -12.007 -10.059 1.00 26.63 ? 1144 THR A CA  1 
ATOM   648  C C   . THR A 1 83  ? -5.575  -11.562 -9.954  1.00 27.64 ? 1144 THR A C   1 
ATOM   649  O O   . THR A 1 83  ? -6.466  -12.400 -9.823  1.00 28.96 ? 1144 THR A O   1 
ATOM   650  C CB  . THR A 1 83  ? -3.789  -13.023 -8.958  1.00 26.73 ? 1144 THR A CB  1 
ATOM   651  O OG1 . THR A 1 83  ? -3.872  -12.389 -7.688  1.00 28.20 ? 1144 THR A OG1 1 
ATOM   652  C CG2 . THR A 1 83  ? -2.386  -13.564 -9.137  1.00 29.16 ? 1144 THR A CG2 1 
ATOM   653  N N   . GLY A 1 84  ? -5.824  -10.259 -10.025 1.00 26.45 ? 1145 GLY A N   1 
ATOM   654  C CA  . GLY A 1 84  ? -7.184  -9.727  -10.007 1.00 26.95 ? 1145 GLY A CA  1 
ATOM   655  C C   . GLY A 1 84  ? -7.929  -9.821  -8.677  1.00 27.75 ? 1145 GLY A C   1 
ATOM   656  O O   . GLY A 1 84  ? -9.150  -9.915  -8.677  1.00 26.34 ? 1145 GLY A O   1 
ATOM   657  N N   . GLN A 1 85  ? -7.217  -9.757  -7.551  1.00 26.34 ? 1146 GLN A N   1 
ATOM   658  C CA  . GLN A 1 85  ? -7.855  -9.899  -6.234  1.00 27.13 ? 1146 GLN A CA  1 
ATOM   659  C C   . GLN A 1 85  ? -8.474  -8.618  -5.684  1.00 25.43 ? 1146 GLN A C   1 
ATOM   660  O O   . GLN A 1 85  ? -9.189  -8.673  -4.689  1.00 26.57 ? 1146 GLN A O   1 
ATOM   661  C CB  . GLN A 1 85  ? -6.874  -10.436 -5.211  1.00 28.07 ? 1146 GLN A CB  1 
ATOM   662  C CG  . GLN A 1 85  ? -6.466  -11.862 -5.453  1.00 30.87 ? 1146 GLN A CG  1 
ATOM   663  C CD  . GLN A 1 85  ? -5.436  -12.312 -4.456  1.00 33.24 ? 1146 GLN A CD  1 
ATOM   664  O OE1 . GLN A 1 85  ? -5.679  -12.295 -3.247  1.00 35.58 ? 1146 GLN A OE1 1 
ATOM   665  N NE2 . GLN A 1 85  ? -4.268  -12.711 -4.950  1.00 36.84 ? 1146 GLN A NE2 1 
ATOM   666  N N   . TYR A 1 86  ? -8.175  -7.473  -6.285  1.00 24.39 ? 1147 TYR A N   1 
ATOM   667  C CA  . TYR A 1 86  ? -8.855  -6.226  -5.959  1.00 25.19 ? 1147 TYR A CA  1 
ATOM   668  C C   . TYR A 1 86  ? -10.103 -6.058  -6.796  1.00 26.13 ? 1147 TYR A C   1 
ATOM   669  O O   . TYR A 1 86  ? -10.060 -6.119  -8.030  1.00 27.60 ? 1147 TYR A O   1 
ATOM   670  C CB  . TYR A 1 86  ? -7.930  -5.009  -6.155  1.00 24.31 ? 1147 TYR A CB  1 
ATOM   671  C CG  . TYR A 1 86  ? -6.748  -4.979  -5.207  1.00 24.20 ? 1147 TYR A CG  1 
ATOM   672  C CD1 . TYR A 1 86  ? -6.932  -5.035  -3.828  1.00 23.15 ? 1147 TYR A CD1 1 
ATOM   673  C CD2 . TYR A 1 86  ? -5.440  -4.890  -5.684  1.00 22.99 ? 1147 TYR A CD2 1 
ATOM   674  C CE1 . TYR A 1 86  ? -5.861  -5.007  -2.956  1.00 21.70 ? 1147 TYR A CE1 1 
ATOM   675  C CE2 . TYR A 1 86  ? -4.359  -4.877  -4.811  1.00 21.78 ? 1147 TYR A CE2 1 
ATOM   676  C CZ  . TYR A 1 86  ? -4.576  -4.911  -3.454  1.00 22.61 ? 1147 TYR A CZ  1 
ATOM   677  O OH  . TYR A 1 86  ? -3.500  -4.887  -2.598  1.00 23.60 ? 1147 TYR A OH  1 
ATOM   678  N N   . GLN A 1 87  ? -11.229 -5.830  -6.128  1.00 25.15 ? 1148 GLN A N   1 
ATOM   679  C CA  . GLN A 1 87  ? -12.455 -5.480  -6.826  1.00 26.54 ? 1148 GLN A CA  1 
ATOM   680  C C   . GLN A 1 87  ? -12.529 -4.002  -7.166  1.00 25.12 ? 1148 GLN A C   1 
ATOM   681  O O   . GLN A 1 87  ? -13.138 -3.636  -8.165  1.00 26.16 ? 1148 GLN A O   1 
ATOM   682  C CB  . GLN A 1 87  ? -13.667 -5.880  -5.989  1.00 27.84 ? 1148 GLN A CB  1 
ATOM   683  C CG  . GLN A 1 87  ? -13.754 -7.370  -5.750  1.00 29.59 ? 1148 GLN A CG  1 
ATOM   684  C CD  . GLN A 1 87  ? -13.101 -7.816  -4.471  1.00 31.98 ? 1148 GLN A CD  1 
ATOM   685  O OE1 . GLN A 1 87  ? -13.399 -7.289  -3.386  1.00 35.20 ? 1148 GLN A OE1 1 
ATOM   686  N NE2 . GLN A 1 87  ? -12.232 -8.821  -4.571  1.00 32.72 ? 1148 GLN A NE2 1 
ATOM   687  N N   . GLU A 1 88  ? -11.936 -3.146  -6.330  1.00 24.82 ? 1149 GLU A N   1 
ATOM   688  C CA  . GLU A 1 88  ? -12.012 -1.701  -6.507  1.00 23.64 ? 1149 GLU A CA  1 
ATOM   689  C C   . GLU A 1 88  ? -10.682 -1.028  -6.158  1.00 22.36 ? 1149 GLU A C   1 
ATOM   690  O O   . GLU A 1 88  ? -9.939  -1.576  -5.361  1.00 20.13 ? 1149 GLU A O   1 
ATOM   691  C CB  . GLU A 1 88  ? -13.127 -1.111  -5.641  1.00 24.72 ? 1149 GLU A CB  1 
ATOM   692  C CG  . GLU A 1 88  ? -14.538 -1.631  -6.025  1.00 23.87 ? 1149 GLU A CG  1 
ATOM   693  C CD  . GLU A 1 88  ? -15.687 -0.758  -5.555  1.00 25.33 ? 1149 GLU A CD  1 
ATOM   694  O OE1 . GLU A 1 88  ? -15.450 0.352   -5.046  1.00 25.09 ? 1149 GLU A OE1 1 
ATOM   695  O OE2 . GLU A 1 88  ? -16.873 -1.173  -5.716  1.00 24.78 ? 1149 GLU A OE2 1 
ATOM   696  N N   . PRO A 1 89  ? -10.414 0.181   -6.719  1.00 23.57 ? 1150 PRO A N   1 
ATOM   697  C CA  . PRO A 1 89  ? -9.102  0.824   -6.486  1.00 24.19 ? 1150 PRO A CA  1 
ATOM   698  C C   . PRO A 1 89  ? -8.796  1.137   -5.024  1.00 23.88 ? 1150 PRO A C   1 
ATOM   699  O O   . PRO A 1 89  ? -7.641  1.029   -4.599  1.00 22.28 ? 1150 PRO A O   1 
ATOM   700  C CB  . PRO A 1 89  ? -9.167  2.126   -7.300  1.00 25.02 ? 1150 PRO A CB  1 
ATOM   701  C CG  . PRO A 1 89  ? -10.361 2.032   -8.166  1.00 26.11 ? 1150 PRO A CG  1 
ATOM   702  C CD  . PRO A 1 89  ? -11.285 1.010   -7.569  1.00 24.84 ? 1150 PRO A CD  1 
ATOM   703  N N   . TRP A 1 90  ? -9.823  1.512   -4.255  1.00 22.80 ? 1151 TRP A N   1 
ATOM   704  C CA  . TRP A 1 90  ? -9.631  1.835   -2.842  1.00 22.29 ? 1151 TRP A CA  1 
ATOM   705  C C   . TRP A 1 90  ? -9.035  0.694   -2.049  1.00 21.34 ? 1151 TRP A C   1 
ATOM   706  O O   . TRP A 1 90  ? -8.345  0.932   -1.065  1.00 22.06 ? 1151 TRP A O   1 
ATOM   707  C CB  . TRP A 1 90  ? -10.938 2.316   -2.192  1.00 21.48 ? 1151 TRP A CB  1 
ATOM   708  C CG  . TRP A 1 90  ? -11.982 1.234   -1.980  1.00 22.14 ? 1151 TRP A CG  1 
ATOM   709  C CD1 . TRP A 1 90  ? -13.022 0.925   -2.801  1.00 22.22 ? 1151 TRP A CD1 1 
ATOM   710  C CD2 . TRP A 1 90  ? -12.086 0.352   -0.853  1.00 21.92 ? 1151 TRP A CD2 1 
ATOM   711  N NE1 . TRP A 1 90  ? -13.756 -0.118  -2.270  1.00 21.98 ? 1151 TRP A NE1 1 
ATOM   712  C CE2 . TRP A 1 90  ? -13.213 -0.477  -1.071  1.00 21.85 ? 1151 TRP A CE2 1 
ATOM   713  C CE3 . TRP A 1 90  ? -11.343 0.188   0.321   1.00 22.14 ? 1151 TRP A CE3 1 
ATOM   714  C CZ2 . TRP A 1 90  ? -13.608 -1.463  -0.159  1.00 21.94 ? 1151 TRP A CZ2 1 
ATOM   715  C CZ3 . TRP A 1 90  ? -11.737 -0.790  1.226   1.00 21.44 ? 1151 TRP A CZ3 1 
ATOM   716  C CH2 . TRP A 1 90  ? -12.850 -1.610  0.976   1.00 22.58 ? 1151 TRP A CH2 1 
ATOM   717  N N   . GLN A 1 91  ? -9.306  -0.551  -2.446  1.00 20.81 ? 1152 GLN A N   1 
ATOM   718  C CA  . GLN A 1 91  ? -8.779  -1.696  -1.726  1.00 20.48 ? 1152 GLN A CA  1 
ATOM   719  C C   . GLN A 1 91  ? -7.254  -1.771  -1.860  1.00 20.58 ? 1152 GLN A C   1 
ATOM   720  O O   . GLN A 1 91  ? -6.559  -2.171  -0.920  1.00 20.72 ? 1152 GLN A O   1 
ATOM   721  C CB  . GLN A 1 91  ? -9.399  -2.989  -2.232  1.00 21.38 ? 1152 GLN A CB  1 
ATOM   722  C CG  . GLN A 1 91  ? -10.883 -3.129  -1.891  1.00 22.07 ? 1152 GLN A CG  1 
ATOM   723  C CD  . GLN A 1 91  ? -11.526 -4.256  -2.670  1.00 22.66 ? 1152 GLN A CD  1 
ATOM   724  O OE1 . GLN A 1 91  ? -11.166 -4.507  -3.813  1.00 23.48 ? 1152 GLN A OE1 1 
ATOM   725  N NE2 . GLN A 1 91  ? -12.471 -4.948  -2.049  1.00 24.10 ? 1152 GLN A NE2 1 
ATOM   726  N N   . TYR A 1 92  ? -6.780  -1.362  -3.035  1.00 20.52 ? 1153 TYR A N   1 
ATOM   727  C CA  . TYR A 1 92  ? -5.352  -1.277  -3.324  1.00 20.72 ? 1153 TYR A CA  1 
ATOM   728  C C   . TYR A 1 92  ? -4.739  -0.151  -2.484  1.00 19.79 ? 1153 TYR A C   1 
ATOM   729  O O   . TYR A 1 92  ? -3.771  -0.374  -1.772  1.00 19.46 ? 1153 TYR A O   1 
ATOM   730  C CB  . TYR A 1 92  ? -5.130  -1.072  -4.818  1.00 21.09 ? 1153 TYR A CB  1 
ATOM   731  C CG  . TYR A 1 92  ? -3.765  -0.515  -5.154  1.00 20.48 ? 1153 TYR A CG  1 
ATOM   732  C CD1 . TYR A 1 92  ? -2.666  -1.350  -5.265  1.00 21.46 ? 1153 TYR A CD1 1 
ATOM   733  C CD2 . TYR A 1 92  ? -3.588  0.847   -5.349  1.00 21.51 ? 1153 TYR A CD2 1 
ATOM   734  C CE1 . TYR A 1 92  ? -1.417  -0.834  -5.556  1.00 21.07 ? 1153 TYR A CE1 1 
ATOM   735  C CE2 . TYR A 1 92  ? -2.346  1.370   -5.653  1.00 22.04 ? 1153 TYR A CE2 1 
ATOM   736  C CZ  . TYR A 1 92  ? -1.265  0.521   -5.740  1.00 22.84 ? 1153 TYR A CZ  1 
ATOM   737  O OH  . TYR A 1 92  ? -0.022  1.052   -6.040  1.00 23.17 ? 1153 TYR A OH  1 
ATOM   738  N N   . VAL A 1 93  ? -5.356  1.032   -2.530  1.00 19.45 ? 1154 VAL A N   1 
ATOM   739  C CA  . VAL A 1 93  ? -4.885  2.182   -1.753  1.00 20.67 ? 1154 VAL A CA  1 
ATOM   740  C C   . VAL A 1 93  ? -4.817  1.814   -0.275  1.00 20.95 ? 1154 VAL A C   1 
ATOM   741  O O   . VAL A 1 93  ? -3.778  2.035   0.380   1.00 19.67 ? 1154 VAL A O   1 
ATOM   742  C CB  . VAL A 1 93  ? -5.764  3.434   -2.004  1.00 21.67 ? 1154 VAL A CB  1 
ATOM   743  C CG1 . VAL A 1 93  ? -5.401  4.572   -1.064  1.00 23.07 ? 1154 VAL A CG1 1 
ATOM   744  C CG2 . VAL A 1 93  ? -5.638  3.869   -3.452  1.00 21.63 ? 1154 VAL A CG2 1 
ATOM   745  N N   . ASP A 1 94  ? -5.875  1.183   0.253   1.00 19.34 ? 1155 ASP A N   1 
ATOM   746  C CA  . ASP A 1 94  ? -5.869  0.798   1.672   1.00 19.52 ? 1155 ASP A CA  1 
ATOM   747  C C   . ASP A 1 94  ? -4.787  -0.224  2.042   1.00 19.37 ? 1155 ASP A C   1 
ATOM   748  O O   . ASP A 1 94  ? -4.216  -0.152  3.151   1.00 19.28 ? 1155 ASP A O   1 
ATOM   749  C CB  . ASP A 1 94  ? -7.255  0.315   2.140   1.00 20.32 ? 1155 ASP A CB  1 
ATOM   750  C CG  . ASP A 1 94  ? -8.242  1.448   2.320   1.00 22.11 ? 1155 ASP A CG  1 
ATOM   751  O OD1 . ASP A 1 94  ? -7.961  2.572   1.842   1.00 22.28 ? 1155 ASP A OD1 1 
ATOM   752  O OD2 . ASP A 1 94  ? -9.335  1.208   2.929   1.00 21.79 ? 1155 ASP A OD2 1 
ATOM   753  N N   . ASP A 1 95  ? -4.452  -1.138  1.131   1.00 18.86 ? 1156 ASP A N   1 
ATOM   754  C CA  . ASP A 1 95  ? -3.314  -2.032  1.365   1.00 18.55 ? 1156 ASP A CA  1 
ATOM   755  C C   . ASP A 1 95  ? -1.978  -1.296  1.382   1.00 17.59 ? 1156 ASP A C   1 
ATOM   756  O O   . ASP A 1 95  ? -1.144  -1.602  2.207   1.00 17.66 ? 1156 ASP A O   1 
ATOM   757  C CB  . ASP A 1 95  ? -3.231  -3.177  0.349   1.00 19.49 ? 1156 ASP A CB  1 
ATOM   758  C CG  . ASP A 1 95  ? -4.082  -4.378  0.727   1.00 21.07 ? 1156 ASP A CG  1 
ATOM   759  O OD1 . ASP A 1 95  ? -4.587  -4.466  1.874   1.00 21.08 ? 1156 ASP A OD1 1 
ATOM   760  O OD2 . ASP A 1 95  ? -4.217  -5.263  -0.147  1.00 20.94 ? 1156 ASP A OD2 1 
ATOM   761  N N   . VAL A 1 96  ? -1.787  -0.331  0.481   1.00 19.97 ? 1157 VAL A N   1 
ATOM   762  C CA  . VAL A 1 96  ? -0.555  0.485   0.517   1.00 19.24 ? 1157 VAL A CA  1 
ATOM   763  C C   . VAL A 1 96  ? -0.463  1.200   1.877   1.00 20.04 ? 1157 VAL A C   1 
ATOM   764  O O   . VAL A 1 96  ? 0.562   1.106   2.563   1.00 19.16 ? 1157 VAL A O   1 
ATOM   765  C CB  . VAL A 1 96  ? -0.473  1.465   -0.669  1.00 20.90 ? 1157 VAL A CB  1 
ATOM   766  C CG1 . VAL A 1 96  ? 0.722   2.392   -0.530  1.00 20.61 ? 1157 VAL A CG1 1 
ATOM   767  C CG2 . VAL A 1 96  ? -0.375  0.703   -1.979  1.00 20.34 ? 1157 VAL A CG2 1 
ATOM   768  N N   . TRP A 1 97  ? -1.550  1.843   2.299   1.00 19.42 ? 1158 TRP A N   1 
ATOM   769  C CA  . TRP A 1 97  ? -1.560  2.532   3.602   1.00 20.81 ? 1158 TRP A CA  1 
ATOM   770  C C   . TRP A 1 97  ? -1.401  1.601   4.789   1.00 19.70 ? 1158 TRP A C   1 
ATOM   771  O O   . TRP A 1 97  ? -0.771  1.984   5.791   1.00 20.41 ? 1158 TRP A O   1 
ATOM   772  C CB  . TRP A 1 97  ? -2.781  3.452   3.747   1.00 21.78 ? 1158 TRP A CB  1 
ATOM   773  C CG  . TRP A 1 97  ? -2.637  4.632   2.890   1.00 24.30 ? 1158 TRP A CG  1 
ATOM   774  C CD1 . TRP A 1 97  ? -3.306  4.903   1.746   1.00 24.96 ? 1158 TRP A CD1 1 
ATOM   775  C CD2 . TRP A 1 97  ? -1.727  5.713   3.091   1.00 25.62 ? 1158 TRP A CD2 1 
ATOM   776  N NE1 . TRP A 1 97  ? -2.873  6.087   1.210   1.00 25.82 ? 1158 TRP A NE1 1 
ATOM   777  C CE2 . TRP A 1 97  ? -1.904  6.609   2.021   1.00 25.85 ? 1158 TRP A CE2 1 
ATOM   778  C CE3 . TRP A 1 97  ? -0.782  6.013   4.082   1.00 26.78 ? 1158 TRP A CE3 1 
ATOM   779  C CZ2 . TRP A 1 97  ? -1.168  7.793   1.904   1.00 26.72 ? 1158 TRP A CZ2 1 
ATOM   780  C CZ3 . TRP A 1 97  ? -0.047  7.195   3.963   1.00 26.55 ? 1158 TRP A CZ3 1 
ATOM   781  C CH2 . TRP A 1 97  ? -0.253  8.071   2.891   1.00 27.81 ? 1158 TRP A CH2 1 
ATOM   782  N N   . LEU A 1 98  ? -1.957  0.391   4.694   1.00 18.63 ? 1159 LEU A N   1 
ATOM   783  C CA  . LEU A 1 98  ? -1.766  -0.625  5.717   1.00 18.30 ? 1159 LEU A CA  1 
ATOM   784  C C   . LEU A 1 98  ? -0.289  -0.980  5.893   1.00 18.29 ? 1159 LEU A C   1 
ATOM   785  O O   . LEU A 1 98  ? 0.213   -1.074  7.016   1.00 17.98 ? 1159 LEU A O   1 
ATOM   786  C CB  . LEU A 1 98  ? -2.584  -1.881  5.381   1.00 18.82 ? 1159 LEU A CB  1 
ATOM   787  C CG  . LEU A 1 98  ? -2.375  -3.140  6.212   1.00 19.50 ? 1159 LEU A CG  1 
ATOM   788  C CD1 . LEU A 1 98  ? -2.675  -2.901  7.689   1.00 20.09 ? 1159 LEU A CD1 1 
ATOM   789  C CD2 . LEU A 1 98  ? -3.245  -4.246  5.650   1.00 19.86 ? 1159 LEU A CD2 1 
ATOM   790  N N   . MET A 1 99  ? 0.395   -1.164  4.765   1.00 17.93 ? 1160 MET A N   1 
ATOM   791  C CA  . MET A 1 99  ? 1.826   -1.427  4.772   1.00 17.60 ? 1160 MET A CA  1 
ATOM   792  C C   . MET A 1 99  ? 2.580   -0.308  5.478   1.00 16.71 ? 1160 MET A C   1 
ATOM   793  O O   . MET A 1 99  ? 3.421   -0.598  6.318   1.00 16.70 ? 1160 MET A O   1 
ATOM   794  C CB  . MET A 1 99  ? 2.340   -1.607  3.329   1.00 18.70 ? 1160 MET A CB  1 
ATOM   795  C CG  . MET A 1 99  ? 3.843   -1.693  3.211   1.00 18.91 ? 1160 MET A CG  1 
ATOM   796  S SD  . MET A 1 99  ? 4.379   -1.903  1.501   1.00 18.93 ? 1160 MET A SD  1 
ATOM   797  C CE  . MET A 1 99  ? 3.746   -0.420  0.746   1.00 21.94 ? 1160 MET A CE  1 
ATOM   798  N N   . PHE A 1 100 ? 2.271   0.942   5.134   1.00 16.85 ? 1161 PHE A N   1 
ATOM   799  C CA  . PHE A 1 100 ? 2.960   2.101   5.753   1.00 18.79 ? 1161 PHE A CA  1 
ATOM   800  C C   . PHE A 1 100 ? 2.609   2.200   7.235   1.00 19.50 ? 1161 PHE A C   1 
ATOM   801  O O   . PHE A 1 100 ? 3.485   2.325   8.090   1.00 20.30 ? 1161 PHE A O   1 
ATOM   802  C CB  . PHE A 1 100 ? 2.623   3.424   5.064   1.00 18.81 ? 1161 PHE A CB  1 
ATOM   803  C CG  . PHE A 1 100 ? 3.011   3.513   3.597   1.00 19.18 ? 1161 PHE A CG  1 
ATOM   804  C CD1 . PHE A 1 100 ? 4.172   2.908   3.102   1.00 20.89 ? 1161 PHE A CD1 1 
ATOM   805  C CD2 . PHE A 1 100 ? 2.241   4.271   2.729   1.00 19.66 ? 1161 PHE A CD2 1 
ATOM   806  C CE1 . PHE A 1 100 ? 4.518   3.027   1.768   1.00 20.78 ? 1161 PHE A CE1 1 
ATOM   807  C CE2 . PHE A 1 100 ? 2.593   4.400   1.383   1.00 20.65 ? 1161 PHE A CE2 1 
ATOM   808  C CZ  . PHE A 1 100 ? 3.734   3.774   0.910   1.00 20.65 ? 1161 PHE A CZ  1 
ATOM   809  N N   . ASN A 1 101 ? 1.316   2.114   7.536   1.00 19.60 ? 1162 ASN A N   1 
ATOM   810  C CA  . ASN A 1 101 ? 0.861   2.198   8.933   1.00 19.99 ? 1162 ASN A CA  1 
ATOM   811  C C   . ASN A 1 101 ? 1.439   1.127   9.824   1.00 18.85 ? 1162 ASN A C   1 
ATOM   812  O O   . ASN A 1 101 ? 1.806   1.434   10.945  1.00 19.65 ? 1162 ASN A O   1 
ATOM   813  C CB  . ASN A 1 101 ? -0.668  2.241   9.005   1.00 20.93 ? 1162 ASN A CB  1 
ATOM   814  C CG  . ASN A 1 101 ? -1.217  3.550   8.523   1.00 21.99 ? 1162 ASN A CG  1 
ATOM   815  O OD1 . ASN A 1 101 ? -0.565  4.586   8.652   1.00 26.86 ? 1162 ASN A OD1 1 
ATOM   816  N ND2 . ASN A 1 101 ? -2.413  3.528   7.970   1.00 23.65 ? 1162 ASN A ND2 1 
ATOM   817  N N   . ASN A 1 102 ? 1.589   -0.105  9.331   1.00 19.16 ? 1163 ASN A N   1 
ATOM   818  C CA  . ASN A 1 102 ? 2.242   -1.170  10.108  1.00 18.43 ? 1163 ASN A CA  1 
ATOM   819  C C   . ASN A 1 102 ? 3.696   -0.819  10.450  1.00 18.89 ? 1163 ASN A C   1 
ATOM   820  O O   . ASN A 1 102 ? 4.149   -1.069  11.575  1.00 18.49 ? 1163 ASN A O   1 
ATOM   821  C CB  . ASN A 1 102 ? 2.253   -2.522  9.381   1.00 19.86 ? 1163 ASN A CB  1 
ATOM   822  C CG  . ASN A 1 102 ? 0.858   -3.131  9.201   1.00 20.75 ? 1163 ASN A CG  1 
ATOM   823  O OD1 . ASN A 1 102 ? -0.071  -2.859  9.983   1.00 20.96 ? 1163 ASN A OD1 1 
ATOM   824  N ND2 . ASN A 1 102 ? 0.702   -3.947  8.144   1.00 19.93 ? 1163 ASN A ND2 1 
ATOM   825  N N   . ALA A 1 103 ? 4.417   -0.281  9.470   1.00 18.73 ? 1164 ALA A N   1 
ATOM   826  C CA  . ALA A 1 103 ? 5.841   0.088   9.646   1.00 18.84 ? 1164 ALA A CA  1 
ATOM   827  C C   . ALA A 1 103 ? 6.017   1.225   10.633  1.00 18.32 ? 1164 ALA A C   1 
ATOM   828  O O   . ALA A 1 103 ? 6.934   1.197   11.458  1.00 19.94 ? 1164 ALA A O   1 
ATOM   829  C CB  . ALA A 1 103 ? 6.467   0.475   8.305   1.00 18.13 ? 1164 ALA A CB  1 
ATOM   830  N N   . TRP A 1 104 ? 5.155   2.232   10.524  1.00 19.26 ? 1165 TRP A N   1 
ATOM   831  C CA  . TRP A 1 104 ? 5.174   3.377   11.434  1.00 19.06 ? 1165 TRP A CA  1 
ATOM   832  C C   . TRP A 1 104 ? 4.761   2.980   12.845  1.00 20.21 ? 1165 TRP A C   1 
ATOM   833  O O   . TRP A 1 104 ? 5.169   3.613   13.813  1.00 20.84 ? 1165 TRP A O   1 
ATOM   834  C CB  . TRP A 1 104 ? 4.256   4.479   10.929  1.00 18.72 ? 1165 TRP A CB  1 
ATOM   835  C CG  . TRP A 1 104 ? 4.740   5.306   9.762   1.00 18.41 ? 1165 TRP A CG  1 
ATOM   836  C CD1 . TRP A 1 104 ? 6.012   5.764   9.541   1.00 18.65 ? 1165 TRP A CD1 1 
ATOM   837  C CD2 . TRP A 1 104 ? 3.930   5.873   8.739   1.00 19.18 ? 1165 TRP A CD2 1 
ATOM   838  N NE1 . TRP A 1 104 ? 6.040   6.550   8.415   1.00 19.99 ? 1165 TRP A NE1 1 
ATOM   839  C CE2 . TRP A 1 104 ? 4.775   6.628   7.897   1.00 19.11 ? 1165 TRP A CE2 1 
ATOM   840  C CE3 . TRP A 1 104 ? 2.567   5.789   8.424   1.00 19.08 ? 1165 TRP A CE3 1 
ATOM   841  C CZ2 . TRP A 1 104 ? 4.301   7.301   6.777   1.00 20.75 ? 1165 TRP A CZ2 1 
ATOM   842  C CZ3 . TRP A 1 104 ? 2.097   6.457   7.325   1.00 19.65 ? 1165 TRP A CZ3 1 
ATOM   843  C CH2 . TRP A 1 104 ? 2.956   7.206   6.502   1.00 20.38 ? 1165 TRP A CH2 1 
ATOM   844  N N   . LEU A 1 105 ? 3.909   1.963   12.957  1.00 20.76 ? 1166 LEU A N   1 
ATOM   845  C CA  . LEU A 1 105 ? 3.479   1.439   14.256  1.00 21.64 ? 1166 LEU A CA  1 
ATOM   846  C C   . LEU A 1 105 ? 4.555   0.620   14.914  1.00 21.85 ? 1166 LEU A C   1 
ATOM   847  O O   . LEU A 1 105 ? 4.867   0.816   16.108  1.00 21.28 ? 1166 LEU A O   1 
ATOM   848  C CB  . LEU A 1 105 ? 2.207   0.587   14.111  1.00 22.35 ? 1166 LEU A CB  1 
ATOM   849  C CG  . LEU A 1 105 ? 1.771   -0.235  15.323  1.00 22.79 ? 1166 LEU A CG  1 
ATOM   850  C CD1 . LEU A 1 105 ? 1.497   0.675   16.510  1.00 24.41 ? 1166 LEU A CD1 1 
ATOM   851  C CD2 . LEU A 1 105 ? 0.541   -1.050  14.947  1.00 22.84 ? 1166 LEU A CD2 1 
ATOM   852  N N   . TYR A 1 106 ? 5.133   -0.311  14.148  1.00 21.28 ? 1167 TYR A N   1 
ATOM   853  C CA  . TYR A 1 106 ? 6.079   -1.240  14.723  1.00 20.35 ? 1167 TYR A CA  1 
ATOM   854  C C   . TYR A 1 106 ? 7.416   -0.579  15.068  1.00 20.04 ? 1167 TYR A C   1 
ATOM   855  O O   . TYR A 1 106 ? 8.046   -0.918  16.074  1.00 21.57 ? 1167 TYR A O   1 
ATOM   856  C CB  . TYR A 1 106 ? 6.294   -2.501  13.857  1.00 21.29 ? 1167 TYR A CB  1 
ATOM   857  C CG  . TYR A 1 106 ? 7.155   -3.480  14.597  1.00 21.35 ? 1167 TYR A CG  1 
ATOM   858  C CD1 . TYR A 1 106 ? 6.629   -4.252  15.640  1.00 22.24 ? 1167 TYR A CD1 1 
ATOM   859  C CD2 . TYR A 1 106 ? 8.526   -3.540  14.369  1.00 22.36 ? 1167 TYR A CD2 1 
ATOM   860  C CE1 . TYR A 1 106 ? 7.421   -5.098  16.369  1.00 22.62 ? 1167 TYR A CE1 1 
ATOM   861  C CE2 . TYR A 1 106 ? 9.335   -4.387  15.098  1.00 22.12 ? 1167 TYR A CE2 1 
ATOM   862  C CZ  . TYR A 1 106 ? 8.775   -5.161  16.104  1.00 24.57 ? 1167 TYR A CZ  1 
ATOM   863  O OH  . TYR A 1 106 ? 9.565   -5.988  16.850  1.00 23.51 ? 1167 TYR A OH  1 
ATOM   864  N N   . ASN A 1 107 ? 7.851   0.339   14.228  1.00 19.90 ? 1168 ASN A N   1 
ATOM   865  C CA  . ASN A 1 107 ? 9.193   0.890   14.333  1.00 20.44 ? 1168 ASN A CA  1 
ATOM   866  C C   . ASN A 1 107 ? 9.200   2.242   15.009  1.00 20.16 ? 1168 ASN A C   1 
ATOM   867  O O   . ASN A 1 107 ? 8.329   3.068   14.766  1.00 19.59 ? 1168 ASN A O   1 
ATOM   868  C CB  . ASN A 1 107 ? 9.802   0.992   12.939  1.00 19.90 ? 1168 ASN A CB  1 
ATOM   869  C CG  . ASN A 1 107 ? 9.826   -0.344  12.248  1.00 19.75 ? 1168 ASN A CG  1 
ATOM   870  O OD1 . ASN A 1 107 ? 10.511  -1.248  12.693  1.00 18.96 ? 1168 ASN A OD1 1 
ATOM   871  N ND2 . ASN A 1 107 ? 9.051   -0.484  11.161  1.00 19.26 ? 1168 ASN A ND2 1 
ATOM   872  N N   . ARG A 1 108 ? 10.225  2.486   15.818  1.00 21.57 ? 1169 ARG A N   1 
ATOM   873  C CA  . ARG A 1 108 ? 10.450  3.825   16.363  1.00 21.50 ? 1169 ARG A CA  1 
ATOM   874  C C   . ARG A 1 108 ? 10.735  4.837   15.275  1.00 21.94 ? 1169 ARG A C   1 
ATOM   875  O O   . ARG A 1 108 ? 11.240  4.494   14.202  1.00 21.85 ? 1169 ARG A O   1 
ATOM   876  C CB  . ARG A 1 108 ? 11.565  3.818   17.401  1.00 22.09 ? 1169 ARG A CB  1 
ATOM   877  C CG  . ARG A 1 108 ? 12.957  3.591   16.834  1.00 22.25 ? 1169 ARG A CG  1 
ATOM   878  C CD  . ARG A 1 108 ? 13.963  3.342   17.915  1.00 23.30 ? 1169 ARG A CD  1 
ATOM   879  N NE  . ARG A 1 108 ? 15.284  3.105   17.346  1.00 23.43 ? 1169 ARG A NE  1 
ATOM   880  C CZ  . ARG A 1 108 ? 15.710  1.958   16.827  1.00 24.67 ? 1169 ARG A CZ  1 
ATOM   881  N NH1 . ARG A 1 108 ? 14.934  0.874   16.750  1.00 24.15 ? 1169 ARG A NH1 1 
ATOM   882  N NH2 . ARG A 1 108 ? 16.947  1.905   16.342  1.00 26.07 ? 1169 ARG A NH2 1 
ATOM   883  N N   . LYS A 1 109 ? 10.413  6.090   15.561  1.00 20.93 ? 1170 LYS A N   1 
ATOM   884  C CA  . LYS A 1 109 ? 10.631  7.179   14.625  1.00 23.16 ? 1170 LYS A CA  1 
ATOM   885  C C   . LYS A 1 109 ? 12.096  7.254   14.182  1.00 22.34 ? 1170 LYS A C   1 
ATOM   886  O O   . LYS A 1 109 ? 12.349  7.458   13.005  1.00 23.83 ? 1170 LYS A O   1 
ATOM   887  C CB  . LYS A 1 109 ? 10.168  8.510   15.198  1.00 25.32 ? 1170 LYS A CB  1 
ATOM   888  C CG  . LYS A 1 109 ? 10.003  9.583   14.151  1.00 27.69 ? 1170 LYS A CG  1 
ATOM   889  C CD  . LYS A 1 109 ? 9.434   10.857  14.742  1.00 31.10 ? 1170 LYS A CD  1 
ATOM   890  C CE  . LYS A 1 109 ? 7.933   10.801  14.967  1.00 31.47 ? 1170 LYS A CE  1 
ATOM   891  N NZ  . LYS A 1 109 ? 7.363   12.184  14.950  1.00 32.74 ? 1170 LYS A NZ  1 
ATOM   892  N N   . THR A 1 110 ? 13.040  7.045   15.102  1.00 22.57 ? 1171 THR A N   1 
ATOM   893  C CA  . THR A 1 110 ? 14.473  7.138   14.781  1.00 21.59 ? 1171 THR A CA  1 
ATOM   894  C C   . THR A 1 110 ? 15.107  5.808   14.351  1.00 21.45 ? 1171 THR A C   1 
ATOM   895  O O   . THR A 1 110 ? 16.243  5.527   14.706  1.00 21.52 ? 1171 THR A O   1 
ATOM   896  C CB  . THR A 1 110 ? 15.260  7.753   15.962  1.00 22.68 ? 1171 THR A CB  1 
ATOM   897  O OG1 . THR A 1 110 ? 15.095  6.963   17.145  1.00 23.28 ? 1171 THR A OG1 1 
ATOM   898  C CG2 . THR A 1 110 ? 14.771  9.151   16.244  1.00 22.96 ? 1171 THR A CG2 1 
ATOM   899  N N   . SER A 1 111 ? 14.393  5.004   13.552  1.00 20.54 ? 1172 SER A N   1 
ATOM   900  C CA  . SER A 1 111 ? 14.952  3.771   12.965  1.00 20.30 ? 1172 SER A CA  1 
ATOM   901  C C   . SER A 1 111 ? 14.911  3.920   11.455  1.00 19.41 ? 1172 SER A C   1 
ATOM   902  O O   . SER A 1 111 ? 14.165  4.752   10.916  1.00 18.75 ? 1172 SER A O   1 
ATOM   903  C CB  . SER A 1 111 ? 14.184  2.522   13.414  1.00 20.40 ? 1172 SER A CB  1 
ATOM   904  O OG  . SER A 1 111 ? 12.846  2.562   12.949  1.00 20.11 ? 1172 SER A OG  1 
ATOM   905  N N   . ARG A 1 112 ? 15.770  3.167   10.769  1.00 18.31 ? 1173 ARG A N   1 
ATOM   906  C CA  . ARG A 1 112 ? 15.879  3.280   9.328   1.00 19.03 ? 1173 ARG A CA  1 
ATOM   907  C C   . ARG A 1 112 ? 14.575  2.935   8.604   1.00 18.16 ? 1173 ARG A C   1 
ATOM   908  O O   . ARG A 1 112 ? 14.183  3.639   7.687   1.00 17.56 ? 1173 ARG A O   1 
ATOM   909  C CB  . ARG A 1 112 ? 17.020  2.407   8.792   1.00 19.39 ? 1173 ARG A CB  1 
ATOM   910  C CG  . ARG A 1 112 ? 17.309  2.679   7.317   1.00 20.99 ? 1173 ARG A CG  1 
ATOM   911  C CD  . ARG A 1 112 ? 18.475  1.867   6.802   1.00 21.06 ? 1173 ARG A CD  1 
ATOM   912  N NE  . ARG A 1 112 ? 19.755  2.240   7.410   1.00 21.52 ? 1173 ARG A NE  1 
ATOM   913  C CZ  . ARG A 1 112 ? 20.467  1.506   8.268   1.00 22.45 ? 1173 ARG A CZ  1 
ATOM   914  N NH1 . ARG A 1 112 ? 20.059  0.322   8.724   1.00 22.78 ? 1173 ARG A NH1 1 
ATOM   915  N NH2 . ARG A 1 112 ? 21.640  1.975   8.681   1.00 22.57 ? 1173 ARG A NH2 1 
ATOM   916  N N   . VAL A 1 113 ? 13.900  1.871   9.030   1.00 18.98 ? 1174 VAL A N   1 
ATOM   917  C CA  . VAL A 1 113 ? 12.673  1.456   8.339   1.00 19.82 ? 1174 VAL A CA  1 
ATOM   918  C C   . VAL A 1 113 ? 11.578  2.520   8.465   1.00 20.03 ? 1174 VAL A C   1 
ATOM   919  O O   . VAL A 1 113 ? 10.865  2.764   7.513   1.00 18.52 ? 1174 VAL A O   1 
ATOM   920  C CB  . VAL A 1 113 ? 12.186  0.063   8.767   1.00 20.13 ? 1174 VAL A CB  1 
ATOM   921  C CG1 . VAL A 1 113 ? 10.801  -0.252  8.197   1.00 20.55 ? 1174 VAL A CG1 1 
ATOM   922  C CG2 . VAL A 1 113 ? 13.167  -0.988  8.287   1.00 21.68 ? 1174 VAL A CG2 1 
ATOM   923  N N   . TYR A 1 114 ? 11.476  3.165   9.625   1.00 20.15 ? 1175 TYR A N   1 
ATOM   924  C CA  . TYR A 1 114 ? 10.546  4.289   9.764   1.00 19.35 ? 1175 TYR A CA  1 
ATOM   925  C C   . TYR A 1 114 ? 10.826  5.390   8.758   1.00 19.77 ? 1175 TYR A C   1 
ATOM   926  O O   . TYR A 1 114 ? 9.910   5.894   8.114   1.00 17.98 ? 1175 TYR A O   1 
ATOM   927  C CB  . TYR A 1 114 ? 10.569  4.833   11.194  1.00 20.54 ? 1175 TYR A CB  1 
ATOM   928  C CG  . TYR A 1 114 ? 9.426   5.774   11.543  1.00 20.96 ? 1175 TYR A CG  1 
ATOM   929  C CD1 . TYR A 1 114 ? 9.357   7.066   11.002  1.00 21.73 ? 1175 TYR A CD1 1 
ATOM   930  C CD2 . TYR A 1 114 ? 8.419   5.385   12.428  1.00 21.38 ? 1175 TYR A CD2 1 
ATOM   931  C CE1 . TYR A 1 114 ? 8.328   7.932   11.322  1.00 23.36 ? 1175 TYR A CE1 1 
ATOM   932  C CE2 . TYR A 1 114 ? 7.386   6.260   12.766  1.00 22.23 ? 1175 TYR A CE2 1 
ATOM   933  C CZ  . TYR A 1 114 ? 7.347   7.526   12.212  1.00 23.29 ? 1175 TYR A CZ  1 
ATOM   934  O OH  . TYR A 1 114 ? 6.333   8.398   12.500  1.00 24.06 ? 1175 TYR A OH  1 
ATOM   935  N N   . LYS A 1 115 ? 12.101  5.784   8.628   1.00 19.53 ? 1176 LYS A N   1 
ATOM   936  C CA  . LYS A 1 115 ? 12.482  6.845   7.695   1.00 19.87 ? 1176 LYS A CA  1 
ATOM   937  C C   . LYS A 1 115 ? 12.120  6.485   6.256   1.00 19.26 ? 1176 LYS A C   1 
ATOM   938  O O   . LYS A 1 115 ? 11.580  7.302   5.505   1.00 19.01 ? 1176 LYS A O   1 
ATOM   939  C CB  . LYS A 1 115 ? 13.992  7.117   7.813   1.00 20.18 ? 1176 LYS A CB  1 
ATOM   940  C CG  . LYS A 1 115 ? 14.593  8.028   6.741   1.00 22.70 ? 1176 LYS A CG  1 
ATOM   941  C CD  . LYS A 1 115 ? 16.066  8.263   7.048   1.00 23.33 ? 1176 LYS A CD  1 
ATOM   942  C CE  . LYS A 1 115 ? 16.764  9.163   6.027   1.00 24.76 ? 1176 LYS A CE  1 
ATOM   943  N NZ  . LYS A 1 115 ? 18.138  9.441   6.551   1.00 25.17 ? 1176 LYS A NZ  1 
ATOM   944  N N   . PHE A 1 116 ? 12.417  5.252   5.891   1.00 18.36 ? 1177 PHE A N   1 
ATOM   945  C CA  . PHE A 1 116 ? 12.139  4.741   4.550   1.00 18.93 ? 1177 PHE A CA  1 
ATOM   946  C C   . PHE A 1 116 ? 10.643  4.682   4.268   1.00 18.85 ? 1177 PHE A C   1 
ATOM   947  O O   . PHE A 1 116 ? 10.187  5.048   3.180   1.00 19.41 ? 1177 PHE A O   1 
ATOM   948  C CB  . PHE A 1 116 ? 12.781  3.368   4.387   1.00 19.78 ? 1177 PHE A CB  1 
ATOM   949  C CG  . PHE A 1 116 ? 14.290  3.401   4.209   1.00 20.30 ? 1177 PHE A CG  1 
ATOM   950  C CD1 . PHE A 1 116 ? 15.024  4.575   4.349   1.00 21.38 ? 1177 PHE A CD1 1 
ATOM   951  C CD2 . PHE A 1 116 ? 14.969  2.220   3.934   1.00 20.84 ? 1177 PHE A CD2 1 
ATOM   952  C CE1 . PHE A 1 116 ? 16.403  4.578   4.178   1.00 21.78 ? 1177 PHE A CE1 1 
ATOM   953  C CE2 . PHE A 1 116 ? 16.348  2.223   3.756   1.00 22.96 ? 1177 PHE A CE2 1 
ATOM   954  C CZ  . PHE A 1 116 ? 17.059  3.397   3.883   1.00 22.28 ? 1177 PHE A CZ  1 
ATOM   955  N N   . CYS A 1 117 ? 9.885   4.294   5.277   1.00 19.00 ? 1178 CYS A N   1 
ATOM   956  C CA  . CYS A 1 117 ? 8.440   4.299   5.163   1.00 18.94 ? 1178 CYS A CA  1 
ATOM   957  C C   . CYS A 1 117 ? 7.925   5.682   4.823   1.00 19.86 ? 1178 CYS A C   1 
ATOM   958  O O   . CYS A 1 117 ? 7.157   5.843   3.882   1.00 19.03 ? 1178 CYS A O   1 
ATOM   959  C CB  . CYS A 1 117 ? 7.812   3.807   6.450   1.00 19.80 ? 1178 CYS A CB  1 
ATOM   960  S SG  . CYS A 1 117 ? 6.021   3.629   6.284   1.00 19.59 ? 1178 CYS A SG  1 
ATOM   961  N N   . SER A 1 118 ? 8.401   6.698   5.541   1.00 20.53 ? 1179 SER A N   1 
ATOM   962  C CA  . SER A 1 118 ? 7.967   8.076   5.292   1.00 21.01 ? 1179 SER A CA  1 
ATOM   963  C C   . SER A 1 118 ? 8.268   8.549   3.873   1.00 21.96 ? 1179 SER A C   1 
ATOM   964  O O   . SER A 1 118 ? 7.441   9.198   3.246   1.00 21.34 ? 1179 SER A O   1 
ATOM   965  C CB  . SER A 1 118 ? 8.567   9.020   6.330   1.00 21.24 ? 1179 SER A CB  1 
ATOM   966  O OG  . SER A 1 118 ? 8.067   8.725   7.620   1.00 21.02 ? 1179 SER A OG  1 
ATOM   967  N N   . LYS A 1 119 ? 9.436   8.181   3.348   1.00 22.13 ? 1180 LYS A N   1 
ATOM   968  C CA  . LYS A 1 119 ? 9.796   8.528   1.965   1.00 23.20 ? 1180 LYS A CA  1 
ATOM   969  C C   . LYS A 1 119 ? 8.840   7.923   0.918   1.00 21.37 ? 1180 LYS A C   1 
ATOM   970  C CB  . LYS A 1 119 ? 11.231  8.080   1.698   1.00 25.56 ? 1180 LYS A CB  1 
ATOM   971  C CG  . LYS A 1 119 ? 11.711  8.272   0.269   1.00 28.25 ? 1180 LYS A CG  1 
ATOM   972  C CD  . LYS A 1 119 ? 11.532  9.690   -0.236  1.00 30.67 ? 1180 LYS A CD  1 
ATOM   973  C CE  . LYS A 1 119 ? 12.330  9.859   -1.521  1.00 33.60 ? 1180 LYS A CE  1 
ATOM   974  N NZ  . LYS A 1 119 ? 11.767  10.964  -2.321  1.00 34.92 ? 1180 LYS A NZ  1 
ATOM   975  N N   . LEU A 1 120 ? 8.597   6.627   1.121   1.00 19.99 ? 1181 LEU A N   1 
ATOM   976  C CA  . LEU A 1 120 ? 7.669   5.895   0.274   1.00 20.54 ? 1181 LEU A CA  1 
ATOM   977  C C   . LEU A 1 120 ? 6.278   6.477   0.349   1.00 19.50 ? 1181 LEU A C   1 
ATOM   978  O O   . LEU A 1 120 ? 5.630   6.605   -0.681  1.00 18.93 ? 1181 LEU A O   1 
ATOM   979  C CB  . LEU A 1 120 ? 7.605   4.404   0.648   1.00 20.99 ? 1181 LEU A CB  1 
ATOM   980  C CG  . LEU A 1 120 ? 8.826   3.509   0.436   1.00 22.10 ? 1181 LEU A CG  1 
ATOM   981  C CD1 . LEU A 1 120 ? 8.459   2.055   0.662   1.00 22.49 ? 1181 LEU A CD1 1 
ATOM   982  C CD2 . LEU A 1 120 ? 9.405   3.673   -0.958  1.00 22.80 ? 1181 LEU A CD2 1 
ATOM   983  N N   . ALA A 1 121 ? 5.819   6.810   1.558   1.00 19.75 ? 1182 ALA A N   1 
ATOM   984  C CA  . ALA A 1 121 ? 4.502   7.458   1.737   1.00 20.59 ? 1182 ALA A CA  1 
ATOM   985  C C   . ALA A 1 121 ? 4.422   8.776   1.003   1.00 22.51 ? 1182 ALA A C   1 
ATOM   986  O O   . ALA A 1 121 ? 3.392   9.089   0.409   1.00 20.63 ? 1182 ALA A O   1 
ATOM   987  C CB  . ALA A 1 121 ? 4.185   7.672   3.206   1.00 21.31 ? 1182 ALA A CB  1 
ATOM   988  N N   . GLU A 1 122 ? 5.513   9.545   1.029   1.00 23.62 ? 1183 GLU A N   1 
ATOM   989  C CA  . GLU A 1 122 ? 5.560   10.808  0.283   1.00 26.03 ? 1183 GLU A CA  1 
ATOM   990  C C   . GLU A 1 122 ? 5.406   10.575  -1.222  1.00 24.26 ? 1183 GLU A C   1 
ATOM   991  O O   . GLU A 1 122 ? 4.636   11.272  -1.893  1.00 25.16 ? 1183 GLU A O   1 
ATOM   992  C CB  . GLU A 1 122 ? 6.874   11.545  0.571   1.00 28.62 ? 1183 GLU A CB  1 
ATOM   993  C CG  . GLU A 1 122 ? 7.021   12.867  -0.166  1.00 33.65 ? 1183 GLU A CG  1 
ATOM   994  C CD  . GLU A 1 122 ? 8.372   13.515  0.078   1.00 37.18 ? 1183 GLU A CD  1 
ATOM   995  O OE1 . GLU A 1 122 ? 8.431   14.426  0.914   1.00 42.87 ? 1183 GLU A OE1 1 
ATOM   996  O OE2 . GLU A 1 122 ? 9.366   13.102  -0.558  1.00 42.92 ? 1183 GLU A OE2 1 
ATOM   997  N N   . VAL A 1 123 ? 6.153   9.604   -1.739  1.00 23.44 ? 1184 VAL A N   1 
ATOM   998  C CA  . VAL A 1 123 ? 6.109   9.234   -3.162  1.00 24.16 ? 1184 VAL A CA  1 
ATOM   999  C C   . VAL A 1 123 ? 4.706   8.767   -3.553  1.00 23.71 ? 1184 VAL A C   1 
ATOM   1000 O O   . VAL A 1 123 ? 4.153   9.202   -4.566  1.00 22.93 ? 1184 VAL A O   1 
ATOM   1001 C CB  . VAL A 1 123 ? 7.161   8.152   -3.497  1.00 24.87 ? 1184 VAL A CB  1 
ATOM   1002 C CG1 . VAL A 1 123 ? 6.969   7.584   -4.902  1.00 25.55 ? 1184 VAL A CG1 1 
ATOM   1003 C CG2 . VAL A 1 123 ? 8.574   8.717   -3.337  1.00 26.29 ? 1184 VAL A CG2 1 
ATOM   1004 N N   . PHE A 1 124 ? 4.131   7.902   -2.730  1.00 23.15 ? 1185 PHE A N   1 
ATOM   1005 C CA  . PHE A 1 124 ? 2.803   7.383   -3.016  1.00 23.56 ? 1185 PHE A CA  1 
ATOM   1006 C C   . PHE A 1 124 ? 1.754   8.488   -3.116  1.00 25.66 ? 1185 PHE A C   1 
ATOM   1007 O O   . PHE A 1 124 ? 0.971   8.529   -4.083  1.00 25.44 ? 1185 PHE A O   1 
ATOM   1008 C CB  . PHE A 1 124 ? 2.396   6.357   -1.959  1.00 22.35 ? 1185 PHE A CB  1 
ATOM   1009 C CG  . PHE A 1 124 ? 1.135   5.629   -2.306  1.00 22.78 ? 1185 PHE A CG  1 
ATOM   1010 C CD1 . PHE A 1 124 ? 1.074   4.856   -3.465  1.00 22.94 ? 1185 PHE A CD1 1 
ATOM   1011 C CD2 . PHE A 1 124 ? 0.011   5.711   -1.484  1.00 22.85 ? 1185 PHE A CD2 1 
ATOM   1012 C CE1 . PHE A 1 124 ? -0.087  4.167   -3.798  1.00 23.32 ? 1185 PHE A CE1 1 
ATOM   1013 C CE2 . PHE A 1 124 ? -1.161  5.036   -1.819  1.00 23.46 ? 1185 PHE A CE2 1 
ATOM   1014 C CZ  . PHE A 1 124 ? -1.205  4.263   -2.976  1.00 23.78 ? 1185 PHE A CZ  1 
ATOM   1015 N N   . GLU A 1 125 ? 1.737   9.384   -2.134  1.00 26.29 ? 1186 GLU A N   1 
ATOM   1016 C CA  . GLU A 1 125 ? 0.755   10.488  -2.127  1.00 30.58 ? 1186 GLU A CA  1 
ATOM   1017 C C   . GLU A 1 125 ? 0.781   11.250  -3.440  1.00 30.37 ? 1186 GLU A C   1 
ATOM   1018 O O   . GLU A 1 125 ? -0.272  11.489  -4.038  1.00 31.11 ? 1186 GLU A O   1 
ATOM   1019 C CB  . GLU A 1 125 ? 0.981   11.438  -0.954  1.00 32.63 ? 1186 GLU A CB  1 
ATOM   1020 C CG  . GLU A 1 125 ? 0.467   10.901  0.374   1.00 36.54 ? 1186 GLU A CG  1 
ATOM   1021 C CD  . GLU A 1 125 ? 0.586   11.903  1.519   1.00 40.67 ? 1186 GLU A CD  1 
ATOM   1022 O OE1 . GLU A 1 125 ? 1.074   11.523  2.601   1.00 43.15 ? 1186 GLU A OE1 1 
ATOM   1023 O OE2 . GLU A 1 125 ? 0.184   13.077  1.343   1.00 48.49 ? 1186 GLU A OE2 1 
ATOM   1024 N N   . GLN A 1 126 ? 1.989   11.577  -3.903  1.00 30.54 ? 1187 GLN A N   1 
ATOM   1025 C CA  . GLN A 1 126 ? 2.187   12.275  -5.187  1.00 30.98 ? 1187 GLN A CA  1 
ATOM   1026 C C   . GLN A 1 126 ? 1.674   11.511  -6.421  1.00 30.34 ? 1187 GLN A C   1 
ATOM   1027 O O   . GLN A 1 126 ? 1.138   12.114  -7.348  1.00 29.31 ? 1187 GLN A O   1 
ATOM   1028 C CB  . GLN A 1 126 ? 3.672   12.606  -5.392  1.00 32.18 ? 1187 GLN A CB  1 
ATOM   1029 C CG  . GLN A 1 126 ? 4.206   13.650  -4.427  1.00 34.95 ? 1187 GLN A CG  1 
ATOM   1030 N N   . GLU A 1 127 ? 1.856   10.197  -6.444  1.00 28.46 ? 1188 GLU A N   1 
ATOM   1031 C CA  . GLU A 1 127 ? 1.459   9.399   -7.604  1.00 29.05 ? 1188 GLU A CA  1 
ATOM   1032 C C   . GLU A 1 127 ? -0.026  9.059   -7.598  1.00 28.80 ? 1188 GLU A C   1 
ATOM   1033 O O   . GLU A 1 127 ? -0.663  9.016   -8.663  1.00 28.74 ? 1188 GLU A O   1 
ATOM   1034 C CB  . GLU A 1 127 ? 2.279   8.108   -7.681  1.00 29.85 ? 1188 GLU A CB  1 
ATOM   1035 C CG  . GLU A 1 127 ? 3.793   8.301   -7.819  1.00 31.80 ? 1188 GLU A CG  1 
ATOM   1036 C CD  . GLU A 1 127 ? 4.193   9.105   -9.042  1.00 35.28 ? 1188 GLU A CD  1 
ATOM   1037 O OE1 . GLU A 1 127 ? 3.685   8.815   -10.139 1.00 37.21 ? 1188 GLU A OE1 1 
ATOM   1038 O OE2 . GLU A 1 127 ? 5.005   10.041  -8.898  1.00 37.08 ? 1188 GLU A OE2 1 
ATOM   1039 N N   . ILE A 1 128 ? -0.576  8.818   -6.406  1.00 26.73 ? 1189 ILE A N   1 
ATOM   1040 C CA  . ILE A 1 128 ? -1.918  8.233   -6.302  1.00 28.01 ? 1189 ILE A CA  1 
ATOM   1041 C C   . ILE A 1 128 ? -3.056  9.239   -6.476  1.00 29.35 ? 1189 ILE A C   1 
ATOM   1042 O O   . ILE A 1 128 ? -4.089  8.893   -7.054  1.00 29.27 ? 1189 ILE A O   1 
ATOM   1043 C CB  . ILE A 1 128 ? -2.093  7.437   -4.991  1.00 27.07 ? 1189 ILE A CB  1 
ATOM   1044 C CG1 . ILE A 1 128 ? -3.249  6.425   -5.102  1.00 27.27 ? 1189 ILE A CG1 1 
ATOM   1045 C CG2 . ILE A 1 128 ? -2.306  8.367   -3.803  1.00 27.38 ? 1189 ILE A CG2 1 
ATOM   1046 C CD1 . ILE A 1 128 ? -3.118  5.425   -6.236  1.00 27.89 ? 1189 ILE A CD1 1 
ATOM   1047 N N   . ASP A 1 129 ? -2.870  10.457  -5.975  1.00 32.74 ? 1190 ASP A N   1 
ATOM   1048 C CA  . ASP A 1 129 ? -3.944  11.464  -5.941  1.00 37.36 ? 1190 ASP A CA  1 
ATOM   1049 C C   . ASP A 1 129 ? -4.602  11.693  -7.306  1.00 37.69 ? 1190 ASP A C   1 
ATOM   1050 O O   . ASP A 1 129 ? -5.825  11.581  -7.407  1.00 39.13 ? 1190 ASP A O   1 
ATOM   1051 C CB  . ASP A 1 129 ? -3.463  12.787  -5.309  1.00 40.04 ? 1190 ASP A CB  1 
ATOM   1052 C CG  . ASP A 1 129 ? -3.323  12.710  -3.773  1.00 44.01 ? 1190 ASP A CG  1 
ATOM   1053 O OD1 . ASP A 1 129 ? -3.478  11.620  -3.167  1.00 43.91 ? 1190 ASP A OD1 1 
ATOM   1054 O OD2 . ASP A 1 129 ? -3.042  13.762  -3.156  1.00 47.19 ? 1190 ASP A OD2 1 
ATOM   1055 N N   . PRO A 1 130 ? -3.808  11.967  -8.362  1.00 41.06 ? 1191 PRO A N   1 
ATOM   1056 C CA  . PRO A 1 130 ? -4.440  12.153  -9.684  1.00 41.41 ? 1191 PRO A CA  1 
ATOM   1057 C C   . PRO A 1 130 ? -5.095  10.892  -10.236 1.00 41.18 ? 1191 PRO A C   1 
ATOM   1058 O O   . PRO A 1 130 ? -6.123  10.989  -10.908 1.00 41.93 ? 1191 PRO A O   1 
ATOM   1059 C CB  . PRO A 1 130 ? -3.279  12.593  -10.584 1.00 41.77 ? 1191 PRO A CB  1 
ATOM   1060 C CG  . PRO A 1 130 ? -2.052  12.142  -9.879  1.00 41.72 ? 1191 PRO A CG  1 
ATOM   1061 C CD  . PRO A 1 130 ? -2.358  12.215  -8.416  1.00 40.60 ? 1191 PRO A CD  1 
ATOM   1062 N N   . VAL A 1 131 ? -4.515  9.725   -9.944  1.00 36.23 ? 1192 VAL A N   1 
ATOM   1063 C CA  . VAL A 1 131 ? -5.074  8.465   -10.399 1.00 35.40 ? 1192 VAL A CA  1 
ATOM   1064 C C   . VAL A 1 131 ? -6.443  8.217   -9.761  1.00 36.44 ? 1192 VAL A C   1 
ATOM   1065 O O   . VAL A 1 131 ? -7.375  7.835   -10.453 1.00 39.84 ? 1192 VAL A O   1 
ATOM   1066 C CB  . VAL A 1 131 ? -4.126  7.276   -10.131 1.00 32.43 ? 1192 VAL A CB  1 
ATOM   1067 C CG1 . VAL A 1 131 ? -4.804  5.940   -10.430 1.00 30.83 ? 1192 VAL A CG1 1 
ATOM   1068 C CG2 . VAL A 1 131 ? -2.862  7.421   -10.967 1.00 31.71 ? 1192 VAL A CG2 1 
ATOM   1069 N N   . MET A 1 132 ? -6.566  8.425   -8.454  1.00 37.05 ? 1193 MET A N   1 
ATOM   1070 C CA  . MET A 1 132 ? -7.846  8.121   -7.787  1.00 38.01 ? 1193 MET A CA  1 
ATOM   1071 C C   . MET A 1 132 ? -8.977  9.068   -8.198  1.00 41.38 ? 1193 MET A C   1 
ATOM   1072 O O   . MET A 1 132 ? -10.123 8.622   -8.292  1.00 41.85 ? 1193 MET A O   1 
ATOM   1073 C CB  . MET A 1 132 ? -7.688  8.029   -6.268  1.00 35.76 ? 1193 MET A CB  1 
ATOM   1074 C CG  . MET A 1 132 ? -6.921  6.784   -5.852  1.00 34.86 ? 1193 MET A CG  1 
ATOM   1075 S SD  . MET A 1 132 ? -7.793  5.218   -6.122  1.00 35.32 ? 1193 MET A SD  1 
ATOM   1076 C CE  . MET A 1 132 ? -8.925  5.266   -4.737  1.00 35.11 ? 1193 MET A CE  1 
ATOM   1077 N N   . GLN A 1 133 ? -8.650  10.329  -8.494  1.00 43.34 ? 1194 GLN A N   1 
ATOM   1078 C CA  . GLN A 1 133 ? -9.614  11.274  -9.073  1.00 47.68 ? 1194 GLN A CA  1 
ATOM   1079 C C   . GLN A 1 133 ? -10.217 10.721  -10.362 1.00 47.89 ? 1194 GLN A C   1 
ATOM   1080 O O   . GLN A 1 133 ? -11.440 10.706  -10.522 1.00 48.48 ? 1194 GLN A O   1 
ATOM   1081 C CB  . GLN A 1 133 ? -8.973  12.649  -9.345  1.00 50.56 ? 1194 GLN A CB  1 
ATOM   1082 C CG  . GLN A 1 133 ? -9.977  13.716  -9.810  1.00 54.04 ? 1194 GLN A CG  1 
ATOM   1083 C CD  . GLN A 1 133 ? -9.426  15.141  -9.868  1.00 57.43 ? 1194 GLN A CD  1 
ATOM   1084 O OE1 . GLN A 1 133 ? -9.895  15.964  -10.668 1.00 55.58 ? 1194 GLN A OE1 1 
ATOM   1085 N NE2 . GLN A 1 133 ? -8.446  15.449  -9.019  1.00 59.80 ? 1194 GLN A NE2 1 
ATOM   1086 N N   . SER A 1 134 ? -9.355  10.241  -11.257 1.00 47.34 ? 1195 SER A N   1 
ATOM   1087 C CA  . SER A 1 134 ? -9.794  9.706   -12.551 1.00 46.55 ? 1195 SER A CA  1 
ATOM   1088 C C   . SER A 1 134 ? -10.651 8.429   -12.458 1.00 45.42 ? 1195 SER A C   1 
ATOM   1089 O O   . SER A 1 134 ? -11.401 8.130   -13.387 1.00 46.34 ? 1195 SER A O   1 
ATOM   1090 C CB  . SER A 1 134 ? -8.587  9.460   -13.462 1.00 45.03 ? 1195 SER A CB  1 
ATOM   1091 O OG  . SER A 1 134 ? -7.789  8.400   -12.973 1.00 45.74 ? 1195 SER A OG  1 
ATOM   1092 N N   . LEU A 1 135 ? -10.537 7.685   -11.357 1.00 42.42 ? 1196 LEU A N   1 
ATOM   1093 C CA  . LEU A 1 135 ? -11.285 6.437   -11.181 1.00 43.58 ? 1196 LEU A CA  1 
ATOM   1094 C C   . LEU A 1 135 ? -12.560 6.560   -10.345 1.00 42.88 ? 1196 LEU A C   1 
ATOM   1095 O O   . LEU A 1 135 ? -13.379 5.632   -10.338 1.00 45.44 ? 1196 LEU A O   1 
ATOM   1096 C CB  . LEU A 1 135 ? -10.376 5.383   -10.549 1.00 42.45 ? 1196 LEU A CB  1 
ATOM   1097 C CG  . LEU A 1 135 ? -9.173  4.954   -11.377 1.00 42.95 ? 1196 LEU A CG  1 
ATOM   1098 C CD1 . LEU A 1 135 ? -8.315  3.989   -10.572 1.00 41.73 ? 1196 LEU A CD1 1 
ATOM   1099 C CD2 . LEU A 1 135 ? -9.617  4.321   -12.690 1.00 44.81 ? 1196 LEU A CD2 1 
ATOM   1100 N N   . GLY A 1 136 ? -12.719 7.674   -9.630  1.00 43.86 ? 1197 GLY A N   1 
ATOM   1101 C CA  . GLY A 1 136 ? -13.876 7.885   -8.766  1.00 46.04 ? 1197 GLY A CA  1 
ATOM   1102 C C   . GLY A 1 136 ? -15.111 8.268   -9.555  1.00 45.85 ? 1197 GLY A C   1 
ATOM   1103 O O   . GLY A 1 136 ? -16.199 8.339   -8.992  1.00 48.18 ? 1197 GLY A O   1 
HETATM 1104 C CBD . EJ3 B 2 .   ? 8.624   -3.412  7.057   1.00 20.65 ? 1201 EJ3 A CBD 1 
HETATM 1105 C CBC . EJ3 B 2 .   ? 9.273   -3.596  8.447   1.00 21.32 ? 1201 EJ3 A CBC 1 
HETATM 1106 O OBE . EJ3 B 2 .   ? 8.684   -3.138  9.433   1.00 21.55 ? 1201 EJ3 A OBE 1 
HETATM 1107 N NAG . EJ3 B 2 .   ? 10.546  -4.081  8.505   1.00 21.24 ? 1201 EJ3 A NAG 1 
HETATM 1108 C CAH . EJ3 B 2 .   ? 11.332  -4.464  7.460   1.00 21.22 ? 1201 EJ3 A CAH 1 
HETATM 1109 C CAD . EJ3 B 2 .   ? 11.294  -4.188  9.617   1.00 21.87 ? 1201 EJ3 A CAD 1 
HETATM 1110 C CAC . EJ3 B 2 .   ? 10.984  -3.941  10.921  1.00 22.70 ? 1201 EJ3 A CAC 1 
HETATM 1111 C CAB . EJ3 B 2 .   ? 11.888  -4.154  11.944  1.00 22.82 ? 1201 EJ3 A CAB 1 
HETATM 1112 C CAA . EJ3 B 2 .   ? 13.145  -4.625  11.637  1.00 23.69 ? 1201 EJ3 A CAA 1 
HETATM 1113 O OBF . EJ3 B 2 .   ? 13.973  -4.767  12.725  1.00 25.50 ? 1201 EJ3 A OBF 1 
HETATM 1114 C CBG . EJ3 B 2 .   ? 15.163  -5.512  12.569  1.00 27.14 ? 1201 EJ3 A CBG 1 
HETATM 1115 C CAF . EJ3 B 2 .   ? 13.441  -4.875  10.268  1.00 22.74 ? 1201 EJ3 A CAF 1 
HETATM 1116 C CAE . EJ3 B 2 .   ? 12.525  -4.671  9.281   1.00 21.98 ? 1201 EJ3 A CAE 1 
HETATM 1117 C CAI . EJ3 B 2 .   ? 12.541  -4.828  7.912   1.00 21.86 ? 1201 EJ3 A CAI 1 
HETATM 1118 C CAJ . EJ3 B 2 .   ? 13.587  -5.298  7.117   1.00 22.73 ? 1201 EJ3 A CAJ 1 
HETATM 1119 O OAK . EJ3 B 2 .   ? 14.763  -5.181  7.495   1.00 21.30 ? 1201 EJ3 A OAK 1 
HETATM 1120 N NAL . EJ3 B 2 .   ? 13.241  -5.946  5.947   1.00 22.51 ? 1201 EJ3 A NAL 1 
HETATM 1121 C CAM . EJ3 B 2 .   ? 14.125  -6.551  5.066   1.00 23.83 ? 1201 EJ3 A CAM 1 
HETATM 1122 C CAN . EJ3 B 2 .   ? 15.140  -5.842  4.393   1.00 24.23 ? 1201 EJ3 A CAN 1 
HETATM 1123 F FAS . EJ3 B 2 .   ? 15.287  -4.566  4.632   1.00 21.48 ? 1201 EJ3 A FAS 1 
HETATM 1124 C CAR . EJ3 B 2 .   ? 13.948  -7.906  4.795   1.00 24.64 ? 1201 EJ3 A CAR 1 
HETATM 1125 C CAQ . EJ3 B 2 .   ? 14.756  -8.608  3.894   1.00 25.64 ? 1201 EJ3 A CAQ 1 
HETATM 1126 C CAT . EJ3 B 2 .   ? 14.536  -9.989  3.683   1.00 29.17 ? 1201 EJ3 A CAT 1 
HETATM 1127 O OAV . EJ3 B 2 .   ? 13.503  -10.564 4.126   1.00 26.79 ? 1201 EJ3 A OAV 1 
HETATM 1128 O OAU . EJ3 B 2 .   ? 15.362  -10.685 3.047   1.00 29.08 ? 1201 EJ3 A OAU 1 
HETATM 1129 C CAP . EJ3 B 2 .   ? 15.772  -7.894  3.229   1.00 25.90 ? 1201 EJ3 A CAP 1 
HETATM 1130 C CAO . EJ3 B 2 .   ? 15.988  -6.516  3.450   1.00 26.12 ? 1201 EJ3 A CAO 1 
HETATM 1131 C CAW . EJ3 B 2 .   ? 16.982  -5.882  2.767   1.00 27.43 ? 1201 EJ3 A CAW 1 
HETATM 1132 C CBA . EJ3 B 2 .   ? 17.808  -4.922  3.206   1.00 29.36 ? 1201 EJ3 A CBA 1 
HETATM 1133 C CAX . EJ3 B 2 .   ? 17.314  -6.133  1.488   1.00 30.12 ? 1201 EJ3 A CAX 1 
HETATM 1134 N NAY . EJ3 B 2 .   ? 18.340  -5.337  1.139   1.00 28.67 ? 1201 EJ3 A NAY 1 
HETATM 1135 N NAZ . EJ3 B 2 .   ? 18.632  -4.586  2.202   1.00 30.21 ? 1201 EJ3 A NAZ 1 
HETATM 1136 C CBB . EJ3 B 2 .   ? 19.727  -3.574  2.181   1.00 30.97 ? 1201 EJ3 A CBB 1 
HETATM 1137 S S   . DMS C 3 .   ? -9.253  -7.604  -0.561  1.00 72.71 ? 1202 DMS A S   1 
HETATM 1138 O O   . DMS C 3 .   ? -8.327  -6.438  -0.608  1.00 60.82 ? 1202 DMS A O   1 
HETATM 1139 C C1  . DMS C 3 .   ? -10.265 -7.612  -1.937  1.00 69.96 ? 1202 DMS A C1  1 
HETATM 1140 C C2  . DMS C 3 .   ? -8.458  -9.110  -0.763  1.00 66.65 ? 1202 DMS A C2  1 
HETATM 1141 C C1  . GOL D 4 .   ? -25.085 -1.742  -11.039 1.00 37.18 ? 1203 GOL A C1  1 
HETATM 1142 O O1  . GOL D 4 .   ? -26.505 -1.548  -11.129 1.00 39.66 ? 1203 GOL A O1  1 
HETATM 1143 C C2  . GOL D 4 .   ? -24.672 -3.201  -10.846 1.00 37.11 ? 1203 GOL A C2  1 
HETATM 1144 O O2  . GOL D 4 .   ? -23.317 -3.192  -10.348 1.00 32.28 ? 1203 GOL A O2  1 
HETATM 1145 C C3  . GOL D 4 .   ? -25.642 -3.931  -9.913  1.00 34.29 ? 1203 GOL A C3  1 
HETATM 1146 O O3  . GOL D 4 .   ? -25.029 -4.990  -9.159  1.00 33.14 ? 1203 GOL A O3  1 
HETATM 1147 C C1  . GOL E 4 .   ? 14.395  3.052   -11.821 1.00 53.87 ? 1204 GOL A C1  1 
HETATM 1148 O O1  . GOL E 4 .   ? 14.810  1.787   -11.316 1.00 53.02 ? 1204 GOL A O1  1 
HETATM 1149 C C2  . GOL E 4 .   ? 15.595  3.786   -12.399 1.00 54.73 ? 1204 GOL A C2  1 
HETATM 1150 O O2  . GOL E 4 .   ? 15.088  4.903   -13.137 1.00 54.54 ? 1204 GOL A O2  1 
HETATM 1151 C C3  . GOL E 4 .   ? 16.532  4.249   -11.276 1.00 55.54 ? 1204 GOL A C3  1 
HETATM 1152 O O3  . GOL E 4 .   ? 17.875  3.782   -11.488 1.00 54.08 ? 1204 GOL A O3  1 
HETATM 1153 O O   . HOH F 5 .   ? -9.520  -0.860  4.204   1.00 27.99 ? 1301 HOH A O   1 
HETATM 1154 O O   . HOH F 5 .   ? 5.514   12.120  16.558  1.00 37.40 ? 1302 HOH A O   1 
HETATM 1155 O O   . HOH F 5 .   ? -0.959  2.240   -17.389 1.00 42.08 ? 1303 HOH A O   1 
HETATM 1156 O O   . HOH F 5 .   ? -17.677 -0.185  -8.040  1.00 27.36 ? 1304 HOH A O   1 
HETATM 1157 O O   . HOH F 5 .   ? 0.233   9.105   -11.025 1.00 36.17 ? 1305 HOH A O   1 
HETATM 1158 O O   . HOH F 5 .   ? 2.883   6.504   -10.777 1.00 33.09 ? 1306 HOH A O   1 
HETATM 1159 O O   . HOH F 5 .   ? 12.745  7.004   18.144  1.00 27.17 ? 1307 HOH A O   1 
HETATM 1160 O O   . HOH F 5 .   ? 5.849   -3.255  9.348   1.00 20.35 ? 1308 HOH A O   1 
HETATM 1161 O O   . HOH F 5 .   ? -21.576 6.452   -3.083  1.00 34.69 ? 1309 HOH A O   1 
HETATM 1162 O O   . HOH F 5 .   ? 9.686   -12.664 3.866   1.00 32.13 ? 1310 HOH A O   1 
HETATM 1163 O O   . HOH F 5 .   ? 6.227   -13.608 7.486   1.00 28.55 ? 1311 HOH A O   1 
HETATM 1164 O O   . HOH F 5 .   ? 8.237   -5.940  4.685   1.00 21.90 ? 1312 HOH A O   1 
HETATM 1165 O O   . HOH F 5 .   ? 5.799   -12.321 15.596  1.00 32.57 ? 1313 HOH A O   1 
HETATM 1166 O O   . HOH F 5 .   ? -15.508 -3.855  -9.278  1.00 28.72 ? 1314 HOH A O   1 
HETATM 1167 O O   . HOH F 5 .   ? -1.470  -10.832 -14.521 1.00 37.30 ? 1315 HOH A O   1 
HETATM 1168 O O   . HOH F 5 .   ? 11.943  9.887   5.178   1.00 31.17 ? 1316 HOH A O   1 
HETATM 1169 O O   . HOH F 5 .   ? 3.006   -8.843  3.886   1.00 23.86 ? 1317 HOH A O   1 
HETATM 1170 O O   . HOH F 5 .   ? -2.905  -8.754  6.200   1.00 29.68 ? 1318 HOH A O   1 
HETATM 1171 O O   . HOH F 5 .   ? -1.732  5.552   -13.564 1.00 38.69 ? 1319 HOH A O   1 
HETATM 1172 O O   . HOH F 5 .   ? -5.837  -6.654  2.687   1.00 28.38 ? 1320 HOH A O   1 
HETATM 1173 O O   . HOH F 5 .   ? 5.718   3.151   -13.587 1.00 34.51 ? 1321 HOH A O   1 
HETATM 1174 O O   . HOH F 5 .   ? -26.249 -0.550  -8.071  1.00 30.25 ? 1322 HOH A O   1 
HETATM 1175 O O   . HOH F 5 .   ? -12.594 7.219   -0.387  1.00 32.62 ? 1323 HOH A O   1 
HETATM 1176 O O   . HOH F 5 .   ? -7.548  11.668  -5.369  1.00 37.26 ? 1324 HOH A O   1 
HETATM 1177 O O   . HOH F 5 .   ? -4.044  1.437   7.637   1.00 30.01 ? 1325 HOH A O   1 
HETATM 1178 O O   . HOH F 5 .   ? -28.162 -0.104  -12.668 1.00 40.92 ? 1326 HOH A O   1 
HETATM 1179 O O   . HOH F 5 .   ? -5.441  0.917   5.287   1.00 23.98 ? 1327 HOH A O   1 
HETATM 1180 O O   . HOH F 5 .   ? 0.713   3.457   12.340  1.00 27.96 ? 1328 HOH A O   1 
HETATM 1181 O O   . HOH F 5 .   ? -7.774  -3.346  1.186   1.00 26.42 ? 1329 HOH A O   1 
HETATM 1182 O O   . HOH F 5 .   ? 12.077  9.936   -4.806  1.00 42.89 ? 1330 HOH A O   1 
HETATM 1183 O O   . HOH F 5 .   ? -18.599 7.214   -9.574  1.00 48.32 ? 1331 HOH A O   1 
HETATM 1184 O O   . HOH F 5 .   ? 4.889   -2.845  6.828   1.00 19.16 ? 1332 HOH A O   1 
HETATM 1185 O O   . HOH F 5 .   ? 6.609   4.644   16.193  1.00 33.73 ? 1333 HOH A O   1 
HETATM 1186 O O   . HOH F 5 .   ? -7.552  -6.620  -9.018  1.00 25.52 ? 1334 HOH A O   1 
HETATM 1187 O O   . HOH F 5 .   ? -1.451  -0.705  10.979  1.00 26.81 ? 1335 HOH A O   1 
HETATM 1188 O O   . HOH F 5 .   ? -1.888  -4.496  11.231  1.00 19.84 ? 1336 HOH A O   1 
HETATM 1189 O O   . HOH F 5 .   ? 9.559   1.179   -12.642 0.50 40.29 ? 1337 HOH A O   1 
HETATM 1190 O O   . HOH F 5 .   ? 5.840   -4.153  4.636   1.00 20.74 ? 1338 HOH A O   1 
HETATM 1191 O O   . HOH F 5 .   ? -1.974  -4.193  14.193  1.00 27.17 ? 1339 HOH A O   1 
HETATM 1192 O O   . HOH F 5 .   ? -6.291  -3.017  3.507   1.00 25.59 ? 1340 HOH A O   1 
HETATM 1193 O O   . HOH F 5 .   ? -19.230 -1.695  -15.032 1.00 40.73 ? 1341 HOH A O   1 
HETATM 1194 O O   . HOH F 5 .   ? 4.469   -10.736 -6.065  1.00 28.62 ? 1342 HOH A O   1 
HETATM 1195 O O   . HOH F 5 .   ? -22.951 -9.165  -8.910  1.00 24.32 ? 1343 HOH A O   1 
HETATM 1196 O O   . HOH F 5 .   ? 14.479  -6.385  -0.403  1.00 29.30 ? 1344 HOH A O   1 
HETATM 1197 O O   . HOH F 5 .   ? -11.114 -6.434  -10.592 1.00 34.08 ? 1345 HOH A O   1 
HETATM 1198 O O   . HOH F 5 .   ? 11.370  -9.932  5.820   1.00 25.35 ? 1346 HOH A O   1 
HETATM 1199 O O   . HOH F 5 .   ? -5.892  -6.054  -10.984 1.00 26.41 ? 1347 HOH A O   1 
HETATM 1200 O O   . HOH F 5 .   ? -4.108  7.899   -0.568  1.00 29.35 ? 1348 HOH A O   1 
HETATM 1201 O O   . HOH F 5 .   ? -2.987  7.438   8.923   1.00 58.31 ? 1349 HOH A O   1 
HETATM 1202 O O   . HOH F 5 .   ? 15.597  8.047   2.857   1.00 36.14 ? 1350 HOH A O   1 
HETATM 1203 O O   . HOH F 5 .   ? 5.568   10.710  4.789   1.00 36.25 ? 1351 HOH A O   1 
HETATM 1204 O O   . HOH F 5 .   ? -6.384  -14.940 -11.134 1.00 43.99 ? 1352 HOH A O   1 
HETATM 1205 O O   . HOH F 5 .   ? 17.145  7.431   -2.044  1.00 39.25 ? 1353 HOH A O   1 
HETATM 1206 O O   . HOH F 5 .   ? -24.547 -2.184  -4.927  1.00 27.16 ? 1354 HOH A O   1 
HETATM 1207 O O   . HOH F 5 .   ? 17.466  -6.017  6.948   1.00 35.62 ? 1355 HOH A O   1 
HETATM 1208 O O   . HOH F 5 .   ? 3.375   -5.320  7.401   1.00 22.38 ? 1356 HOH A O   1 
HETATM 1209 O O   . HOH F 5 .   ? 10.815  -7.298  5.166   1.00 20.11 ? 1357 HOH A O   1 
HETATM 1210 O O   . HOH F 5 .   ? 23.312  0.591   10.583  1.00 35.16 ? 1358 HOH A O   1 
HETATM 1211 O O   . HOH F 5 .   ? -3.889  6.178   6.924   1.00 43.21 ? 1359 HOH A O   1 
HETATM 1212 O O   . HOH F 5 .   ? -14.124 4.357   -12.853 1.00 48.68 ? 1360 HOH A O   1 
HETATM 1213 O O   . HOH F 5 .   ? 10.936  -8.876  19.438  1.00 32.54 ? 1361 HOH A O   1 
HETATM 1214 O O   . HOH F 5 .   ? 9.494   -10.819 -2.618  1.00 30.89 ? 1362 HOH A O   1 
HETATM 1215 O O   . HOH F 5 .   ? 10.380  9.874   9.053   1.00 30.68 ? 1363 HOH A O   1 
HETATM 1216 O O   . HOH F 5 .   ? 9.481   -0.417  -10.563 1.00 26.08 ? 1364 HOH A O   1 
HETATM 1217 O O   . HOH F 5 .   ? -13.455 6.132   7.244   1.00 30.04 ? 1365 HOH A O   1 
HETATM 1218 O O   . HOH F 5 .   ? 4.980   5.521   -12.383 1.00 33.05 ? 1366 HOH A O   1 
HETATM 1219 O O   . HOH F 5 .   ? -9.553  -7.805  -16.938 1.00 32.97 ? 1367 HOH A O   1 
HETATM 1220 O O   . HOH F 5 .   ? 5.479   -12.756 -1.498  1.00 42.62 ? 1368 HOH A O   1 
HETATM 1221 O O   . HOH F 5 .   ? 4.663   -7.837  6.018   1.00 17.01 ? 1369 HOH A O   1 
HETATM 1222 O O   . HOH F 5 .   ? 11.074  -4.125  18.755  1.00 35.67 ? 1370 HOH A O   1 
HETATM 1223 O O   . HOH F 5 .   ? 4.136   -12.837 -4.388  1.00 34.77 ? 1371 HOH A O   1 
HETATM 1224 O O   . HOH F 5 .   ? 18.913  11.063  4.006   1.00 40.79 ? 1372 HOH A O   1 
HETATM 1225 O O   . HOH F 5 .   ? 8.710   6.778   18.108  1.00 25.40 ? 1373 HOH A O   1 
HETATM 1226 O O   . HOH F 5 .   ? 5.426   9.966   9.915   1.00 58.56 ? 1374 HOH A O   1 
HETATM 1227 O O   . HOH F 5 .   ? 15.685  5.917   -5.695  1.00 34.20 ? 1375 HOH A O   1 
HETATM 1228 O O   . HOH F 5 .   ? -28.325 1.629   -7.247  1.00 29.29 ? 1376 HOH A O   1 
HETATM 1229 O O   . HOH F 5 .   ? -15.838 9.712   -5.863  1.00 34.20 ? 1377 HOH A O   1 
HETATM 1230 O O   . HOH F 5 .   ? -13.544 -5.378  0.998   1.00 25.72 ? 1378 HOH A O   1 
HETATM 1231 O O   . HOH F 5 .   ? 15.506  -6.423  -2.879  1.00 39.07 ? 1379 HOH A O   1 
HETATM 1232 O O   . HOH F 5 .   ? -15.800 12.788  5.107   1.00 40.08 ? 1380 HOH A O   1 
HETATM 1233 O O   . HOH F 5 .   ? -3.588  8.358   4.814   1.00 54.89 ? 1381 HOH A O   1 
HETATM 1234 O O   . HOH F 5 .   ? -22.715 -4.713  -4.966  1.00 41.08 ? 1382 HOH A O   1 
HETATM 1235 O O   . HOH F 5 .   ? 9.864   11.894  4.255   1.00 49.61 ? 1383 HOH A O   1 
HETATM 1236 O O   . HOH F 5 .   ? -27.072 -2.098  -14.811 1.00 39.49 ? 1384 HOH A O   1 
HETATM 1237 O O   . HOH F 5 .   ? -20.987 8.873   -3.917  1.00 41.70 ? 1385 HOH A O   1 
HETATM 1238 O O   . HOH F 5 .   ? 1.428   4.326   15.031  1.00 38.87 ? 1386 HOH A O   1 
HETATM 1239 O O   . HOH F 5 .   ? -6.404  7.858   -2.449  1.00 37.28 ? 1387 HOH A O   1 
HETATM 1240 O O   . HOH F 5 .   ? 0.672   6.792   -12.342 1.00 41.41 ? 1388 HOH A O   1 
HETATM 1241 O O   . HOH F 5 .   ? -3.951  -0.017  9.823   1.00 33.10 ? 1389 HOH A O   1 
HETATM 1242 O O   . HOH F 5 .   ? 8.095   -12.064 -4.374  1.00 33.82 ? 1390 HOH A O   1 
HETATM 1243 O O   . HOH F 5 .   ? 7.221   -10.265 -6.168  1.00 29.91 ? 1391 HOH A O   1 
HETATM 1244 O O   . HOH F 5 .   ? 2.872   9.430   9.711   1.00 46.63 ? 1392 HOH A O   1 
HETATM 1245 O O   . HOH F 5 .   ? 14.016  10.531  3.517   1.00 37.79 ? 1393 HOH A O   1 
# 
loop_
_pdbx_poly_seq_scheme.asym_id 
_pdbx_poly_seq_scheme.entity_id 
_pdbx_poly_seq_scheme.seq_id 
_pdbx_poly_seq_scheme.mon_id 
_pdbx_poly_seq_scheme.ndb_seq_num 
_pdbx_poly_seq_scheme.pdb_seq_num 
_pdbx_poly_seq_scheme.auth_seq_num 
_pdbx_poly_seq_scheme.pdb_mon_id 
_pdbx_poly_seq_scheme.auth_mon_id 
_pdbx_poly_seq_scheme.pdb_strand_id 
_pdbx_poly_seq_scheme.pdb_ins_code 
_pdbx_poly_seq_scheme.hetero 
A 1 1   MET 1   1062 ?    ?   ?   A . n 
A 1 2   LYS 2   1063 ?    ?   ?   A . n 
A 1 3   LYS 3   1064 ?    ?   ?   A . n 
A 1 4   GLY 4   1065 ?    ?   ?   A . n 
A 1 5   HIS 5   1066 ?    ?   ?   A . n 
A 1 6   HIS 6   1067 1067 HIS HIS A . n 
A 1 7   HIS 7   1068 1068 HIS HIS A . n 
A 1 8   HIS 8   1069 1069 HIS HIS A . n 
A 1 9   HIS 9   1070 1070 HIS HIS A . n 
A 1 10  HIS 10  1071 1071 HIS HIS A . n 
A 1 11  GLU 11  1072 1072 GLU GLU A . n 
A 1 12  ASN 12  1073 1073 ASN ASN A . n 
A 1 13  LEU 13  1074 1074 LEU LEU A . n 
A 1 14  TYR 14  1075 1075 TYR TYR A . n 
A 1 15  PHE 15  1076 1076 PHE PHE A . n 
A 1 16  GLN 16  1077 1077 GLN GLN A . n 
A 1 17  GLY 17  1078 1078 GLY GLY A . n 
A 1 18  GLY 18  1079 1079 GLY GLY A . n 
A 1 19  SER 19  1080 1080 SER SER A . n 
A 1 20  ARG 20  1081 1081 ARG ARG A . n 
A 1 21  LYS 21  1082 1082 LYS LYS A . n 
A 1 22  LYS 22  1083 1083 LYS LYS A . n 
A 1 23  ILE 23  1084 1084 ILE ILE A . n 
A 1 24  PHE 24  1085 1085 PHE PHE A . n 
A 1 25  LYS 25  1086 1086 LYS LYS A . n 
A 1 26  PRO 26  1087 1087 PRO PRO A . n 
A 1 27  GLU 27  1088 1088 GLU GLU A . n 
A 1 28  GLU 28  1089 1089 GLU GLU A . n 
A 1 29  LEU 29  1090 1090 LEU LEU A . n 
A 1 30  ARG 30  1091 1091 ARG ARG A . n 
A 1 31  GLN 31  1092 1092 GLN GLN A . n 
A 1 32  ALA 32  1093 1093 ALA ALA A . n 
A 1 33  LEU 33  1094 1094 LEU LEU A . n 
A 1 34  MET 34  1095 1095 MET MET A . n 
A 1 35  PRO 35  1096 1096 PRO PRO A . n 
A 1 36  THR 36  1097 1097 THR THR A . n 
A 1 37  LEU 37  1098 1098 LEU LEU A . n 
A 1 38  GLU 38  1099 1099 GLU GLU A . n 
A 1 39  ALA 39  1100 1100 ALA ALA A . n 
A 1 40  LEU 40  1101 1101 LEU LEU A . n 
A 1 41  TYR 41  1102 1102 TYR TYR A . n 
A 1 42  ARG 42  1103 1103 ARG ARG A . n 
A 1 43  GLN 43  1104 1104 GLN GLN A . n 
A 1 44  ASP 44  1105 1105 ASP ASP A . n 
A 1 45  PRO 45  1106 1106 PRO PRO A . n 
A 1 46  GLU 46  1107 1107 GLU GLU A . n 
A 1 47  SER 47  1108 1108 SER SER A . n 
A 1 48  LEU 48  1109 1109 LEU LEU A . n 
A 1 49  PRO 49  1110 1110 PRO PRO A . n 
A 1 50  PHE 50  1111 1111 PHE PHE A . n 
A 1 51  ARG 51  1112 1112 ARG ARG A . n 
A 1 52  GLN 52  1113 1113 GLN GLN A . n 
A 1 53  PRO 53  1114 1114 PRO PRO A . n 
A 1 54  VAL 54  1115 1115 VAL VAL A . n 
A 1 55  ASP 55  1116 1116 ASP ASP A . n 
A 1 56  PRO 56  1117 1117 PRO PRO A . n 
A 1 57  GLN 57  1118 1118 GLN GLN A . n 
A 1 58  LEU 58  1119 1119 LEU LEU A . n 
A 1 59  LEU 59  1120 1120 LEU LEU A . n 
A 1 60  GLY 60  1121 1121 GLY GLY A . n 
A 1 61  ILE 61  1122 1122 ILE ILE A . n 
A 1 62  PRO 62  1123 1123 PRO PRO A . n 
A 1 63  ASP 63  1124 1124 ASP ASP A . n 
A 1 64  TYR 64  1125 1125 TYR TYR A . n 
A 1 65  PHE 65  1126 1126 PHE PHE A . n 
A 1 66  ASP 66  1127 1127 ASP ASP A . n 
A 1 67  ILE 67  1128 1128 ILE ILE A . n 
A 1 68  VAL 68  1129 1129 VAL VAL A . n 
A 1 69  LYS 69  1130 1130 LYS LYS A . n 
A 1 70  ASN 70  1131 1131 ASN ASN A . n 
A 1 71  PRO 71  1132 1132 PRO PRO A . n 
A 1 72  MET 72  1133 1133 MET MET A . n 
A 1 73  ASP 73  1134 1134 ASP ASP A . n 
A 1 74  LEU 74  1135 1135 LEU LEU A . n 
A 1 75  SER 75  1136 1136 SER SER A . n 
A 1 76  THR 76  1137 1137 THR THR A . n 
A 1 77  ILE 77  1138 1138 ILE ILE A . n 
A 1 78  LYS 78  1139 1139 LYS LYS A . n 
A 1 79  ARG 79  1140 1140 ARG ARG A . n 
A 1 80  LYS 80  1141 1141 LYS LYS A . n 
A 1 81  LEU 81  1142 1142 LEU LEU A . n 
A 1 82  ASP 82  1143 1143 ASP ASP A . n 
A 1 83  THR 83  1144 1144 THR THR A . n 
A 1 84  GLY 84  1145 1145 GLY GLY A . n 
A 1 85  GLN 85  1146 1146 GLN GLN A . n 
A 1 86  TYR 86  1147 1147 TYR TYR A . n 
A 1 87  GLN 87  1148 1148 GLN GLN A . n 
A 1 88  GLU 88  1149 1149 GLU GLU A . n 
A 1 89  PRO 89  1150 1150 PRO PRO A . n 
A 1 90  TRP 90  1151 1151 TRP TRP A . n 
A 1 91  GLN 91  1152 1152 GLN GLN A . n 
A 1 92  TYR 92  1153 1153 TYR TYR A . n 
A 1 93  VAL 93  1154 1154 VAL VAL A . n 
A 1 94  ASP 94  1155 1155 ASP ASP A . n 
A 1 95  ASP 95  1156 1156 ASP ASP A . n 
A 1 96  VAL 96  1157 1157 VAL VAL A . n 
A 1 97  TRP 97  1158 1158 TRP TRP A . n 
A 1 98  LEU 98  1159 1159 LEU LEU A . n 
A 1 99  MET 99  1160 1160 MET MET A . n 
A 1 100 PHE 100 1161 1161 PHE PHE A . n 
A 1 101 ASN 101 1162 1162 ASN ASN A . n 
A 1 102 ASN 102 1163 1163 ASN ASN A . n 
A 1 103 ALA 103 1164 1164 ALA ALA A . n 
A 1 104 TRP 104 1165 1165 TRP TRP A . n 
A 1 105 LEU 105 1166 1166 LEU LEU A . n 
A 1 106 TYR 106 1167 1167 TYR TYR A . n 
A 1 107 ASN 107 1168 1168 ASN ASN A . n 
A 1 108 ARG 108 1169 1169 ARG ARG A . n 
A 1 109 LYS 109 1170 1170 LYS LYS A . n 
A 1 110 THR 110 1171 1171 THR THR A . n 
A 1 111 SER 111 1172 1172 SER SER A . n 
A 1 112 ARG 112 1173 1173 ARG ARG A . n 
A 1 113 VAL 113 1174 1174 VAL VAL A . n 
A 1 114 TYR 114 1175 1175 TYR TYR A . n 
A 1 115 LYS 115 1176 1176 LYS LYS A . n 
A 1 116 PHE 116 1177 1177 PHE PHE A . n 
A 1 117 CYS 117 1178 1178 CYS CYS A . n 
A 1 118 SER 118 1179 1179 SER SER A . n 
A 1 119 LYS 119 1180 1180 LYS LYS A . n 
A 1 120 LEU 120 1181 1181 LEU LEU A . n 
A 1 121 ALA 121 1182 1182 ALA ALA A . n 
A 1 122 GLU 122 1183 1183 GLU GLU A . n 
A 1 123 VAL 123 1184 1184 VAL VAL A . n 
A 1 124 PHE 124 1185 1185 PHE PHE A . n 
A 1 125 GLU 125 1186 1186 GLU GLU A . n 
A 1 126 GLN 126 1187 1187 GLN GLN A . n 
A 1 127 GLU 127 1188 1188 GLU GLU A . n 
A 1 128 ILE 128 1189 1189 ILE ILE A . n 
A 1 129 ASP 129 1190 1190 ASP ASP A . n 
A 1 130 PRO 130 1191 1191 PRO PRO A . n 
A 1 131 VAL 131 1192 1192 VAL VAL A . n 
A 1 132 MET 132 1193 1193 MET MET A . n 
A 1 133 GLN 133 1194 1194 GLN GLN A . n 
A 1 134 SER 134 1195 1195 SER SER A . n 
A 1 135 LEU 135 1196 1196 LEU LEU A . n 
A 1 136 GLY 136 1197 1197 GLY GLY A . n 
# 
_pdbx_contact_author.id                 3 
_pdbx_contact_author.email              xu_yong@gibh.ac.cn 
_pdbx_contact_author.name_first         Xu 
_pdbx_contact_author.name_last          Yong 
_pdbx_contact_author.name_mi            ? 
_pdbx_contact_author.role               'principal investigator/group leader' 
_pdbx_contact_author.identifier_ORCID   0000-0003-3601-0246 
# 
loop_
_pdbx_nonpoly_scheme.asym_id 
_pdbx_nonpoly_scheme.entity_id 
_pdbx_nonpoly_scheme.mon_id 
_pdbx_nonpoly_scheme.ndb_seq_num 
_pdbx_nonpoly_scheme.pdb_seq_num 
_pdbx_nonpoly_scheme.auth_seq_num 
_pdbx_nonpoly_scheme.pdb_mon_id 
_pdbx_nonpoly_scheme.auth_mon_id 
_pdbx_nonpoly_scheme.pdb_strand_id 
_pdbx_nonpoly_scheme.pdb_ins_code 
B 2 EJ3 1  1201 1  EJ3 JHL A . 
C 3 DMS 1  1202 1  DMS DMS A . 
D 4 GOL 1  1203 1  GOL GOL A . 
E 4 GOL 1  1204 2  GOL GOL A . 
F 5 HOH 1  1301 21 HOH HOH A . 
F 5 HOH 2  1302 92 HOH HOH A . 
F 5 HOH 3  1303 79 HOH HOH A . 
F 5 HOH 4  1304 31 HOH HOH A . 
F 5 HOH 5  1305 81 HOH HOH A . 
F 5 HOH 6  1306 49 HOH HOH A . 
F 5 HOH 7  1307 42 HOH HOH A . 
F 5 HOH 8  1308 13 HOH HOH A . 
F 5 HOH 9  1309 43 HOH HOH A . 
F 5 HOH 10 1310 53 HOH HOH A . 
F 5 HOH 11 1311 54 HOH HOH A . 
F 5 HOH 12 1312 8  HOH HOH A . 
F 5 HOH 13 1313 33 HOH HOH A . 
F 5 HOH 14 1314 47 HOH HOH A . 
F 5 HOH 15 1315 89 HOH HOH A . 
F 5 HOH 16 1316 48 HOH HOH A . 
F 5 HOH 17 1317 17 HOH HOH A . 
F 5 HOH 18 1318 36 HOH HOH A . 
F 5 HOH 19 1319 78 HOH HOH A . 
F 5 HOH 20 1320 38 HOH HOH A . 
F 5 HOH 21 1321 83 HOH HOH A . 
F 5 HOH 22 1322 74 HOH HOH A . 
F 5 HOH 23 1323 29 HOH HOH A . 
F 5 HOH 24 1324 45 HOH HOH A . 
F 5 HOH 25 1325 90 HOH HOH A . 
F 5 HOH 26 1326 62 HOH HOH A . 
F 5 HOH 27 1327 25 HOH HOH A . 
F 5 HOH 28 1328 58 HOH HOH A . 
F 5 HOH 29 1329 23 HOH HOH A . 
F 5 HOH 30 1330 66 HOH HOH A . 
F 5 HOH 31 1331 70 HOH HOH A . 
F 5 HOH 32 1332 7  HOH HOH A . 
F 5 HOH 33 1333 60 HOH HOH A . 
F 5 HOH 34 1334 22 HOH HOH A . 
F 5 HOH 35 1335 4  HOH HOH A . 
F 5 HOH 36 1336 3  HOH HOH A . 
F 5 HOH 37 1337 20 HOH HOH A . 
F 5 HOH 38 1338 11 HOH HOH A . 
F 5 HOH 39 1339 2  HOH HOH A . 
F 5 HOH 40 1340 12 HOH HOH A . 
F 5 HOH 41 1341 14 HOH HOH A . 
F 5 HOH 42 1342 40 HOH HOH A . 
F 5 HOH 43 1343 5  HOH HOH A . 
F 5 HOH 44 1344 28 HOH HOH A . 
F 5 HOH 45 1345 76 HOH HOH A . 
F 5 HOH 46 1346 27 HOH HOH A . 
F 5 HOH 47 1347 41 HOH HOH A . 
F 5 HOH 48 1348 50 HOH HOH A . 
F 5 HOH 49 1349 39 HOH HOH A . 
F 5 HOH 50 1350 96 HOH HOH A . 
F 5 HOH 51 1351 65 HOH HOH A . 
F 5 HOH 52 1352 86 HOH HOH A . 
F 5 HOH 53 1353 84 HOH HOH A . 
F 5 HOH 54 1354 24 HOH HOH A . 
F 5 HOH 55 1355 51 HOH HOH A . 
F 5 HOH 56 1356 19 HOH HOH A . 
F 5 HOH 57 1357 6  HOH HOH A . 
F 5 HOH 58 1358 71 HOH HOH A . 
F 5 HOH 59 1359 57 HOH HOH A . 
F 5 HOH 60 1360 75 HOH HOH A . 
F 5 HOH 61 1361 32 HOH HOH A . 
F 5 HOH 62 1362 68 HOH HOH A . 
F 5 HOH 63 1363 26 HOH HOH A . 
F 5 HOH 64 1364 16 HOH HOH A . 
F 5 HOH 65 1365 9  HOH HOH A . 
F 5 HOH 66 1366 82 HOH HOH A . 
F 5 HOH 67 1367 77 HOH HOH A . 
F 5 HOH 68 1368 88 HOH HOH A . 
F 5 HOH 69 1369 1  HOH HOH A . 
F 5 HOH 70 1370 73 HOH HOH A . 
F 5 HOH 71 1371 87 HOH HOH A . 
F 5 HOH 72 1372 63 HOH HOH A . 
F 5 HOH 73 1373 18 HOH HOH A . 
F 5 HOH 74 1374 93 HOH HOH A . 
F 5 HOH 75 1375 44 HOH HOH A . 
F 5 HOH 76 1376 34 HOH HOH A . 
F 5 HOH 77 1377 69 HOH HOH A . 
F 5 HOH 78 1378 15 HOH HOH A . 
F 5 HOH 79 1379 85 HOH HOH A . 
F 5 HOH 80 1380 52 HOH HOH A . 
F 5 HOH 81 1381 56 HOH HOH A . 
F 5 HOH 82 1382 91 HOH HOH A . 
F 5 HOH 83 1383 64 HOH HOH A . 
F 5 HOH 84 1384 61 HOH HOH A . 
F 5 HOH 85 1385 72 HOH HOH A . 
F 5 HOH 86 1386 35 HOH HOH A . 
F 5 HOH 87 1387 55 HOH HOH A . 
F 5 HOH 88 1388 80 HOH HOH A . 
F 5 HOH 89 1389 37 HOH HOH A . 
F 5 HOH 90 1390 67 HOH HOH A . 
F 5 HOH 91 1391 46 HOH HOH A . 
F 5 HOH 92 1392 94 HOH HOH A . 
F 5 HOH 93 1393 95 HOH HOH A . 
# 
_pdbx_struct_assembly.id                   1 
_pdbx_struct_assembly.details              author_and_software_defined_assembly 
_pdbx_struct_assembly.method_details       PISA 
_pdbx_struct_assembly.oligomeric_details   monomeric 
_pdbx_struct_assembly.oligomeric_count     1 
# 
_pdbx_struct_assembly_gen.assembly_id       1 
_pdbx_struct_assembly_gen.oper_expression   1 
_pdbx_struct_assembly_gen.asym_id_list      A,B,C,D,E,F 
# 
loop_
_pdbx_struct_assembly_prop.biol_id 
_pdbx_struct_assembly_prop.type 
_pdbx_struct_assembly_prop.value 
_pdbx_struct_assembly_prop.details 
1 'ABSA (A^2)' 200  ? 
1 MORE         -1   ? 
1 'SSA (A^2)'  7950 ? 
# 
_pdbx_struct_oper_list.id                   1 
_pdbx_struct_oper_list.type                 'identity operation' 
_pdbx_struct_oper_list.name                 1_555 
_pdbx_struct_oper_list.symmetry_operation   x,y,z 
_pdbx_struct_oper_list.matrix[1][1]         1.0000000000 
_pdbx_struct_oper_list.matrix[1][2]         0.0000000000 
_pdbx_struct_oper_list.matrix[1][3]         0.0000000000 
_pdbx_struct_oper_list.vector[1]            0.0000000000 
_pdbx_struct_oper_list.matrix[2][1]         0.0000000000 
_pdbx_struct_oper_list.matrix[2][2]         1.0000000000 
_pdbx_struct_oper_list.matrix[2][3]         0.0000000000 
_pdbx_struct_oper_list.vector[2]            0.0000000000 
_pdbx_struct_oper_list.matrix[3][1]         0.0000000000 
_pdbx_struct_oper_list.matrix[3][2]         0.0000000000 
_pdbx_struct_oper_list.matrix[3][3]         1.0000000000 
_pdbx_struct_oper_list.vector[3]            0.0000000000 
# 
_pdbx_struct_special_symmetry.id              1 
_pdbx_struct_special_symmetry.PDB_model_num   1 
_pdbx_struct_special_symmetry.auth_asym_id    A 
_pdbx_struct_special_symmetry.auth_comp_id    HOH 
_pdbx_struct_special_symmetry.auth_seq_id     1337 
_pdbx_struct_special_symmetry.PDB_ins_code    ? 
_pdbx_struct_special_symmetry.label_asym_id   F 
_pdbx_struct_special_symmetry.label_comp_id   HOH 
_pdbx_struct_special_symmetry.label_seq_id    . 
# 
loop_
_pdbx_audit_revision_history.ordinal 
_pdbx_audit_revision_history.data_content_type 
_pdbx_audit_revision_history.major_revision 
_pdbx_audit_revision_history.minor_revision 
_pdbx_audit_revision_history.revision_date 
1 'Structure model' 1 0 2022-06-08 
2 'Structure model' 1 1 2023-11-29 
# 
_pdbx_audit_revision_details.ordinal             1 
_pdbx_audit_revision_details.revision_ordinal    1 
_pdbx_audit_revision_details.data_content_type   'Structure model' 
_pdbx_audit_revision_details.provider            repository 
_pdbx_audit_revision_details.type                'Initial release' 
_pdbx_audit_revision_details.description         ? 
_pdbx_audit_revision_details.details             ? 
# 
loop_
_pdbx_audit_revision_group.ordinal 
_pdbx_audit_revision_group.revision_ordinal 
_pdbx_audit_revision_group.data_content_type 
_pdbx_audit_revision_group.group 
1 2 'Structure model' 'Data collection'        
2 2 'Structure model' 'Refinement description' 
# 
loop_
_pdbx_audit_revision_category.ordinal 
_pdbx_audit_revision_category.revision_ordinal 
_pdbx_audit_revision_category.data_content_type 
_pdbx_audit_revision_category.category 
1 2 'Structure model' chem_comp_atom                
2 2 'Structure model' chem_comp_bond                
3 2 'Structure model' pdbx_initial_refinement_model 
# 
loop_
_software.citation_id 
_software.classification 
_software.compiler_name 
_software.compiler_version 
_software.contact_author 
_software.contact_author_email 
_software.date 
_software.description 
_software.dependencies 
_software.hardware 
_software.language 
_software.location 
_software.mods 
_software.name 
_software.os 
_software.os_version 
_software.type 
_software.version 
_software.pdbx_ordinal 
? 'data scaling'    ? ? ? ? ? ? ? ? ? ? ? Aimless     ? ? ? 0.5.32   1 
? refinement        ? ? ? ? ? ? ? ? ? ? ? REFMAC      ? ? ? 5.8.0189 2 
? 'data extraction' ? ? ? ? ? ? ? ? ? ? ? PDB_EXTRACT ? ? ? 3.27     3 
? 'data reduction'  ? ? ? ? ? ? ? ? ? ? ? iMOSFLM     ? ? ? .        4 
? phasing           ? ? ? ? ? ? ? ? ? ? ? MOLREP      ? ? ? .        5 
# 
_pdbx_entry_details.entry_id                 7XIJ 
_pdbx_entry_details.has_ligand_of_interest   Y 
_pdbx_entry_details.compound_details         ? 
_pdbx_entry_details.source_details           ? 
_pdbx_entry_details.nonpolymer_details       ? 
_pdbx_entry_details.sequence_details         ? 
# 
_pdbx_validate_torsion.id              1 
_pdbx_validate_torsion.PDB_model_num   1 
_pdbx_validate_torsion.auth_comp_id    THR 
_pdbx_validate_torsion.auth_asym_id    A 
_pdbx_validate_torsion.auth_seq_id     1171 
_pdbx_validate_torsion.PDB_ins_code    ? 
_pdbx_validate_torsion.label_alt_id    ? 
_pdbx_validate_torsion.phi             -91.38 
_pdbx_validate_torsion.psi             40.09 
# 
loop_
_pdbx_unobs_or_zero_occ_atoms.id 
_pdbx_unobs_or_zero_occ_atoms.PDB_model_num 
_pdbx_unobs_or_zero_occ_atoms.polymer_flag 
_pdbx_unobs_or_zero_occ_atoms.occupancy_flag 
_pdbx_unobs_or_zero_occ_atoms.auth_asym_id 
_pdbx_unobs_or_zero_occ_atoms.auth_comp_id 
_pdbx_unobs_or_zero_occ_atoms.auth_seq_id 
_pdbx_unobs_or_zero_occ_atoms.PDB_ins_code 
_pdbx_unobs_or_zero_occ_atoms.auth_atom_id 
_pdbx_unobs_or_zero_occ_atoms.label_alt_id 
_pdbx_unobs_or_zero_occ_atoms.label_asym_id 
_pdbx_unobs_or_zero_occ_atoms.label_comp_id 
_pdbx_unobs_or_zero_occ_atoms.label_seq_id 
_pdbx_unobs_or_zero_occ_atoms.label_atom_id 
1 1 Y 1 A LYS 1180 ? O   ? A LYS 119 O   
2 1 Y 1 A GLN 1187 ? CD  ? A GLN 126 CD  
3 1 Y 1 A GLN 1187 ? OE1 ? A GLN 126 OE1 
4 1 Y 1 A GLN 1187 ? NE2 ? A GLN 126 NE2 
# 
loop_
_pdbx_unobs_or_zero_occ_residues.id 
_pdbx_unobs_or_zero_occ_residues.PDB_model_num 
_pdbx_unobs_or_zero_occ_residues.polymer_flag 
_pdbx_unobs_or_zero_occ_residues.occupancy_flag 
_pdbx_unobs_or_zero_occ_residues.auth_asym_id 
_pdbx_unobs_or_zero_occ_residues.auth_comp_id 
_pdbx_unobs_or_zero_occ_residues.auth_seq_id 
_pdbx_unobs_or_zero_occ_residues.PDB_ins_code 
_pdbx_unobs_or_zero_occ_residues.label_asym_id 
_pdbx_unobs_or_zero_occ_residues.label_comp_id 
_pdbx_unobs_or_zero_occ_residues.label_seq_id 
1 1 Y 1 A MET 1062 ? A MET 1 
2 1 Y 1 A LYS 1063 ? A LYS 2 
3 1 Y 1 A LYS 1064 ? A LYS 3 
4 1 Y 1 A GLY 1065 ? A GLY 4 
5 1 Y 1 A HIS 1066 ? A HIS 5 
# 
loop_
_chem_comp_atom.comp_id 
_chem_comp_atom.atom_id 
_chem_comp_atom.type_symbol 
_chem_comp_atom.pdbx_aromatic_flag 
_chem_comp_atom.pdbx_stereo_config 
_chem_comp_atom.pdbx_ordinal 
ALA N    N N N 1   
ALA CA   C N S 2   
ALA C    C N N 3   
ALA O    O N N 4   
ALA CB   C N N 5   
ALA OXT  O N N 6   
ALA H    H N N 7   
ALA H2   H N N 8   
ALA HA   H N N 9   
ALA HB1  H N N 10  
ALA HB2  H N N 11  
ALA HB3  H N N 12  
ALA HXT  H N N 13  
ARG N    N N N 14  
ARG CA   C N S 15  
ARG C    C N N 16  
ARG O    O N N 17  
ARG CB   C N N 18  
ARG CG   C N N 19  
ARG CD   C N N 20  
ARG NE   N N N 21  
ARG CZ   C N N 22  
ARG NH1  N N N 23  
ARG NH2  N N N 24  
ARG OXT  O N N 25  
ARG H    H N N 26  
ARG H2   H N N 27  
ARG HA   H N N 28  
ARG HB2  H N N 29  
ARG HB3  H N N 30  
ARG HG2  H N N 31  
ARG HG3  H N N 32  
ARG HD2  H N N 33  
ARG HD3  H N N 34  
ARG HE   H N N 35  
ARG HH11 H N N 36  
ARG HH12 H N N 37  
ARG HH21 H N N 38  
ARG HH22 H N N 39  
ARG HXT  H N N 40  
ASN N    N N N 41  
ASN CA   C N S 42  
ASN C    C N N 43  
ASN O    O N N 44  
ASN CB   C N N 45  
ASN CG   C N N 46  
ASN OD1  O N N 47  
ASN ND2  N N N 48  
ASN OXT  O N N 49  
ASN H    H N N 50  
ASN H2   H N N 51  
ASN HA   H N N 52  
ASN HB2  H N N 53  
ASN HB3  H N N 54  
ASN HD21 H N N 55  
ASN HD22 H N N 56  
ASN HXT  H N N 57  
ASP N    N N N 58  
ASP CA   C N S 59  
ASP C    C N N 60  
ASP O    O N N 61  
ASP CB   C N N 62  
ASP CG   C N N 63  
ASP OD1  O N N 64  
ASP OD2  O N N 65  
ASP OXT  O N N 66  
ASP H    H N N 67  
ASP H2   H N N 68  
ASP HA   H N N 69  
ASP HB2  H N N 70  
ASP HB3  H N N 71  
ASP HD2  H N N 72  
ASP HXT  H N N 73  
CYS N    N N N 74  
CYS CA   C N R 75  
CYS C    C N N 76  
CYS O    O N N 77  
CYS CB   C N N 78  
CYS SG   S N N 79  
CYS OXT  O N N 80  
CYS H    H N N 81  
CYS H2   H N N 82  
CYS HA   H N N 83  
CYS HB2  H N N 84  
CYS HB3  H N N 85  
CYS HG   H N N 86  
CYS HXT  H N N 87  
DMS S    S N N 88  
DMS O    O N N 89  
DMS C1   C N N 90  
DMS C2   C N N 91  
DMS H11  H N N 92  
DMS H12  H N N 93  
DMS H13  H N N 94  
DMS H21  H N N 95  
DMS H22  H N N 96  
DMS H23  H N N 97  
EJ3 CBD  C N N 98  
EJ3 CBC  C N N 99  
EJ3 OBE  O N N 100 
EJ3 NAG  N Y N 101 
EJ3 CAH  C Y N 102 
EJ3 CAD  C Y N 103 
EJ3 CAC  C Y N 104 
EJ3 CAB  C Y N 105 
EJ3 CAA  C Y N 106 
EJ3 OBF  O N N 107 
EJ3 CBG  C N N 108 
EJ3 CAF  C Y N 109 
EJ3 CAE  C Y N 110 
EJ3 CAI  C Y N 111 
EJ3 CAJ  C N N 112 
EJ3 OAK  O N N 113 
EJ3 NAL  N N N 114 
EJ3 CAM  C Y N 115 
EJ3 CAN  C Y N 116 
EJ3 FAS  F N N 117 
EJ3 CAR  C Y N 118 
EJ3 CAQ  C Y N 119 
EJ3 CAT  C N N 120 
EJ3 OAV  O N N 121 
EJ3 OAU  O N N 122 
EJ3 CAP  C Y N 123 
EJ3 CAO  C Y N 124 
EJ3 CAW  C Y N 125 
EJ3 CBA  C Y N 126 
EJ3 CAX  C Y N 127 
EJ3 NAY  N Y N 128 
EJ3 NAZ  N Y N 129 
EJ3 CBB  C N N 130 
EJ3 H1   H N N 131 
EJ3 H2   H N N 132 
EJ3 H3   H N N 133 
EJ3 H4   H N N 134 
EJ3 H5   H N N 135 
EJ3 H6   H N N 136 
EJ3 H7   H N N 137 
EJ3 H8   H N N 138 
EJ3 H9   H N N 139 
EJ3 H10  H N N 140 
EJ3 H11  H N N 141 
EJ3 H12  H N N 142 
EJ3 H13  H N N 143 
EJ3 H14  H N N 144 
EJ3 H15  H N N 145 
EJ3 H16  H N N 146 
EJ3 H17  H N N 147 
EJ3 H18  H N N 148 
EJ3 H19  H N N 149 
GLN N    N N N 150 
GLN CA   C N S 151 
GLN C    C N N 152 
GLN O    O N N 153 
GLN CB   C N N 154 
GLN CG   C N N 155 
GLN CD   C N N 156 
GLN OE1  O N N 157 
GLN NE2  N N N 158 
GLN OXT  O N N 159 
GLN H    H N N 160 
GLN H2   H N N 161 
GLN HA   H N N 162 
GLN HB2  H N N 163 
GLN HB3  H N N 164 
GLN HG2  H N N 165 
GLN HG3  H N N 166 
GLN HE21 H N N 167 
GLN HE22 H N N 168 
GLN HXT  H N N 169 
GLU N    N N N 170 
GLU CA   C N S 171 
GLU C    C N N 172 
GLU O    O N N 173 
GLU CB   C N N 174 
GLU CG   C N N 175 
GLU CD   C N N 176 
GLU OE1  O N N 177 
GLU OE2  O N N 178 
GLU OXT  O N N 179 
GLU H    H N N 180 
GLU H2   H N N 181 
GLU HA   H N N 182 
GLU HB2  H N N 183 
GLU HB3  H N N 184 
GLU HG2  H N N 185 
GLU HG3  H N N 186 
GLU HE2  H N N 187 
GLU HXT  H N N 188 
GLY N    N N N 189 
GLY CA   C N N 190 
GLY C    C N N 191 
GLY O    O N N 192 
GLY OXT  O N N 193 
GLY H    H N N 194 
GLY H2   H N N 195 
GLY HA2  H N N 196 
GLY HA3  H N N 197 
GLY HXT  H N N 198 
GOL C1   C N N 199 
GOL O1   O N N 200 
GOL C2   C N N 201 
GOL O2   O N N 202 
GOL C3   C N N 203 
GOL O3   O N N 204 
GOL H11  H N N 205 
GOL H12  H N N 206 
GOL HO1  H N N 207 
GOL H2   H N N 208 
GOL HO2  H N N 209 
GOL H31  H N N 210 
GOL H32  H N N 211 
GOL HO3  H N N 212 
HIS N    N N N 213 
HIS CA   C N S 214 
HIS C    C N N 215 
HIS O    O N N 216 
HIS CB   C N N 217 
HIS CG   C Y N 218 
HIS ND1  N Y N 219 
HIS CD2  C Y N 220 
HIS CE1  C Y N 221 
HIS NE2  N Y N 222 
HIS OXT  O N N 223 
HIS H    H N N 224 
HIS H2   H N N 225 
HIS HA   H N N 226 
HIS HB2  H N N 227 
HIS HB3  H N N 228 
HIS HD1  H N N 229 
HIS HD2  H N N 230 
HIS HE1  H N N 231 
HIS HE2  H N N 232 
HIS HXT  H N N 233 
HOH O    O N N 234 
HOH H1   H N N 235 
HOH H2   H N N 236 
ILE N    N N N 237 
ILE CA   C N S 238 
ILE C    C N N 239 
ILE O    O N N 240 
ILE CB   C N S 241 
ILE CG1  C N N 242 
ILE CG2  C N N 243 
ILE CD1  C N N 244 
ILE OXT  O N N 245 
ILE H    H N N 246 
ILE H2   H N N 247 
ILE HA   H N N 248 
ILE HB   H N N 249 
ILE HG12 H N N 250 
ILE HG13 H N N 251 
ILE HG21 H N N 252 
ILE HG22 H N N 253 
ILE HG23 H N N 254 
ILE HD11 H N N 255 
ILE HD12 H N N 256 
ILE HD13 H N N 257 
ILE HXT  H N N 258 
LEU N    N N N 259 
LEU CA   C N S 260 
LEU C    C N N 261 
LEU O    O N N 262 
LEU CB   C N N 263 
LEU CG   C N N 264 
LEU CD1  C N N 265 
LEU CD2  C N N 266 
LEU OXT  O N N 267 
LEU H    H N N 268 
LEU H2   H N N 269 
LEU HA   H N N 270 
LEU HB2  H N N 271 
LEU HB3  H N N 272 
LEU HG   H N N 273 
LEU HD11 H N N 274 
LEU HD12 H N N 275 
LEU HD13 H N N 276 
LEU HD21 H N N 277 
LEU HD22 H N N 278 
LEU HD23 H N N 279 
LEU HXT  H N N 280 
LYS N    N N N 281 
LYS CA   C N S 282 
LYS C    C N N 283 
LYS O    O N N 284 
LYS CB   C N N 285 
LYS CG   C N N 286 
LYS CD   C N N 287 
LYS CE   C N N 288 
LYS NZ   N N N 289 
LYS OXT  O N N 290 
LYS H    H N N 291 
LYS H2   H N N 292 
LYS HA   H N N 293 
LYS HB2  H N N 294 
LYS HB3  H N N 295 
LYS HG2  H N N 296 
LYS HG3  H N N 297 
LYS HD2  H N N 298 
LYS HD3  H N N 299 
LYS HE2  H N N 300 
LYS HE3  H N N 301 
LYS HZ1  H N N 302 
LYS HZ2  H N N 303 
LYS HZ3  H N N 304 
LYS HXT  H N N 305 
MET N    N N N 306 
MET CA   C N S 307 
MET C    C N N 308 
MET O    O N N 309 
MET CB   C N N 310 
MET CG   C N N 311 
MET SD   S N N 312 
MET CE   C N N 313 
MET OXT  O N N 314 
MET H    H N N 315 
MET H2   H N N 316 
MET HA   H N N 317 
MET HB2  H N N 318 
MET HB3  H N N 319 
MET HG2  H N N 320 
MET HG3  H N N 321 
MET HE1  H N N 322 
MET HE2  H N N 323 
MET HE3  H N N 324 
MET HXT  H N N 325 
PHE N    N N N 326 
PHE CA   C N S 327 
PHE C    C N N 328 
PHE O    O N N 329 
PHE CB   C N N 330 
PHE CG   C Y N 331 
PHE CD1  C Y N 332 
PHE CD2  C Y N 333 
PHE CE1  C Y N 334 
PHE CE2  C Y N 335 
PHE CZ   C Y N 336 
PHE OXT  O N N 337 
PHE H    H N N 338 
PHE H2   H N N 339 
PHE HA   H N N 340 
PHE HB2  H N N 341 
PHE HB3  H N N 342 
PHE HD1  H N N 343 
PHE HD2  H N N 344 
PHE HE1  H N N 345 
PHE HE2  H N N 346 
PHE HZ   H N N 347 
PHE HXT  H N N 348 
PRO N    N N N 349 
PRO CA   C N S 350 
PRO C    C N N 351 
PRO O    O N N 352 
PRO CB   C N N 353 
PRO CG   C N N 354 
PRO CD   C N N 355 
PRO OXT  O N N 356 
PRO H    H N N 357 
PRO HA   H N N 358 
PRO HB2  H N N 359 
PRO HB3  H N N 360 
PRO HG2  H N N 361 
PRO HG3  H N N 362 
PRO HD2  H N N 363 
PRO HD3  H N N 364 
PRO HXT  H N N 365 
SER N    N N N 366 
SER CA   C N S 367 
SER C    C N N 368 
SER O    O N N 369 
SER CB   C N N 370 
SER OG   O N N 371 
SER OXT  O N N 372 
SER H    H N N 373 
SER H2   H N N 374 
SER HA   H N N 375 
SER HB2  H N N 376 
SER HB3  H N N 377 
SER HG   H N N 378 
SER HXT  H N N 379 
THR N    N N N 380 
THR CA   C N S 381 
THR C    C N N 382 
THR O    O N N 383 
THR CB   C N R 384 
THR OG1  O N N 385 
THR CG2  C N N 386 
THR OXT  O N N 387 
THR H    H N N 388 
THR H2   H N N 389 
THR HA   H N N 390 
THR HB   H N N 391 
THR HG1  H N N 392 
THR HG21 H N N 393 
THR HG22 H N N 394 
THR HG23 H N N 395 
THR HXT  H N N 396 
TRP N    N N N 397 
TRP CA   C N S 398 
TRP C    C N N 399 
TRP O    O N N 400 
TRP CB   C N N 401 
TRP CG   C Y N 402 
TRP CD1  C Y N 403 
TRP CD2  C Y N 404 
TRP NE1  N Y N 405 
TRP CE2  C Y N 406 
TRP CE3  C Y N 407 
TRP CZ2  C Y N 408 
TRP CZ3  C Y N 409 
TRP CH2  C Y N 410 
TRP OXT  O N N 411 
TRP H    H N N 412 
TRP H2   H N N 413 
TRP HA   H N N 414 
TRP HB2  H N N 415 
TRP HB3  H N N 416 
TRP HD1  H N N 417 
TRP HE1  H N N 418 
TRP HE3  H N N 419 
TRP HZ2  H N N 420 
TRP HZ3  H N N 421 
TRP HH2  H N N 422 
TRP HXT  H N N 423 
TYR N    N N N 424 
TYR CA   C N S 425 
TYR C    C N N 426 
TYR O    O N N 427 
TYR CB   C N N 428 
TYR CG   C Y N 429 
TYR CD1  C Y N 430 
TYR CD2  C Y N 431 
TYR CE1  C Y N 432 
TYR CE2  C Y N 433 
TYR CZ   C Y N 434 
TYR OH   O N N 435 
TYR OXT  O N N 436 
TYR H    H N N 437 
TYR H2   H N N 438 
TYR HA   H N N 439 
TYR HB2  H N N 440 
TYR HB3  H N N 441 
TYR HD1  H N N 442 
TYR HD2  H N N 443 
TYR HE1  H N N 444 
TYR HE2  H N N 445 
TYR HH   H N N 446 
TYR HXT  H N N 447 
VAL N    N N N 448 
VAL CA   C N S 449 
VAL C    C N N 450 
VAL O    O N N 451 
VAL CB   C N N 452 
VAL CG1  C N N 453 
VAL CG2  C N N 454 
VAL OXT  O N N 455 
VAL H    H N N 456 
VAL H2   H N N 457 
VAL HA   H N N 458 
VAL HB   H N N 459 
VAL HG11 H N N 460 
VAL HG12 H N N 461 
VAL HG13 H N N 462 
VAL HG21 H N N 463 
VAL HG22 H N N 464 
VAL HG23 H N N 465 
VAL HXT  H N N 466 
# 
loop_
_chem_comp_bond.comp_id 
_chem_comp_bond.atom_id_1 
_chem_comp_bond.atom_id_2 
_chem_comp_bond.value_order 
_chem_comp_bond.pdbx_aromatic_flag 
_chem_comp_bond.pdbx_stereo_config 
_chem_comp_bond.pdbx_ordinal 
ALA N   CA   sing N N 1   
ALA N   H    sing N N 2   
ALA N   H2   sing N N 3   
ALA CA  C    sing N N 4   
ALA CA  CB   sing N N 5   
ALA CA  HA   sing N N 6   
ALA C   O    doub N N 7   
ALA C   OXT  sing N N 8   
ALA CB  HB1  sing N N 9   
ALA CB  HB2  sing N N 10  
ALA CB  HB3  sing N N 11  
ALA OXT HXT  sing N N 12  
ARG N   CA   sing N N 13  
ARG N   H    sing N N 14  
ARG N   H2   sing N N 15  
ARG CA  C    sing N N 16  
ARG CA  CB   sing N N 17  
ARG CA  HA   sing N N 18  
ARG C   O    doub N N 19  
ARG C   OXT  sing N N 20  
ARG CB  CG   sing N N 21  
ARG CB  HB2  sing N N 22  
ARG CB  HB3  sing N N 23  
ARG CG  CD   sing N N 24  
ARG CG  HG2  sing N N 25  
ARG CG  HG3  sing N N 26  
ARG CD  NE   sing N N 27  
ARG CD  HD2  sing N N 28  
ARG CD  HD3  sing N N 29  
ARG NE  CZ   sing N N 30  
ARG NE  HE   sing N N 31  
ARG CZ  NH1  sing N N 32  
ARG CZ  NH2  doub N N 33  
ARG NH1 HH11 sing N N 34  
ARG NH1 HH12 sing N N 35  
ARG NH2 HH21 sing N N 36  
ARG NH2 HH22 sing N N 37  
ARG OXT HXT  sing N N 38  
ASN N   CA   sing N N 39  
ASN N   H    sing N N 40  
ASN N   H2   sing N N 41  
ASN CA  C    sing N N 42  
ASN CA  CB   sing N N 43  
ASN CA  HA   sing N N 44  
ASN C   O    doub N N 45  
ASN C   OXT  sing N N 46  
ASN CB  CG   sing N N 47  
ASN CB  HB2  sing N N 48  
ASN CB  HB3  sing N N 49  
ASN CG  OD1  doub N N 50  
ASN CG  ND2  sing N N 51  
ASN ND2 HD21 sing N N 52  
ASN ND2 HD22 sing N N 53  
ASN OXT HXT  sing N N 54  
ASP N   CA   sing N N 55  
ASP N   H    sing N N 56  
ASP N   H2   sing N N 57  
ASP CA  C    sing N N 58  
ASP CA  CB   sing N N 59  
ASP CA  HA   sing N N 60  
ASP C   O    doub N N 61  
ASP C   OXT  sing N N 62  
ASP CB  CG   sing N N 63  
ASP CB  HB2  sing N N 64  
ASP CB  HB3  sing N N 65  
ASP CG  OD1  doub N N 66  
ASP CG  OD2  sing N N 67  
ASP OD2 HD2  sing N N 68  
ASP OXT HXT  sing N N 69  
CYS N   CA   sing N N 70  
CYS N   H    sing N N 71  
CYS N   H2   sing N N 72  
CYS CA  C    sing N N 73  
CYS CA  CB   sing N N 74  
CYS CA  HA   sing N N 75  
CYS C   O    doub N N 76  
CYS C   OXT  sing N N 77  
CYS CB  SG   sing N N 78  
CYS CB  HB2  sing N N 79  
CYS CB  HB3  sing N N 80  
CYS SG  HG   sing N N 81  
CYS OXT HXT  sing N N 82  
DMS S   O    doub N N 83  
DMS S   C1   sing N N 84  
DMS S   C2   sing N N 85  
DMS C1  H11  sing N N 86  
DMS C1  H12  sing N N 87  
DMS C1  H13  sing N N 88  
DMS C2  H21  sing N N 89  
DMS C2  H22  sing N N 90  
DMS C2  H23  sing N N 91  
EJ3 OAU CAT  doub N N 92  
EJ3 OAV CAT  sing N N 93  
EJ3 CAT CAQ  sing N N 94  
EJ3 CAQ CAP  doub Y N 95  
EJ3 CAQ CAR  sing Y N 96  
EJ3 CAP CAO  sing Y N 97  
EJ3 CAX NAY  doub Y N 98  
EJ3 CAX CAW  sing Y N 99  
EJ3 NAY NAZ  sing Y N 100 
EJ3 CAR CAM  doub Y N 101 
EJ3 CAO CAW  sing N N 102 
EJ3 CAO CAN  doub Y N 103 
EJ3 CAW CBA  doub Y N 104 
EJ3 NAZ CBA  sing Y N 105 
EJ3 NAZ CBB  sing N N 106 
EJ3 CAM CAN  sing Y N 107 
EJ3 CAM NAL  sing N N 108 
EJ3 CAN FAS  sing N N 109 
EJ3 NAL CAJ  sing N N 110 
EJ3 CAJ OAK  doub N N 111 
EJ3 CAJ CAI  sing N N 112 
EJ3 CAH CAI  doub Y N 113 
EJ3 CAH NAG  sing Y N 114 
EJ3 CAI CAE  sing Y N 115 
EJ3 CBD CBC  sing N N 116 
EJ3 NAG CBC  sing N N 117 
EJ3 NAG CAD  sing Y N 118 
EJ3 CAE CAD  doub Y N 119 
EJ3 CAE CAF  sing Y N 120 
EJ3 CBC OBE  doub N N 121 
EJ3 CAD CAC  sing Y N 122 
EJ3 CAF CAA  doub Y N 123 
EJ3 CAC CAB  doub Y N 124 
EJ3 CAA CAB  sing Y N 125 
EJ3 CAA OBF  sing N N 126 
EJ3 CBG OBF  sing N N 127 
EJ3 CBD H1   sing N N 128 
EJ3 CBD H2   sing N N 129 
EJ3 CBD H3   sing N N 130 
EJ3 CAH H4   sing N N 131 
EJ3 CAC H5   sing N N 132 
EJ3 CAB H6   sing N N 133 
EJ3 CBG H7   sing N N 134 
EJ3 CBG H8   sing N N 135 
EJ3 CBG H9   sing N N 136 
EJ3 CAF H10  sing N N 137 
EJ3 NAL H11  sing N N 138 
EJ3 CAR H12  sing N N 139 
EJ3 OAV H13  sing N N 140 
EJ3 CAP H14  sing N N 141 
EJ3 CBA H15  sing N N 142 
EJ3 CAX H16  sing N N 143 
EJ3 CBB H17  sing N N 144 
EJ3 CBB H18  sing N N 145 
EJ3 CBB H19  sing N N 146 
GLN N   CA   sing N N 147 
GLN N   H    sing N N 148 
GLN N   H2   sing N N 149 
GLN CA  C    sing N N 150 
GLN CA  CB   sing N N 151 
GLN CA  HA   sing N N 152 
GLN C   O    doub N N 153 
GLN C   OXT  sing N N 154 
GLN CB  CG   sing N N 155 
GLN CB  HB2  sing N N 156 
GLN CB  HB3  sing N N 157 
GLN CG  CD   sing N N 158 
GLN CG  HG2  sing N N 159 
GLN CG  HG3  sing N N 160 
GLN CD  OE1  doub N N 161 
GLN CD  NE2  sing N N 162 
GLN NE2 HE21 sing N N 163 
GLN NE2 HE22 sing N N 164 
GLN OXT HXT  sing N N 165 
GLU N   CA   sing N N 166 
GLU N   H    sing N N 167 
GLU N   H2   sing N N 168 
GLU CA  C    sing N N 169 
GLU CA  CB   sing N N 170 
GLU CA  HA   sing N N 171 
GLU C   O    doub N N 172 
GLU C   OXT  sing N N 173 
GLU CB  CG   sing N N 174 
GLU CB  HB2  sing N N 175 
GLU CB  HB3  sing N N 176 
GLU CG  CD   sing N N 177 
GLU CG  HG2  sing N N 178 
GLU CG  HG3  sing N N 179 
GLU CD  OE1  doub N N 180 
GLU CD  OE2  sing N N 181 
GLU OE2 HE2  sing N N 182 
GLU OXT HXT  sing N N 183 
GLY N   CA   sing N N 184 
GLY N   H    sing N N 185 
GLY N   H2   sing N N 186 
GLY CA  C    sing N N 187 
GLY CA  HA2  sing N N 188 
GLY CA  HA3  sing N N 189 
GLY C   O    doub N N 190 
GLY C   OXT  sing N N 191 
GLY OXT HXT  sing N N 192 
GOL C1  O1   sing N N 193 
GOL C1  C2   sing N N 194 
GOL C1  H11  sing N N 195 
GOL C1  H12  sing N N 196 
GOL O1  HO1  sing N N 197 
GOL C2  O2   sing N N 198 
GOL C2  C3   sing N N 199 
GOL C2  H2   sing N N 200 
GOL O2  HO2  sing N N 201 
GOL C3  O3   sing N N 202 
GOL C3  H31  sing N N 203 
GOL C3  H32  sing N N 204 
GOL O3  HO3  sing N N 205 
HIS N   CA   sing N N 206 
HIS N   H    sing N N 207 
HIS N   H2   sing N N 208 
HIS CA  C    sing N N 209 
HIS CA  CB   sing N N 210 
HIS CA  HA   sing N N 211 
HIS C   O    doub N N 212 
HIS C   OXT  sing N N 213 
HIS CB  CG   sing N N 214 
HIS CB  HB2  sing N N 215 
HIS CB  HB3  sing N N 216 
HIS CG  ND1  sing Y N 217 
HIS CG  CD2  doub Y N 218 
HIS ND1 CE1  doub Y N 219 
HIS ND1 HD1  sing N N 220 
HIS CD2 NE2  sing Y N 221 
HIS CD2 HD2  sing N N 222 
HIS CE1 NE2  sing Y N 223 
HIS CE1 HE1  sing N N 224 
HIS NE2 HE2  sing N N 225 
HIS OXT HXT  sing N N 226 
HOH O   H1   sing N N 227 
HOH O   H2   sing N N 228 
ILE N   CA   sing N N 229 
ILE N   H    sing N N 230 
ILE N   H2   sing N N 231 
ILE CA  C    sing N N 232 
ILE CA  CB   sing N N 233 
ILE CA  HA   sing N N 234 
ILE C   O    doub N N 235 
ILE C   OXT  sing N N 236 
ILE CB  CG1  sing N N 237 
ILE CB  CG2  sing N N 238 
ILE CB  HB   sing N N 239 
ILE CG1 CD1  sing N N 240 
ILE CG1 HG12 sing N N 241 
ILE CG1 HG13 sing N N 242 
ILE CG2 HG21 sing N N 243 
ILE CG2 HG22 sing N N 244 
ILE CG2 HG23 sing N N 245 
ILE CD1 HD11 sing N N 246 
ILE CD1 HD12 sing N N 247 
ILE CD1 HD13 sing N N 248 
ILE OXT HXT  sing N N 249 
LEU N   CA   sing N N 250 
LEU N   H    sing N N 251 
LEU N   H2   sing N N 252 
LEU CA  C    sing N N 253 
LEU CA  CB   sing N N 254 
LEU CA  HA   sing N N 255 
LEU C   O    doub N N 256 
LEU C   OXT  sing N N 257 
LEU CB  CG   sing N N 258 
LEU CB  HB2  sing N N 259 
LEU CB  HB3  sing N N 260 
LEU CG  CD1  sing N N 261 
LEU CG  CD2  sing N N 262 
LEU CG  HG   sing N N 263 
LEU CD1 HD11 sing N N 264 
LEU CD1 HD12 sing N N 265 
LEU CD1 HD13 sing N N 266 
LEU CD2 HD21 sing N N 267 
LEU CD2 HD22 sing N N 268 
LEU CD2 HD23 sing N N 269 
LEU OXT HXT  sing N N 270 
LYS N   CA   sing N N 271 
LYS N   H    sing N N 272 
LYS N   H2   sing N N 273 
LYS CA  C    sing N N 274 
LYS CA  CB   sing N N 275 
LYS CA  HA   sing N N 276 
LYS C   O    doub N N 277 
LYS C   OXT  sing N N 278 
LYS CB  CG   sing N N 279 
LYS CB  HB2  sing N N 280 
LYS CB  HB3  sing N N 281 
LYS CG  CD   sing N N 282 
LYS CG  HG2  sing N N 283 
LYS CG  HG3  sing N N 284 
LYS CD  CE   sing N N 285 
LYS CD  HD2  sing N N 286 
LYS CD  HD3  sing N N 287 
LYS CE  NZ   sing N N 288 
LYS CE  HE2  sing N N 289 
LYS CE  HE3  sing N N 290 
LYS NZ  HZ1  sing N N 291 
LYS NZ  HZ2  sing N N 292 
LYS NZ  HZ3  sing N N 293 
LYS OXT HXT  sing N N 294 
MET N   CA   sing N N 295 
MET N   H    sing N N 296 
MET N   H2   sing N N 297 
MET CA  C    sing N N 298 
MET CA  CB   sing N N 299 
MET CA  HA   sing N N 300 
MET C   O    doub N N 301 
MET C   OXT  sing N N 302 
MET CB  CG   sing N N 303 
MET CB  HB2  sing N N 304 
MET CB  HB3  sing N N 305 
MET CG  SD   sing N N 306 
MET CG  HG2  sing N N 307 
MET CG  HG3  sing N N 308 
MET SD  CE   sing N N 309 
MET CE  HE1  sing N N 310 
MET CE  HE2  sing N N 311 
MET CE  HE3  sing N N 312 
MET OXT HXT  sing N N 313 
PHE N   CA   sing N N 314 
PHE N   H    sing N N 315 
PHE N   H2   sing N N 316 
PHE CA  C    sing N N 317 
PHE CA  CB   sing N N 318 
PHE CA  HA   sing N N 319 
PHE C   O    doub N N 320 
PHE C   OXT  sing N N 321 
PHE CB  CG   sing N N 322 
PHE CB  HB2  sing N N 323 
PHE CB  HB3  sing N N 324 
PHE CG  CD1  doub Y N 325 
PHE CG  CD2  sing Y N 326 
PHE CD1 CE1  sing Y N 327 
PHE CD1 HD1  sing N N 328 
PHE CD2 CE2  doub Y N 329 
PHE CD2 HD2  sing N N 330 
PHE CE1 CZ   doub Y N 331 
PHE CE1 HE1  sing N N 332 
PHE CE2 CZ   sing Y N 333 
PHE CE2 HE2  sing N N 334 
PHE CZ  HZ   sing N N 335 
PHE OXT HXT  sing N N 336 
PRO N   CA   sing N N 337 
PRO N   CD   sing N N 338 
PRO N   H    sing N N 339 
PRO CA  C    sing N N 340 
PRO CA  CB   sing N N 341 
PRO CA  HA   sing N N 342 
PRO C   O    doub N N 343 
PRO C   OXT  sing N N 344 
PRO CB  CG   sing N N 345 
PRO CB  HB2  sing N N 346 
PRO CB  HB3  sing N N 347 
PRO CG  CD   sing N N 348 
PRO CG  HG2  sing N N 349 
PRO CG  HG3  sing N N 350 
PRO CD  HD2  sing N N 351 
PRO CD  HD3  sing N N 352 
PRO OXT HXT  sing N N 353 
SER N   CA   sing N N 354 
SER N   H    sing N N 355 
SER N   H2   sing N N 356 
SER CA  C    sing N N 357 
SER CA  CB   sing N N 358 
SER CA  HA   sing N N 359 
SER C   O    doub N N 360 
SER C   OXT  sing N N 361 
SER CB  OG   sing N N 362 
SER CB  HB2  sing N N 363 
SER CB  HB3  sing N N 364 
SER OG  HG   sing N N 365 
SER OXT HXT  sing N N 366 
THR N   CA   sing N N 367 
THR N   H    sing N N 368 
THR N   H2   sing N N 369 
THR CA  C    sing N N 370 
THR CA  CB   sing N N 371 
THR CA  HA   sing N N 372 
THR C   O    doub N N 373 
THR C   OXT  sing N N 374 
THR CB  OG1  sing N N 375 
THR CB  CG2  sing N N 376 
THR CB  HB   sing N N 377 
THR OG1 HG1  sing N N 378 
THR CG2 HG21 sing N N 379 
THR CG2 HG22 sing N N 380 
THR CG2 HG23 sing N N 381 
THR OXT HXT  sing N N 382 
TRP N   CA   sing N N 383 
TRP N   H    sing N N 384 
TRP N   H2   sing N N 385 
TRP CA  C    sing N N 386 
TRP CA  CB   sing N N 387 
TRP CA  HA   sing N N 388 
TRP C   O    doub N N 389 
TRP C   OXT  sing N N 390 
TRP CB  CG   sing N N 391 
TRP CB  HB2  sing N N 392 
TRP CB  HB3  sing N N 393 
TRP CG  CD1  doub Y N 394 
TRP CG  CD2  sing Y N 395 
TRP CD1 NE1  sing Y N 396 
TRP CD1 HD1  sing N N 397 
TRP CD2 CE2  doub Y N 398 
TRP CD2 CE3  sing Y N 399 
TRP NE1 CE2  sing Y N 400 
TRP NE1 HE1  sing N N 401 
TRP CE2 CZ2  sing Y N 402 
TRP CE3 CZ3  doub Y N 403 
TRP CE3 HE3  sing N N 404 
TRP CZ2 CH2  doub Y N 405 
TRP CZ2 HZ2  sing N N 406 
TRP CZ3 CH2  sing Y N 407 
TRP CZ3 HZ3  sing N N 408 
TRP CH2 HH2  sing N N 409 
TRP OXT HXT  sing N N 410 
TYR N   CA   sing N N 411 
TYR N   H    sing N N 412 
TYR N   H2   sing N N 413 
TYR CA  C    sing N N 414 
TYR CA  CB   sing N N 415 
TYR CA  HA   sing N N 416 
TYR C   O    doub N N 417 
TYR C   OXT  sing N N 418 
TYR CB  CG   sing N N 419 
TYR CB  HB2  sing N N 420 
TYR CB  HB3  sing N N 421 
TYR CG  CD1  doub Y N 422 
TYR CG  CD2  sing Y N 423 
TYR CD1 CE1  sing Y N 424 
TYR CD1 HD1  sing N N 425 
TYR CD2 CE2  doub Y N 426 
TYR CD2 HD2  sing N N 427 
TYR CE1 CZ   doub Y N 428 
TYR CE1 HE1  sing N N 429 
TYR CE2 CZ   sing Y N 430 
TYR CE2 HE2  sing N N 431 
TYR CZ  OH   sing N N 432 
TYR OH  HH   sing N N 433 
TYR OXT HXT  sing N N 434 
VAL N   CA   sing N N 435 
VAL N   H    sing N N 436 
VAL N   H2   sing N N 437 
VAL CA  C    sing N N 438 
VAL CA  CB   sing N N 439 
VAL CA  HA   sing N N 440 
VAL C   O    doub N N 441 
VAL C   OXT  sing N N 442 
VAL CB  CG1  sing N N 443 
VAL CB  CG2  sing N N 444 
VAL CB  HB   sing N N 445 
VAL CG1 HG11 sing N N 446 
VAL CG1 HG12 sing N N 447 
VAL CG1 HG13 sing N N 448 
VAL CG2 HG21 sing N N 449 
VAL CG2 HG22 sing N N 450 
VAL CG2 HG23 sing N N 451 
VAL OXT HXT  sing N N 452 
# 
_pdbx_audit_support.funding_organization   'National Natural Science Foundation of China (NSFC)' 
_pdbx_audit_support.country                China 
_pdbx_audit_support.grant_number           22007088 
_pdbx_audit_support.ordinal                1 
# 
_pdbx_entity_instance_feature.ordinal        1 
_pdbx_entity_instance_feature.comp_id        EJ3 
_pdbx_entity_instance_feature.asym_id        ? 
_pdbx_entity_instance_feature.seq_num        ? 
_pdbx_entity_instance_feature.auth_comp_id   EJ3 
_pdbx_entity_instance_feature.auth_asym_id   ? 
_pdbx_entity_instance_feature.auth_seq_num   ? 
_pdbx_entity_instance_feature.feature_type   'SUBJECT OF INVESTIGATION' 
_pdbx_entity_instance_feature.details        ? 
# 
loop_
_pdbx_entity_nonpoly.entity_id 
_pdbx_entity_nonpoly.name 
_pdbx_entity_nonpoly.comp_id 
2 '3-[(1-ethanoyl-5-methoxy-indol-3-yl)carbonylamino]-4-fluoranyl-5-(1-methylpyrazol-4-yl)benzoic acid' EJ3 
3 'DIMETHYL SULFOXIDE'                                                                                  DMS 
4 GLYCEROL                                                                                              GOL 
5 water                                                                                                 HOH 
# 
_pdbx_initial_refinement_model.id               1 
_pdbx_initial_refinement_model.entity_id_list   ? 
_pdbx_initial_refinement_model.type             'experimental model' 
_pdbx_initial_refinement_model.source_name      PDB 
_pdbx_initial_refinement_model.accession_code   4NYX 
_pdbx_initial_refinement_model.details          ? 
# 
_pdbx_struct_assembly_auth_evidence.id                     1 
_pdbx_struct_assembly_auth_evidence.assembly_id            1 
_pdbx_struct_assembly_auth_evidence.experimental_support   none 
_pdbx_struct_assembly_auth_evidence.details                ? 
# 
